data_4Z4Q
#
_entry.id   4Z4Q
#
_cell.length_a   158.020
_cell.length_b   158.020
_cell.length_c   211.220
_cell.angle_alpha   90.00
_cell.angle_beta   90.00
_cell.angle_gamma   120.00
#
_symmetry.space_group_name_H-M   'P 31 2 1'
#
loop_
_entity.id
_entity.type
_entity.pdbx_description
1 polymer 'DNA topoisomerase 4 subunit B,DNA topoisomerase 4 subunit A'
2 polymer 'V-site DNA'
3 polymer 'V-site DNA'
4 polymer 'V-site DNA'
5 polymer 'V-site DNA'
6 non-polymer 'MAGNESIUM ION'
7 non-polymer 3-amino-7-{(3R)-3-[(1S)-1-aminoethyl]pyrrolidin-1-yl}-1-cyclopropyl-6-fluoro-8-methylquinazoline-2,4(1H,3H)-dione
8 water water
#
loop_
_entity_poly.entity_id
_entity_poly.type
_entity_poly.pdbx_seq_one_letter_code
_entity_poly.pdbx_strand_id
1 'polypeptide(L)'
;MKNKKDKGLLSGKLTPAQSKNPAKNELYLVEGDSAGGSAKQGRDRKFQAILPLRGKVINTAKAKMADILKNEEINTMIYT
IGAGVGADFSIEDANYDKIIIMTDADTDGAHIQTLLLTFFYRYMRPLVEAGHVYIALPPLYKMSKGKGKKEEVAYAWTDG
ELEELRKQFGKGATLQRYKGLGEMNADQLWETTMNPETRTLIRVTIEDLARAERRVNVLMGDKVEPRRKWIEDNVKFTLE
EATVFHMSNIQNMSLEDIMGERFGRYSKYIIQDRALPDIRDGLKPVQRRILYSMNKDSNTFDKSYRKSAKSVGNIMGNFH
PHGDSSIYDAMVRMSQNWKNREILVEMHGNNGSMDGDPPAAMRYTEARLSEIAGYLLQDIEKKTVPFAWNFDDTEKEPTV
LPAAFPNLLVNGSTGISAGYATDIPPHNLAEVIDAAVYMIDHPTAKIDKLMEFLPGPDFPTGAIIQGRDEIKKAYETGKG
RVVVRSKTEIEKLKGGKEQIVITEIPYEINKANLVKKIDDVRVNNKVAGIAEVRDESDRDGLRIAIELKKDANTELVLNY
LFKYTDLQINYNFNMVAIDNFTPRQVGIVPILSSYIAHRREVILARSRFDKEKAEKRLHIVEGLIRVISILDEVIALIRA
SENKADAKENLKVSYDFTEEQAEAIVTLQLYRLTNTDVVVLQEEEAELREKIAMLAAIIGDERTMYNLMKKELREVKKKF
ATPRLSSLEDTAKALEHHHHHH
;
A,B
2 'polydeoxyribonucleotide' (DG)(DT)(DA)(DA)(DT)(DA)(DC) E
3 'polydeoxyribonucleotide' (DA)(DA)(DC)(DC)(DG)(DT)(DA)(DT)(DT)(DA)(DC) F
4 'polydeoxyribonucleotide' (DT)(DG)(DT)(DG)(DG)(DA)(DT) G
5 'polydeoxyribonucleotide' (DG)(DG)(DT)(DT)(DA)(DT)(DC)(DC)(DA)(DC)(DA) H
#
loop_
_chem_comp.id
_chem_comp.type
_chem_comp.name
_chem_comp.formula
DA DNA linking 2'-DEOXYADENOSINE-5'-MONOPHOSPHATE 'C10 H14 N5 O6 P'
DC DNA linking 2'-DEOXYCYTIDINE-5'-MONOPHOSPHATE 'C9 H14 N3 O7 P'
DG DNA linking 2'-DEOXYGUANOSINE-5'-MONOPHOSPHATE 'C10 H14 N5 O7 P'
DT DNA linking THYMIDINE-5'-MONOPHOSPHATE 'C10 H15 N2 O8 P'
MG non-polymer 'MAGNESIUM ION' 'Mg 2'
PDQ non-polymer 3-amino-7-{(3R)-3-[(1S)-1-aminoethyl]pyrrolidin-1-yl}-1-cyclopropyl-6-fluoro-8-methylquinazoline-2,4(1H,3H)-dione 'C18 H24 F N5 O2'
#
# COMPACT_ATOMS: atom_id res chain seq x y z
N LYS A 13 19.52 8.20 -20.69
CA LYS A 13 19.39 6.91 -20.00
C LYS A 13 20.70 6.55 -19.30
N LEU A 14 21.82 7.01 -19.85
CA LEU A 14 23.14 6.73 -19.30
C LEU A 14 23.71 7.85 -18.43
N THR A 15 24.40 7.48 -17.35
CA THR A 15 25.15 8.42 -16.54
C THR A 15 26.66 8.17 -16.72
N PRO A 16 27.34 8.99 -17.52
CA PRO A 16 28.74 8.78 -17.91
C PRO A 16 29.77 9.32 -16.91
N ALA A 17 30.93 8.70 -16.85
CA ALA A 17 32.02 9.21 -16.01
C ALA A 17 32.43 10.64 -16.42
N GLN A 18 33.15 11.33 -15.54
CA GLN A 18 33.55 12.70 -15.82
C GLN A 18 34.67 12.76 -16.87
N SER A 19 35.76 12.05 -16.63
CA SER A 19 36.88 12.00 -17.57
C SER A 19 36.91 10.66 -18.29
N LYS A 20 37.32 10.68 -19.56
CA LYS A 20 37.39 9.46 -20.36
C LYS A 20 38.70 8.75 -20.10
N ASN A 21 38.65 7.52 -19.57
CA ASN A 21 39.86 6.72 -19.33
C ASN A 21 39.63 5.20 -19.38
N PRO A 22 39.92 4.59 -20.54
CA PRO A 22 39.75 3.15 -20.79
C PRO A 22 40.72 2.28 -19.98
N ALA A 23 41.52 2.90 -19.12
CA ALA A 23 42.41 2.16 -18.24
C ALA A 23 41.76 1.92 -16.87
N LYS A 24 41.04 2.93 -16.39
CA LYS A 24 40.40 2.85 -15.07
C LYS A 24 38.88 2.73 -15.20
N ASN A 25 38.28 3.63 -15.96
CA ASN A 25 36.82 3.68 -16.15
C ASN A 25 36.05 2.34 -16.04
N GLU A 26 34.97 2.37 -15.25
CA GLU A 26 34.17 1.19 -14.99
C GLU A 26 32.72 1.44 -15.41
N LEU A 27 32.08 0.41 -15.97
CA LEU A 27 30.67 0.50 -16.38
C LEU A 27 29.82 -0.38 -15.46
N TYR A 28 28.91 0.26 -14.74
CA TYR A 28 28.08 -0.45 -13.78
C TYR A 28 26.71 -0.69 -14.36
N LEU A 29 26.36 -1.97 -14.48
CA LEU A 29 25.02 -2.38 -14.92
C LEU A 29 24.18 -2.71 -13.68
N VAL A 30 23.28 -1.77 -13.36
CA VAL A 30 22.52 -1.82 -12.13
C VAL A 30 21.08 -2.28 -12.39
N GLU A 31 20.64 -3.33 -11.70
CA GLU A 31 19.25 -3.80 -11.80
C GLU A 31 18.30 -2.79 -11.16
N GLY A 32 17.47 -2.14 -11.99
CA GLY A 32 16.47 -1.19 -11.52
C GLY A 32 16.81 0.28 -11.71
N ASP A 33 15.85 1.06 -12.18
CA ASP A 33 16.05 2.51 -12.24
C ASP A 33 16.29 3.03 -10.83
N SER A 34 15.56 2.47 -9.88
CA SER A 34 15.67 2.88 -8.47
C SER A 34 17.07 2.71 -7.88
N ALA A 35 17.64 1.51 -7.99
CA ALA A 35 19.00 1.32 -7.52
C ALA A 35 19.96 2.08 -8.41
N GLY A 36 19.64 2.17 -9.70
CA GLY A 36 20.43 2.98 -10.60
C GLY A 36 20.58 4.36 -10.02
N GLY A 37 19.50 4.85 -9.40
CA GLY A 37 19.50 6.10 -8.66
C GLY A 37 20.51 6.10 -7.52
N SER A 38 20.36 5.18 -6.57
CA SER A 38 21.31 5.07 -5.46
C SER A 38 22.73 4.98 -5.98
N ALA A 39 22.93 4.15 -7.00
CA ALA A 39 24.22 4.01 -7.67
C ALA A 39 24.77 5.35 -8.13
N LYS A 40 24.01 6.06 -8.98
CA LYS A 40 24.44 7.38 -9.47
C LYS A 40 24.89 8.30 -8.31
N GLN A 41 24.11 8.28 -7.23
CA GLN A 41 24.38 9.07 -6.03
C GLN A 41 25.60 8.61 -5.23
N GLY A 42 25.84 7.30 -5.19
CA GLY A 42 26.87 6.73 -4.33
C GLY A 42 28.25 6.57 -4.95
N ARG A 43 28.36 6.77 -6.27
CA ARG A 43 29.58 6.41 -7.01
C ARG A 43 30.74 7.40 -6.81
N ASP A 44 31.79 7.20 -7.60
CA ASP A 44 32.87 8.16 -7.75
C ASP A 44 32.80 8.64 -9.20
N ARG A 45 32.13 9.78 -9.40
CA ARG A 45 31.83 10.25 -10.75
C ARG A 45 33.03 10.48 -11.69
N LYS A 46 34.25 10.47 -11.15
CA LYS A 46 35.41 10.76 -12.00
C LYS A 46 35.71 9.60 -12.96
N PHE A 47 35.27 8.38 -12.61
CA PHE A 47 35.57 7.22 -13.45
C PHE A 47 34.55 6.08 -13.43
N GLN A 48 33.41 6.27 -12.80
CA GLN A 48 32.37 5.23 -12.74
C GLN A 48 31.10 5.72 -13.41
N ALA A 49 30.68 5.00 -14.45
CA ALA A 49 29.42 5.31 -15.12
C ALA A 49 28.29 4.37 -14.69
N ILE A 50 27.06 4.79 -14.91
CA ILE A 50 25.91 4.02 -14.46
C ILE A 50 24.91 3.83 -15.60
N LEU A 51 24.56 2.57 -15.86
CA LEU A 51 23.52 2.22 -16.83
C LEU A 51 22.47 1.42 -16.08
N PRO A 52 21.31 2.01 -15.85
CA PRO A 52 20.29 1.18 -15.20
C PRO A 52 19.62 0.26 -16.23
N LEU A 53 19.53 -1.02 -15.92
CA LEU A 53 18.74 -1.95 -16.70
C LEU A 53 17.34 -1.93 -16.12
N ARG A 54 16.36 -1.48 -16.89
CA ARG A 54 15.07 -1.23 -16.30
C ARG A 54 14.12 -2.34 -16.64
N GLY A 55 14.17 -3.38 -15.82
CA GLY A 55 13.35 -4.58 -16.01
C GLY A 55 14.19 -5.74 -16.54
N LYS A 56 13.60 -6.93 -16.60
CA LYS A 56 14.33 -8.12 -17.03
C LYS A 56 14.89 -7.94 -18.43
N VAL A 57 16.19 -8.15 -18.57
CA VAL A 57 16.91 -7.99 -19.84
C VAL A 57 16.64 -9.07 -20.87
N ILE A 58 16.53 -8.67 -22.14
CA ILE A 58 16.21 -9.60 -23.22
C ILE A 58 17.16 -10.80 -23.35
N ASN A 59 16.55 -11.98 -23.51
CA ASN A 59 17.31 -13.19 -23.83
C ASN A 59 17.83 -13.19 -25.28
N THR A 60 19.12 -12.91 -25.42
CA THR A 60 19.77 -12.84 -26.73
C THR A 60 20.15 -14.20 -27.34
N ALA A 61 19.57 -15.27 -26.80
CA ALA A 61 19.76 -16.61 -27.37
C ALA A 61 18.46 -17.17 -27.97
N LYS A 62 17.32 -16.63 -27.55
CA LYS A 62 16.02 -17.03 -28.06
C LYS A 62 15.48 -16.08 -29.12
N ALA A 63 15.57 -14.78 -28.85
CA ALA A 63 14.94 -13.79 -29.72
C ALA A 63 15.68 -13.67 -31.05
N LYS A 64 15.00 -13.12 -32.04
CA LYS A 64 15.59 -12.89 -33.36
C LYS A 64 16.66 -11.80 -33.30
N MET A 65 17.62 -11.82 -34.23
CA MET A 65 18.61 -10.73 -34.28
C MET A 65 17.92 -9.43 -34.71
N ALA A 66 16.68 -9.56 -35.18
CA ALA A 66 15.82 -8.43 -35.51
C ALA A 66 15.44 -7.67 -34.24
N ASP A 67 14.68 -8.35 -33.37
CA ASP A 67 14.29 -7.77 -32.09
C ASP A 67 15.50 -7.49 -31.18
N ILE A 68 16.54 -8.32 -31.26
CA ILE A 68 17.75 -8.10 -30.45
C ILE A 68 18.38 -6.74 -30.77
N LEU A 69 18.32 -6.31 -32.03
CA LEU A 69 18.90 -5.03 -32.44
C LEU A 69 18.01 -3.83 -32.06
N LYS A 70 16.70 -4.00 -32.13
CA LYS A 70 15.75 -2.94 -31.79
C LYS A 70 15.66 -2.69 -30.28
N ASN A 71 16.36 -3.50 -29.48
CA ASN A 71 16.20 -3.46 -28.03
C ASN A 71 16.81 -2.21 -27.36
N GLU A 72 16.05 -1.58 -26.47
CA GLU A 72 16.50 -0.34 -25.85
C GLU A 72 17.76 -0.61 -25.04
N GLU A 73 17.66 -1.51 -24.06
CA GLU A 73 18.78 -1.80 -23.16
C GLU A 73 20.04 -2.30 -23.89
N ILE A 74 19.90 -3.31 -24.77
CA ILE A 74 21.01 -3.81 -25.61
C ILE A 74 21.73 -2.69 -26.40
N ASN A 75 20.96 -1.90 -27.15
CA ASN A 75 21.53 -0.83 -27.97
C ASN A 75 22.44 0.08 -27.19
N THR A 76 21.92 0.66 -26.13
CA THR A 76 22.66 1.63 -25.34
C THR A 76 23.92 1.04 -24.68
N MET A 77 23.94 -0.27 -24.43
CA MET A 77 25.19 -0.97 -24.03
C MET A 77 26.20 -1.06 -25.19
N ILE A 78 25.70 -1.38 -26.40
CA ILE A 78 26.57 -1.52 -27.57
C ILE A 78 27.09 -0.14 -27.99
N TYR A 79 26.41 0.93 -27.56
CA TYR A 79 26.80 2.30 -27.90
C TYR A 79 27.58 3.03 -26.81
N THR A 80 27.38 2.67 -25.55
CA THR A 80 28.15 3.27 -24.46
C THR A 80 29.52 2.62 -24.36
N ILE A 81 29.58 1.34 -24.68
CA ILE A 81 30.84 0.62 -24.60
C ILE A 81 31.65 1.01 -25.83
N GLY A 82 30.96 1.26 -26.93
CA GLY A 82 31.60 1.75 -28.14
C GLY A 82 32.72 0.90 -28.73
N ALA A 83 32.43 -0.39 -28.92
CA ALA A 83 33.37 -1.30 -29.54
C ALA A 83 32.71 -2.05 -30.68
N GLY A 84 31.40 -1.88 -30.84
CA GLY A 84 30.68 -2.57 -31.87
C GLY A 84 30.26 -3.96 -31.41
N VAL A 85 29.36 -4.60 -32.15
CA VAL A 85 28.77 -5.85 -31.69
C VAL A 85 29.17 -7.05 -32.56
N GLY A 86 28.95 -8.24 -32.02
CA GLY A 86 29.18 -9.48 -32.76
C GLY A 86 30.59 -9.68 -33.28
N ALA A 87 30.69 -9.94 -34.58
CA ALA A 87 31.97 -10.27 -35.20
C ALA A 87 32.82 -9.04 -35.51
N ASP A 88 32.20 -7.87 -35.57
CA ASP A 88 32.90 -6.59 -35.79
C ASP A 88 33.36 -5.96 -34.48
N PHE A 89 33.75 -6.78 -33.52
CA PHE A 89 34.07 -6.31 -32.17
C PHE A 89 35.57 -6.25 -31.93
N SER A 90 36.10 -5.03 -31.88
CA SER A 90 37.50 -4.79 -31.51
C SER A 90 37.60 -4.30 -30.06
N ILE A 91 37.96 -5.20 -29.14
CA ILE A 91 38.20 -4.86 -27.74
C ILE A 91 39.06 -3.62 -27.59
N GLU A 92 40.02 -3.47 -28.51
CA GLU A 92 40.99 -2.38 -28.45
C GLU A 92 40.32 -1.00 -28.32
N ASP A 93 39.32 -0.73 -29.16
CA ASP A 93 38.64 0.56 -29.16
C ASP A 93 37.41 0.58 -28.24
N ALA A 94 37.58 0.06 -27.01
CA ALA A 94 36.51 0.04 -26.00
C ALA A 94 36.39 1.36 -25.22
N ASN A 95 35.72 1.30 -24.06
CA ASN A 95 35.53 2.48 -23.20
C ASN A 95 35.64 2.16 -21.69
N TYR A 96 35.78 0.88 -21.35
CA TYR A 96 35.95 0.50 -19.96
C TYR A 96 36.98 -0.61 -19.77
N ASP A 97 37.50 -0.71 -18.54
CA ASP A 97 38.45 -1.75 -18.13
C ASP A 97 37.72 -2.85 -17.35
N LYS A 98 36.56 -2.49 -16.81
CA LYS A 98 35.78 -3.38 -15.96
C LYS A 98 34.31 -3.10 -16.25
N ILE A 99 33.57 -4.14 -16.62
CA ILE A 99 32.13 -3.99 -16.78
C ILE A 99 31.55 -4.75 -15.60
N ILE A 100 30.78 -4.06 -14.76
CA ILE A 100 30.41 -4.62 -13.47
C ILE A 100 28.91 -4.71 -13.33
N ILE A 101 28.41 -5.94 -13.32
CA ILE A 101 26.98 -6.20 -13.17
C ILE A 101 26.57 -6.30 -11.71
N MET A 102 25.60 -5.47 -11.32
CA MET A 102 25.24 -5.27 -9.92
C MET A 102 23.74 -5.38 -9.69
N THR A 103 23.29 -6.50 -9.14
CA THR A 103 21.86 -6.72 -8.94
C THR A 103 21.52 -7.02 -7.50
N ASP A 104 20.21 -7.07 -7.19
CA ASP A 104 19.71 -7.60 -5.92
C ASP A 104 20.39 -8.96 -5.67
N ALA A 105 20.71 -9.26 -4.42
CA ALA A 105 21.16 -10.62 -4.13
C ALA A 105 19.91 -11.47 -3.93
N ASP A 106 19.01 -11.45 -4.90
CA ASP A 106 17.79 -12.27 -4.84
C ASP A 106 17.75 -13.17 -6.07
N THR A 107 16.68 -13.95 -6.23
CA THR A 107 16.62 -14.91 -7.32
C THR A 107 16.52 -14.22 -8.66
N ASP A 108 15.68 -13.19 -8.75
CA ASP A 108 15.54 -12.45 -10.00
C ASP A 108 16.79 -11.70 -10.40
N GLY A 109 17.60 -11.30 -9.43
CA GLY A 109 18.89 -10.72 -9.75
C GLY A 109 19.74 -11.79 -10.43
N ALA A 110 19.68 -12.98 -9.84
CA ALA A 110 20.38 -14.13 -10.37
C ALA A 110 20.00 -14.29 -11.83
N HIS A 111 18.70 -14.29 -12.10
CA HIS A 111 18.21 -14.42 -13.46
C HIS A 111 18.86 -13.34 -14.35
N ILE A 112 18.73 -12.07 -13.92
CA ILE A 112 19.26 -10.93 -14.67
C ILE A 112 20.75 -11.06 -15.04
N GLN A 113 21.59 -11.49 -14.10
CA GLN A 113 22.99 -11.75 -14.42
C GLN A 113 23.10 -12.77 -15.55
N THR A 114 22.34 -13.85 -15.40
CA THR A 114 22.27 -14.92 -16.39
C THR A 114 22.01 -14.39 -17.80
N LEU A 115 21.10 -13.43 -17.92
CA LEU A 115 20.72 -12.90 -19.22
C LEU A 115 21.80 -11.99 -19.79
N LEU A 116 22.51 -11.31 -18.90
CA LEU A 116 23.53 -10.37 -19.31
C LEU A 116 24.71 -11.15 -19.78
N LEU A 117 25.09 -12.13 -18.97
CA LEU A 117 26.22 -12.99 -19.30
C LEU A 117 26.05 -13.65 -20.68
N THR A 118 24.84 -14.13 -20.99
CA THR A 118 24.64 -14.76 -22.29
C THR A 118 24.74 -13.74 -23.40
N PHE A 119 24.45 -12.48 -23.10
CA PHE A 119 24.72 -11.44 -24.08
C PHE A 119 26.22 -11.18 -24.30
N PHE A 120 27.00 -11.25 -23.22
CA PHE A 120 28.45 -11.00 -23.29
C PHE A 120 29.25 -12.22 -23.72
N TYR A 121 28.61 -13.38 -23.71
CA TYR A 121 29.24 -14.58 -24.24
C TYR A 121 28.93 -14.73 -25.73
N ARG A 122 27.81 -14.16 -26.18
CA ARG A 122 27.34 -14.33 -27.56
C ARG A 122 27.79 -13.21 -28.48
N TYR A 123 27.85 -12.00 -27.97
CA TYR A 123 28.03 -10.85 -28.86
C TYR A 123 29.22 -9.96 -28.48
N MET A 124 29.99 -10.38 -27.49
CA MET A 124 31.21 -9.67 -27.08
C MET A 124 32.15 -10.66 -26.41
N ARG A 125 32.29 -11.86 -26.99
CA ARG A 125 33.05 -12.94 -26.35
C ARG A 125 34.45 -12.51 -25.89
N PRO A 126 35.12 -11.67 -26.69
CA PRO A 126 36.48 -11.21 -26.34
C PRO A 126 36.51 -10.51 -24.98
N LEU A 127 35.48 -9.72 -24.68
CA LEU A 127 35.38 -9.00 -23.42
C LEU A 127 35.36 -9.95 -22.22
N VAL A 128 34.62 -11.05 -22.32
CA VAL A 128 34.56 -12.02 -21.22
C VAL A 128 35.83 -12.88 -21.14
N GLU A 129 36.49 -13.09 -22.28
CA GLU A 129 37.69 -13.94 -22.30
C GLU A 129 38.89 -13.19 -21.73
N ALA A 130 38.85 -11.86 -21.81
CA ALA A 130 39.90 -11.03 -21.22
C ALA A 130 39.53 -10.56 -19.81
N GLY A 131 38.52 -11.21 -19.22
CA GLY A 131 38.14 -10.97 -17.83
C GLY A 131 37.79 -9.53 -17.48
N HIS A 132 37.06 -8.87 -18.35
CA HIS A 132 36.62 -7.50 -18.08
C HIS A 132 35.19 -7.43 -17.50
N VAL A 133 34.54 -8.59 -17.41
CA VAL A 133 33.19 -8.62 -16.88
C VAL A 133 33.23 -9.16 -15.45
N TYR A 134 32.65 -8.40 -14.52
CA TYR A 134 32.62 -8.79 -13.10
C TYR A 134 31.21 -8.85 -12.57
N ILE A 135 31.10 -9.24 -11.31
CA ILE A 135 29.80 -9.33 -10.64
C ILE A 135 29.90 -8.84 -9.21
N ALA A 136 29.31 -7.68 -8.96
CA ALA A 136 29.34 -7.06 -7.64
C ALA A 136 28.45 -7.83 -6.70
N LEU A 137 29.05 -8.41 -5.68
CA LEU A 137 28.29 -9.04 -4.61
C LEU A 137 27.97 -8.00 -3.54
N PRO A 138 26.67 -7.68 -3.37
CA PRO A 138 26.26 -6.83 -2.25
C PRO A 138 26.01 -7.70 -1.02
N PRO A 139 26.08 -7.09 0.16
CA PRO A 139 26.02 -7.80 1.45
C PRO A 139 24.64 -8.38 1.70
N LEU A 140 24.57 -9.47 2.45
CA LEU A 140 23.30 -10.06 2.86
C LEU A 140 22.79 -9.54 4.23
N TYR A 141 23.71 -9.21 5.15
CA TYR A 141 23.32 -8.90 6.53
C TYR A 141 23.92 -7.60 7.16
N LYS A 142 23.18 -6.99 8.12
CA LYS A 142 23.66 -5.85 8.95
C LYS A 142 23.48 -6.05 10.48
N ALA A 154 27.76 -2.83 11.05
CA ALA A 154 28.45 -4.02 10.52
C ALA A 154 27.70 -4.80 9.42
N TYR A 155 28.46 -5.37 8.46
CA TYR A 155 27.92 -6.10 7.29
C TYR A 155 28.49 -7.50 7.11
N ALA A 156 27.63 -8.45 6.75
CA ALA A 156 28.07 -9.84 6.43
C ALA A 156 27.63 -10.31 5.03
N TRP A 157 28.42 -11.18 4.40
CA TRP A 157 28.04 -11.82 3.13
C TRP A 157 27.66 -13.31 3.27
N THR A 158 28.42 -14.03 4.11
CA THR A 158 28.18 -15.45 4.38
C THR A 158 27.28 -15.62 5.59
N ASP A 159 26.52 -16.71 5.66
CA ASP A 159 25.83 -17.00 6.92
C ASP A 159 26.90 -17.42 7.94
N GLY A 160 28.13 -17.55 7.45
CA GLY A 160 29.26 -17.88 8.31
C GLY A 160 29.89 -16.66 8.97
N GLU A 161 30.03 -15.57 8.21
CA GLU A 161 30.58 -14.30 8.69
C GLU A 161 29.66 -13.68 9.74
N LEU A 162 28.37 -13.96 9.61
CA LEU A 162 27.35 -13.47 10.51
C LEU A 162 27.50 -14.06 11.91
N GLU A 163 28.11 -15.23 11.99
CA GLU A 163 28.40 -15.84 13.29
C GLU A 163 29.53 -15.08 14.01
N GLU A 164 30.57 -14.69 13.26
CA GLU A 164 31.65 -13.87 13.81
C GLU A 164 31.19 -12.44 14.13
N LEU A 165 30.43 -11.81 13.22
CA LEU A 165 29.91 -10.45 13.48
C LEU A 165 28.98 -10.44 14.69
N ARG A 166 28.38 -11.59 15.02
CA ARG A 166 27.47 -11.70 16.16
C ARG A 166 28.19 -11.92 17.51
N LYS A 167 29.51 -11.78 17.53
CA LYS A 167 30.31 -11.85 18.76
C LYS A 167 31.26 -10.65 18.87
N LEU A 175 20.26 -7.42 13.47
CA LEU A 175 20.44 -7.82 12.05
C LEU A 175 19.30 -7.36 11.13
N GLN A 176 19.62 -6.54 10.13
CA GLN A 176 18.71 -6.36 9.00
C GLN A 176 19.17 -7.32 7.91
N ARG A 177 18.30 -8.26 7.53
CA ARG A 177 18.54 -9.12 6.39
C ARG A 177 18.08 -8.38 5.10
N TYR A 178 19.05 -7.98 4.29
CA TYR A 178 18.80 -7.22 3.06
C TYR A 178 17.97 -7.99 2.01
N LYS A 179 16.86 -7.40 1.55
CA LYS A 179 16.01 -8.05 0.53
C LYS A 179 16.33 -7.56 -0.87
N GLY A 180 17.20 -6.55 -0.97
CA GLY A 180 17.58 -6.02 -2.27
C GLY A 180 18.37 -4.74 -2.14
N LEU A 181 18.95 -4.26 -3.24
CA LEU A 181 19.71 -3.00 -3.26
C LEU A 181 18.87 -1.81 -2.83
N GLY A 182 17.57 -1.94 -3.05
CA GLY A 182 16.63 -0.87 -2.76
C GLY A 182 16.56 -0.41 -1.32
N GLU A 183 16.93 -1.27 -0.37
CA GLU A 183 16.85 -0.89 1.05
C GLU A 183 18.19 -0.35 1.56
N MET A 184 19.05 0.00 0.61
CA MET A 184 20.39 0.44 0.92
C MET A 184 20.61 1.95 0.62
N ASN A 185 21.03 2.73 1.62
CA ASN A 185 21.46 4.12 1.40
C ASN A 185 22.70 4.22 0.51
N ALA A 186 22.80 5.30 -0.27
CA ALA A 186 23.93 5.45 -1.20
C ALA A 186 25.29 5.36 -0.51
N ASP A 187 25.38 5.88 0.71
CA ASP A 187 26.58 5.76 1.52
C ASP A 187 26.97 4.28 1.69
N GLN A 188 25.98 3.45 2.02
CA GLN A 188 26.23 2.05 2.30
C GLN A 188 26.62 1.28 1.04
N LEU A 189 25.96 1.60 -0.07
CA LEU A 189 26.29 1.02 -1.36
C LEU A 189 27.77 1.20 -1.65
N TRP A 190 28.25 2.43 -1.51
CA TRP A 190 29.63 2.74 -1.82
C TRP A 190 30.56 1.94 -0.93
N GLU A 191 30.32 1.98 0.38
CA GLU A 191 31.20 1.36 1.36
C GLU A 191 31.34 -0.16 1.13
N THR A 192 30.22 -0.79 0.77
CA THR A 192 30.15 -2.24 0.67
C THR A 192 30.40 -2.80 -0.72
N THR A 193 29.92 -2.14 -1.76
CA THR A 193 30.02 -2.78 -3.08
C THR A 193 30.42 -1.93 -4.28
N MET A 194 30.69 -0.64 -4.09
CA MET A 194 31.15 0.19 -5.21
C MET A 194 32.62 0.64 -5.09
N ASN A 195 33.11 0.72 -3.86
CA ASN A 195 34.43 1.21 -3.61
C ASN A 195 35.47 0.14 -3.92
N PRO A 196 36.34 0.39 -4.90
CA PRO A 196 37.41 -0.54 -5.31
C PRO A 196 38.25 -1.06 -4.14
N GLU A 197 38.27 -0.32 -3.04
CA GLU A 197 39.03 -0.68 -1.84
C GLU A 197 38.26 -1.59 -0.86
N THR A 198 36.94 -1.54 -0.90
CA THR A 198 36.14 -2.24 0.10
C THR A 198 35.22 -3.28 -0.54
N ARG A 199 35.16 -3.30 -1.86
CA ARG A 199 34.17 -4.14 -2.56
C ARG A 199 34.68 -5.55 -2.83
N THR A 200 33.78 -6.52 -2.74
CA THR A 200 34.08 -7.91 -3.01
C THR A 200 33.52 -8.33 -4.39
N LEU A 201 34.40 -8.48 -5.38
CA LEU A 201 33.97 -8.82 -6.75
C LEU A 201 34.17 -10.28 -7.17
N ILE A 202 33.42 -10.70 -8.18
CA ILE A 202 33.67 -11.96 -8.88
C ILE A 202 34.06 -11.70 -10.34
N ARG A 203 35.10 -12.38 -10.81
CA ARG A 203 35.57 -12.19 -12.17
C ARG A 203 35.16 -13.33 -13.08
N VAL A 204 34.40 -13.00 -14.12
CA VAL A 204 33.94 -13.99 -15.08
C VAL A 204 35.05 -14.39 -16.03
N THR A 205 35.30 -15.69 -16.10
CA THR A 205 36.32 -16.27 -16.98
C THR A 205 35.78 -17.50 -17.72
N ILE A 206 36.19 -17.67 -18.98
CA ILE A 206 35.84 -18.87 -19.73
C ILE A 206 36.97 -19.90 -19.60
N GLU A 207 36.74 -20.95 -18.80
CA GLU A 207 37.75 -21.98 -18.56
C GLU A 207 37.81 -23.09 -19.65
N ASP A 208 36.65 -23.47 -20.18
CA ASP A 208 36.56 -24.45 -21.27
C ASP A 208 35.57 -24.02 -22.36
N LEU A 209 36.07 -23.36 -23.40
CA LEU A 209 35.22 -22.70 -24.40
C LEU A 209 34.06 -23.54 -24.93
N ALA A 210 34.23 -24.86 -24.90
CA ALA A 210 33.21 -25.77 -25.40
C ALA A 210 32.21 -26.18 -24.32
N ARG A 211 32.69 -26.62 -23.16
CA ARG A 211 31.82 -26.99 -22.05
C ARG A 211 30.99 -25.75 -21.67
N ALA A 212 31.49 -24.58 -22.05
CA ALA A 212 30.80 -23.31 -21.81
C ALA A 212 29.73 -23.00 -22.85
N GLU A 213 30.00 -23.31 -24.12
CA GLU A 213 28.97 -23.13 -25.15
C GLU A 213 27.74 -23.99 -24.87
N ARG A 214 27.96 -25.22 -24.40
CA ARG A 214 26.87 -26.13 -24.11
C ARG A 214 26.02 -25.60 -22.96
N ARG A 215 26.68 -25.23 -21.85
CA ARG A 215 25.95 -24.72 -20.70
C ARG A 215 25.05 -23.54 -21.04
N VAL A 216 25.55 -22.59 -21.82
CA VAL A 216 24.76 -21.43 -22.22
C VAL A 216 23.64 -21.79 -23.19
N ASN A 217 23.98 -22.50 -24.27
CA ASN A 217 22.96 -23.01 -25.22
C ASN A 217 21.84 -23.79 -24.50
N VAL A 218 22.20 -24.57 -23.48
CA VAL A 218 21.22 -25.44 -22.82
C VAL A 218 20.29 -24.69 -21.91
N LEU A 219 20.85 -23.81 -21.09
CA LEU A 219 20.06 -23.04 -20.13
C LEU A 219 19.26 -21.90 -20.74
N MET A 220 19.69 -21.36 -21.87
CA MET A 220 19.06 -20.14 -22.40
C MET A 220 18.45 -20.21 -23.81
N GLY A 221 18.56 -21.36 -24.49
CA GLY A 221 18.12 -21.48 -25.87
C GLY A 221 16.66 -21.81 -26.06
N ASP A 222 16.23 -21.87 -27.33
CA ASP A 222 14.85 -22.17 -27.72
C ASP A 222 14.27 -23.49 -27.19
N LYS A 223 15.07 -24.56 -27.18
CA LYS A 223 14.53 -25.88 -26.82
C LYS A 223 14.33 -26.08 -25.31
N VAL A 224 13.07 -26.32 -24.93
CA VAL A 224 12.72 -26.54 -23.53
C VAL A 224 13.15 -27.91 -22.99
N GLU A 225 12.93 -28.98 -23.76
CA GLU A 225 13.18 -30.33 -23.24
C GLU A 225 14.59 -30.52 -22.64
N PRO A 226 15.64 -30.02 -23.32
CA PRO A 226 16.98 -30.08 -22.74
C PRO A 226 17.13 -29.30 -21.43
N ARG A 227 16.34 -28.24 -21.26
CA ARG A 227 16.34 -27.44 -20.05
C ARG A 227 15.67 -28.19 -18.90
N ARG A 228 14.46 -28.70 -19.15
CA ARG A 228 13.73 -29.56 -18.19
C ARG A 228 14.65 -30.63 -17.62
N LYS A 229 15.27 -31.39 -18.53
CA LYS A 229 16.20 -32.47 -18.20
C LYS A 229 17.36 -31.95 -17.36
N TRP A 230 17.92 -30.82 -17.78
CA TRP A 230 19.05 -30.25 -17.05
C TRP A 230 18.64 -29.98 -15.61
N ILE A 231 17.44 -29.42 -15.44
CA ILE A 231 16.92 -29.05 -14.12
C ILE A 231 16.63 -30.27 -13.27
N GLU A 232 16.07 -31.32 -13.89
CA GLU A 232 15.82 -32.55 -13.13
C GLU A 232 17.11 -33.17 -12.63
N ASP A 233 18.16 -33.14 -13.46
CA ASP A 233 19.41 -33.80 -13.12
C ASP A 233 20.33 -33.00 -12.16
N ASN A 234 20.12 -31.69 -12.08
CA ASN A 234 20.98 -30.82 -11.25
C ASN A 234 20.29 -30.10 -10.10
N VAL A 235 19.11 -29.58 -10.34
CA VAL A 235 18.41 -28.85 -9.30
C VAL A 235 17.94 -29.80 -8.18
N LYS A 236 18.51 -29.64 -7.00
CA LYS A 236 18.12 -30.44 -5.84
C LYS A 236 16.96 -29.77 -5.09
N PHE A 237 15.74 -30.13 -5.46
CA PHE A 237 14.56 -29.57 -4.78
C PHE A 237 14.50 -29.96 -3.31
N THR A 238 15.65 -30.39 -2.77
CA THR A 238 15.81 -31.01 -1.44
C THR A 238 14.51 -31.54 -0.82
N ASN A 249 38.93 -10.58 -1.64
CA ASN A 249 38.67 -9.42 -2.47
C ASN A 249 38.08 -9.77 -3.87
N ILE A 250 38.90 -10.37 -4.72
CA ILE A 250 38.44 -10.79 -6.05
C ILE A 250 38.69 -12.28 -6.30
N GLN A 251 37.61 -13.05 -6.49
CA GLN A 251 37.70 -14.47 -6.82
C GLN A 251 37.25 -14.72 -8.27
N ASN A 252 37.94 -15.61 -8.97
CA ASN A 252 37.52 -15.98 -10.32
C ASN A 252 36.53 -17.15 -10.35
N MET A 253 35.45 -17.00 -11.12
CA MET A 253 34.50 -18.08 -11.36
C MET A 253 34.40 -18.37 -12.86
N SER A 254 34.25 -19.66 -13.22
CA SER A 254 34.03 -20.05 -14.61
C SER A 254 32.66 -19.60 -15.11
N LEU A 255 32.56 -19.31 -16.40
CA LEU A 255 31.27 -19.00 -17.01
C LEU A 255 30.33 -20.21 -16.87
N GLU A 256 30.86 -21.43 -17.05
CA GLU A 256 30.03 -22.64 -16.86
C GLU A 256 29.48 -22.70 -15.42
N ASP A 257 30.31 -22.34 -14.45
CA ASP A 257 29.89 -22.28 -13.05
C ASP A 257 28.90 -21.16 -12.74
N ILE A 258 29.27 -19.89 -12.99
CA ILE A 258 28.37 -18.76 -12.71
C ILE A 258 26.97 -19.02 -13.26
N MET A 259 26.87 -19.47 -14.51
CA MET A 259 25.57 -19.75 -15.14
C MET A 259 24.86 -20.94 -14.52
N GLY A 260 25.64 -21.90 -14.00
CA GLY A 260 25.10 -23.01 -13.22
C GLY A 260 24.42 -22.57 -11.93
N GLU A 261 25.17 -21.96 -11.01
CA GLU A 261 24.60 -21.49 -9.74
C GLU A 261 23.46 -20.49 -9.99
N ARG A 262 23.69 -19.53 -10.86
CA ARG A 262 22.68 -18.50 -11.12
C ARG A 262 21.36 -19.03 -11.64
N PHE A 263 21.40 -19.88 -12.67
CA PHE A 263 20.15 -20.33 -13.31
C PHE A 263 19.43 -21.38 -12.48
N GLY A 264 20.20 -22.19 -11.76
CA GLY A 264 19.63 -23.20 -10.87
C GLY A 264 18.89 -22.54 -9.72
N ARG A 265 19.46 -21.46 -9.21
CA ARG A 265 18.89 -20.69 -8.11
C ARG A 265 17.53 -20.18 -8.54
N TYR A 266 17.51 -19.43 -9.65
CA TYR A 266 16.26 -18.90 -10.24
C TYR A 266 15.29 -20.01 -10.65
N SER A 267 15.79 -21.03 -11.35
CA SER A 267 14.96 -22.17 -11.75
C SER A 267 14.15 -22.70 -10.56
N LYS A 268 14.85 -23.30 -9.60
CA LYS A 268 14.25 -23.87 -8.39
C LYS A 268 13.17 -22.99 -7.75
N TYR A 269 13.49 -21.69 -7.57
CA TYR A 269 12.60 -20.76 -6.90
C TYR A 269 11.36 -20.52 -7.73
N ILE A 270 11.58 -20.28 -9.02
CA ILE A 270 10.49 -20.02 -9.95
C ILE A 270 9.55 -21.21 -10.05
N ILE A 271 10.10 -22.41 -9.87
CA ILE A 271 9.31 -23.63 -9.91
C ILE A 271 8.61 -23.90 -8.57
N GLN A 272 9.36 -23.87 -7.47
CA GLN A 272 8.73 -24.04 -6.14
C GLN A 272 7.85 -22.87 -5.65
N ASP A 273 8.38 -21.65 -5.70
CA ASP A 273 7.84 -20.50 -4.98
C ASP A 273 7.34 -19.36 -5.86
N ARG A 274 6.67 -19.67 -6.98
CA ARG A 274 6.06 -18.62 -7.82
C ARG A 274 4.94 -19.13 -8.71
N ALA A 275 5.31 -19.85 -9.76
CA ALA A 275 4.42 -19.99 -10.89
C ALA A 275 3.46 -21.16 -10.80
N LEU A 276 3.82 -22.18 -10.02
CA LEU A 276 3.01 -23.39 -9.96
C LEU A 276 2.32 -23.58 -8.62
N PRO A 277 1.10 -24.13 -8.65
CA PRO A 277 0.26 -24.37 -7.46
C PRO A 277 0.69 -25.59 -6.62
N ASP A 278 0.48 -25.51 -5.31
CA ASP A 278 0.63 -26.69 -4.47
C ASP A 278 -0.51 -27.64 -4.84
N ILE A 279 -0.19 -28.90 -5.07
CA ILE A 279 -1.19 -29.88 -5.48
C ILE A 279 -2.31 -30.05 -4.45
N ARG A 280 -2.05 -29.66 -3.21
CA ARG A 280 -3.01 -29.84 -2.12
C ARG A 280 -4.08 -28.77 -2.01
N ASP A 281 -3.68 -27.51 -1.88
CA ASP A 281 -4.66 -26.42 -1.73
C ASP A 281 -4.87 -25.56 -2.98
N GLY A 282 -4.18 -25.94 -4.07
CA GLY A 282 -4.31 -25.28 -5.37
C GLY A 282 -3.83 -23.83 -5.47
N LEU A 283 -3.16 -23.36 -4.43
CA LEU A 283 -2.68 -21.98 -4.39
C LEU A 283 -1.21 -21.85 -4.80
N LYS A 284 -0.90 -20.75 -5.48
CA LYS A 284 0.50 -20.34 -5.60
C LYS A 284 0.79 -19.44 -4.40
N PRO A 285 2.06 -19.34 -4.01
CA PRO A 285 2.43 -18.61 -2.78
C PRO A 285 1.81 -17.18 -2.65
N VAL A 286 1.82 -16.40 -3.73
CA VAL A 286 1.24 -15.07 -3.62
C VAL A 286 -0.21 -15.15 -3.21
N GLN A 287 -0.93 -16.12 -3.79
CA GLN A 287 -2.33 -16.29 -3.43
C GLN A 287 -2.51 -16.70 -1.97
N ARG A 288 -1.77 -17.72 -1.55
CA ARG A 288 -1.82 -18.14 -0.16
C ARG A 288 -1.48 -16.98 0.80
N ARG A 289 -0.48 -16.17 0.46
CA ARG A 289 -0.19 -15.02 1.31
C ARG A 289 -1.30 -13.97 1.29
N ILE A 290 -1.84 -13.67 0.12
CA ILE A 290 -3.01 -12.82 0.08
C ILE A 290 -4.12 -13.32 1.04
N LEU A 291 -4.43 -14.62 1.04
CA LEU A 291 -5.52 -15.12 1.90
C LEU A 291 -5.14 -15.15 3.37
N TYR A 292 -3.96 -15.69 3.67
CA TYR A 292 -3.53 -15.78 5.05
C TYR A 292 -3.48 -14.39 5.73
N SER A 293 -2.92 -13.43 5.01
CA SER A 293 -2.77 -12.08 5.52
C SER A 293 -4.12 -11.40 5.74
N MET A 294 -4.99 -11.43 4.74
CA MET A 294 -6.31 -10.83 4.92
C MET A 294 -7.06 -11.55 6.05
N ASN A 295 -6.86 -12.86 6.16
CA ASN A 295 -7.61 -13.60 7.15
C ASN A 295 -7.13 -13.22 8.54
N LYS A 296 -5.81 -13.09 8.70
CA LYS A 296 -5.19 -12.73 9.99
C LYS A 296 -5.72 -11.40 10.46
N ASP A 297 -6.10 -10.56 9.49
CA ASP A 297 -6.51 -9.18 9.75
C ASP A 297 -8.03 -9.04 9.86
N SER A 298 -8.72 -10.16 9.96
CA SER A 298 -10.17 -10.18 10.19
C SER A 298 -10.93 -9.53 9.05
N ASN A 299 -10.31 -9.54 7.88
CA ASN A 299 -10.88 -8.93 6.70
C ASN A 299 -11.74 -9.98 5.96
N THR A 300 -12.88 -10.32 6.58
CA THR A 300 -13.66 -11.49 6.15
C THR A 300 -15.08 -11.20 5.69
N PHE A 301 -15.66 -12.17 4.98
CA PHE A 301 -16.91 -12.00 4.24
C PHE A 301 -18.01 -11.36 5.07
N ASP A 302 -17.91 -11.53 6.38
CA ASP A 302 -18.92 -11.05 7.32
C ASP A 302 -18.61 -9.65 7.93
N LYS A 303 -17.57 -9.01 7.41
CA LYS A 303 -17.10 -7.74 7.95
C LYS A 303 -16.89 -6.69 6.83
N SER A 304 -16.92 -5.40 7.17
CA SER A 304 -16.93 -4.39 6.12
C SER A 304 -15.64 -4.41 5.32
N TYR A 305 -15.69 -3.97 4.07
CA TYR A 305 -14.53 -4.04 3.18
C TYR A 305 -13.41 -3.11 3.64
N ARG A 306 -12.17 -3.58 3.51
CA ARG A 306 -10.96 -2.75 3.69
C ARG A 306 -10.38 -2.21 2.37
N LYS A 307 -9.71 -1.07 2.43
CA LYS A 307 -9.02 -0.51 1.27
C LYS A 307 -7.99 -1.47 0.69
N SER A 308 -8.10 -1.73 -0.59
CA SER A 308 -7.16 -2.65 -1.22
C SER A 308 -5.71 -2.32 -0.89
N ALA A 309 -5.36 -1.03 -0.87
CA ALA A 309 -3.98 -0.66 -0.57
C ALA A 309 -3.53 -1.10 0.83
N LYS A 310 -4.44 -1.10 1.81
CA LYS A 310 -4.04 -1.44 3.17
C LYS A 310 -3.69 -2.91 3.25
N SER A 311 -4.50 -3.75 2.57
CA SER A 311 -4.28 -5.18 2.54
C SER A 311 -2.94 -5.48 1.87
N VAL A 312 -2.74 -4.88 0.69
CA VAL A 312 -1.56 -5.13 -0.12
C VAL A 312 -0.26 -4.78 0.59
N GLY A 313 -0.24 -3.66 1.31
CA GLY A 313 0.96 -3.24 2.01
C GLY A 313 1.25 -4.17 3.19
N ASN A 314 0.19 -4.68 3.78
CA ASN A 314 0.33 -5.64 4.85
C ASN A 314 0.97 -6.93 4.35
N ILE A 315 0.58 -7.35 3.14
CA ILE A 315 1.13 -8.56 2.54
C ILE A 315 2.60 -8.35 2.19
N MET A 316 2.88 -7.20 1.58
CA MET A 316 4.23 -6.82 1.17
C MET A 316 5.17 -6.65 2.38
N GLY A 317 4.67 -6.05 3.46
CA GLY A 317 5.50 -5.82 4.62
C GLY A 317 5.68 -7.06 5.48
N ASN A 318 4.75 -8.00 5.37
CA ASN A 318 4.75 -9.14 6.29
C ASN A 318 5.20 -10.45 5.67
N PHE A 319 4.84 -10.70 4.42
CA PHE A 319 5.03 -12.04 3.86
C PHE A 319 5.73 -12.16 2.50
N HIS A 320 5.27 -11.37 1.53
CA HIS A 320 5.67 -11.44 0.14
C HIS A 320 6.59 -10.29 -0.25
N PRO A 321 7.89 -10.56 -0.39
CA PRO A 321 8.84 -9.49 -0.69
C PRO A 321 8.91 -9.17 -2.17
N HIS A 322 7.78 -8.88 -2.80
CA HIS A 322 7.78 -8.44 -4.20
C HIS A 322 6.90 -7.22 -4.44
N GLY A 323 6.84 -6.78 -5.69
CA GLY A 323 6.18 -5.51 -5.98
C GLY A 323 4.69 -5.58 -5.77
N ASP A 324 4.10 -4.48 -5.34
CA ASP A 324 2.66 -4.38 -5.17
C ASP A 324 1.87 -4.72 -6.45
N SER A 325 2.32 -4.28 -7.62
CA SER A 325 1.53 -4.62 -8.82
C SER A 325 1.22 -6.15 -8.88
N SER A 326 2.24 -7.00 -8.81
CA SER A 326 2.01 -8.45 -8.70
C SER A 326 0.97 -8.77 -7.62
N ILE A 327 1.20 -8.31 -6.40
CA ILE A 327 0.28 -8.66 -5.33
C ILE A 327 -1.13 -8.20 -5.64
N TYR A 328 -1.31 -6.96 -6.04
CA TYR A 328 -2.64 -6.49 -6.29
C TYR A 328 -3.29 -7.23 -7.48
N ASP A 329 -2.56 -7.39 -8.58
CA ASP A 329 -3.12 -8.05 -9.76
C ASP A 329 -3.64 -9.43 -9.41
N ALA A 330 -2.91 -10.12 -8.55
CA ALA A 330 -3.35 -11.40 -8.02
C ALA A 330 -4.64 -11.34 -7.19
N MET A 331 -4.67 -10.39 -6.27
CA MET A 331 -5.84 -10.13 -5.47
C MET A 331 -7.03 -9.90 -6.41
N VAL A 332 -6.79 -9.18 -7.50
CA VAL A 332 -7.86 -8.76 -8.37
C VAL A 332 -8.40 -9.97 -9.13
N ARG A 333 -7.48 -10.80 -9.65
CA ARG A 333 -7.89 -11.99 -10.36
C ARG A 333 -8.79 -12.88 -9.47
N MET A 334 -8.39 -13.08 -8.23
CA MET A 334 -9.17 -13.94 -7.34
C MET A 334 -10.58 -13.36 -7.11
N SER A 335 -10.82 -12.15 -7.61
CA SER A 335 -12.10 -11.49 -7.37
C SER A 335 -12.98 -11.50 -8.61
N GLN A 336 -12.45 -12.00 -9.73
CA GLN A 336 -13.20 -11.93 -11.00
C GLN A 336 -13.90 -13.27 -11.31
N ASN A 337 -15.22 -13.25 -11.40
CA ASN A 337 -15.96 -14.50 -11.46
C ASN A 337 -16.01 -15.05 -12.86
N TRP A 338 -15.42 -14.34 -13.82
CA TRP A 338 -15.25 -14.92 -15.15
C TRP A 338 -13.86 -15.58 -15.30
N LYS A 339 -13.05 -15.59 -14.25
CA LYS A 339 -11.77 -16.30 -14.26
C LYS A 339 -11.73 -17.37 -13.18
N ASN A 340 -12.20 -17.04 -11.97
CA ASN A 340 -12.40 -18.09 -10.97
C ASN A 340 -13.81 -18.68 -10.96
N ARG A 341 -13.90 -20.01 -10.83
CA ARG A 341 -15.21 -20.71 -10.76
C ARG A 341 -15.86 -20.45 -9.41
N GLU A 342 -15.04 -20.07 -8.46
CA GLU A 342 -15.49 -19.87 -7.10
C GLU A 342 -14.59 -18.78 -6.50
N ILE A 343 -14.99 -17.51 -6.63
CA ILE A 343 -14.11 -16.40 -6.22
C ILE A 343 -13.78 -16.38 -4.74
N LEU A 344 -12.49 -16.22 -4.47
CA LEU A 344 -11.95 -16.18 -3.11
C LEU A 344 -11.91 -14.74 -2.52
N VAL A 345 -12.01 -13.73 -3.37
CA VAL A 345 -11.99 -12.36 -2.89
C VAL A 345 -13.16 -11.54 -3.44
N GLU A 346 -13.88 -10.88 -2.55
CA GLU A 346 -14.92 -9.97 -2.97
C GLU A 346 -14.34 -8.55 -2.99
N MET A 347 -14.45 -7.89 -4.14
CA MET A 347 -13.87 -6.56 -4.34
C MET A 347 -14.95 -5.57 -4.77
N HIS A 348 -15.06 -4.45 -4.04
CA HIS A 348 -15.96 -3.34 -4.40
C HIS A 348 -15.29 -2.40 -5.41
N GLY A 349 -16.00 -2.09 -6.48
CA GLY A 349 -15.47 -1.20 -7.49
C GLY A 349 -15.01 -1.90 -8.74
N ASN A 350 -14.28 -1.15 -9.54
CA ASN A 350 -13.79 -1.55 -10.84
C ASN A 350 -12.69 -2.59 -10.75
N ASN A 351 -13.07 -3.86 -10.87
CA ASN A 351 -12.08 -4.93 -10.87
C ASN A 351 -11.93 -5.53 -12.24
N GLY A 352 -12.21 -4.74 -13.26
CA GLY A 352 -12.09 -5.16 -14.64
C GLY A 352 -13.39 -5.72 -15.18
N SER A 353 -13.32 -6.27 -16.38
CA SER A 353 -14.49 -6.80 -17.06
C SER A 353 -14.04 -7.83 -18.07
N MET A 354 -14.97 -8.66 -18.51
CA MET A 354 -14.68 -9.57 -19.62
C MET A 354 -14.23 -8.83 -20.87
N ASP A 355 -14.42 -7.52 -20.91
CA ASP A 355 -13.98 -6.75 -22.07
C ASP A 355 -12.49 -6.44 -21.94
N GLY A 356 -11.89 -6.86 -20.84
CA GLY A 356 -10.45 -6.75 -20.69
C GLY A 356 -9.91 -5.40 -20.27
N ASP A 357 -10.80 -4.45 -19.98
CA ASP A 357 -10.37 -3.14 -19.55
C ASP A 357 -9.77 -3.12 -18.14
N PRO A 358 -8.80 -2.23 -17.89
CA PRO A 358 -7.99 -2.27 -16.66
C PRO A 358 -8.84 -2.07 -15.45
N PRO A 359 -8.65 -2.89 -14.41
CA PRO A 359 -9.22 -2.71 -13.06
C PRO A 359 -8.70 -1.41 -12.45
N ALA A 360 -9.55 -0.69 -11.70
CA ALA A 360 -9.14 0.49 -10.91
C ALA A 360 -7.92 0.15 -10.06
N ALA A 361 -7.11 1.17 -9.76
CA ALA A 361 -5.92 0.92 -8.94
C ALA A 361 -6.23 0.68 -7.46
N MET A 362 -5.27 0.09 -6.76
CA MET A 362 -5.51 -0.31 -5.39
C MET A 362 -5.86 0.85 -4.46
N ARG A 363 -5.60 2.09 -4.87
CA ARG A 363 -6.04 3.25 -4.09
C ARG A 363 -7.56 3.48 -4.19
N TYR A 364 -8.19 3.00 -5.26
CA TYR A 364 -9.66 3.10 -5.44
C TYR A 364 -10.49 1.98 -4.79
N THR A 365 -10.02 0.74 -4.88
CA THR A 365 -10.88 -0.40 -4.55
C THR A 365 -10.91 -0.77 -3.06
N GLU A 366 -11.92 -1.53 -2.66
CA GLU A 366 -11.86 -2.25 -1.37
C GLU A 366 -12.21 -3.74 -1.52
N ALA A 367 -11.86 -4.54 -0.52
CA ALA A 367 -11.97 -6.00 -0.66
C ALA A 367 -12.14 -6.71 0.67
N ARG A 368 -12.51 -7.98 0.58
CA ARG A 368 -12.51 -8.90 1.71
C ARG A 368 -12.50 -10.28 1.14
N LEU A 369 -12.17 -11.25 1.99
CA LEU A 369 -12.32 -12.64 1.65
C LEU A 369 -13.78 -13.00 1.41
N SER A 370 -14.00 -13.92 0.47
CA SER A 370 -15.32 -14.46 0.23
C SER A 370 -15.67 -15.47 1.31
N GLU A 371 -16.96 -15.78 1.48
CA GLU A 371 -17.31 -16.83 2.44
C GLU A 371 -16.59 -18.15 2.15
N ILE A 372 -16.55 -18.58 0.90
CA ILE A 372 -15.94 -19.85 0.61
C ILE A 372 -14.45 -19.84 0.96
N ALA A 373 -13.77 -18.72 0.69
CA ALA A 373 -12.38 -18.53 1.11
C ALA A 373 -12.20 -18.89 2.59
N GLY A 374 -13.22 -18.63 3.38
CA GLY A 374 -13.17 -19.01 4.77
C GLY A 374 -12.87 -20.48 4.94
N TYR A 375 -13.39 -21.28 4.03
CA TYR A 375 -13.23 -22.70 4.18
C TYR A 375 -11.79 -23.16 3.87
N LEU A 376 -11.12 -22.53 2.91
CA LEU A 376 -9.68 -22.78 2.73
C LEU A 376 -8.86 -22.55 4.02
N LEU A 377 -9.32 -21.64 4.88
CA LEU A 377 -8.55 -21.28 6.07
C LEU A 377 -9.05 -21.96 7.33
N GLN A 378 -10.09 -22.75 7.18
CA GLN A 378 -10.74 -23.30 8.35
C GLN A 378 -9.73 -24.08 9.21
N ASP A 379 -9.62 -23.68 10.47
CA ASP A 379 -8.84 -24.44 11.44
C ASP A 379 -7.35 -24.09 11.46
N ILE A 380 -6.94 -23.16 10.61
CA ILE A 380 -5.57 -22.65 10.65
C ILE A 380 -5.09 -22.27 12.07
N GLU A 381 -6.02 -21.89 12.94
CA GLU A 381 -5.65 -21.48 14.30
C GLU A 381 -5.33 -22.64 15.19
N LYS A 382 -5.35 -23.83 14.61
CA LYS A 382 -5.34 -25.06 15.40
C LYS A 382 -4.15 -25.95 15.11
N LYS A 383 -3.09 -25.35 14.54
CA LYS A 383 -1.84 -26.04 14.33
C LYS A 383 -2.08 -27.24 13.44
N THR A 384 -2.88 -27.02 12.39
CA THR A 384 -3.26 -28.09 11.45
C THR A 384 -2.35 -28.15 10.24
N VAL A 385 -1.38 -27.27 10.18
CA VAL A 385 -0.63 -27.12 8.95
C VAL A 385 0.74 -26.52 9.28
N PRO A 386 1.77 -26.91 8.52
CA PRO A 386 3.17 -26.53 8.73
C PRO A 386 3.41 -25.04 8.53
N PHE A 387 4.05 -24.40 9.49
CA PHE A 387 4.43 -22.99 9.31
C PHE A 387 5.94 -22.83 9.15
N ALA A 388 6.34 -21.78 8.47
CA ALA A 388 7.74 -21.44 8.31
C ALA A 388 7.90 -19.96 8.62
N TRP A 389 9.12 -19.53 8.95
CA TRP A 389 9.35 -18.11 9.22
C TRP A 389 9.20 -17.33 7.94
N ASN A 390 8.86 -16.05 8.08
CA ASN A 390 8.83 -15.14 6.94
C ASN A 390 10.24 -14.62 6.74
N PHE A 391 10.45 -13.82 5.71
CA PHE A 391 11.77 -13.27 5.47
C PHE A 391 12.24 -12.45 6.68
N ASP A 392 11.37 -11.58 7.18
CA ASP A 392 11.66 -10.69 8.31
C ASP A 392 12.04 -11.42 9.60
N ASP A 393 11.80 -12.73 9.63
CA ASP A 393 11.84 -13.53 10.86
C ASP A 393 11.04 -12.96 12.04
N THR A 394 9.98 -12.23 11.72
CA THR A 394 9.09 -11.66 12.72
C THR A 394 7.84 -12.51 12.88
N GLU A 395 7.38 -13.11 11.79
CA GLU A 395 6.12 -13.84 11.78
C GLU A 395 6.32 -15.19 11.13
N LYS A 396 5.52 -16.15 11.59
CA LYS A 396 5.42 -17.41 10.89
C LYS A 396 4.29 -17.28 9.85
N GLU A 397 4.44 -17.96 8.72
CA GLU A 397 3.36 -18.05 7.73
C GLU A 397 3.12 -19.51 7.40
N PRO A 398 1.91 -19.85 6.90
CA PRO A 398 1.67 -21.24 6.54
C PRO A 398 2.21 -21.54 5.14
N THR A 399 2.65 -22.77 4.91
CA THR A 399 3.18 -23.22 3.64
C THR A 399 2.14 -23.98 2.82
N VAL A 400 0.97 -24.24 3.41
CA VAL A 400 -0.15 -24.86 2.70
C VAL A 400 -1.40 -24.56 3.55
N LEU A 401 -2.54 -24.24 2.96
CA LEU A 401 -3.70 -24.02 3.83
C LEU A 401 -4.52 -25.30 4.05
N PRO A 402 -5.30 -25.33 5.12
CA PRO A 402 -6.17 -26.46 5.48
C PRO A 402 -7.03 -27.01 4.35
N ALA A 403 -7.60 -26.16 3.50
CA ALA A 403 -8.32 -26.63 2.30
C ALA A 403 -9.56 -27.55 2.51
N ALA A 404 -10.59 -27.05 3.16
CA ALA A 404 -11.82 -27.79 3.36
C ALA A 404 -12.59 -28.08 2.08
N PHE A 405 -12.23 -27.46 0.98
CA PHE A 405 -12.69 -27.96 -0.31
C PHE A 405 -11.49 -28.10 -1.26
N PRO A 406 -11.57 -28.98 -2.27
CA PRO A 406 -10.40 -29.21 -3.15
C PRO A 406 -10.21 -28.12 -4.25
N ASN A 407 -9.60 -27.02 -3.81
CA ASN A 407 -9.50 -25.78 -4.60
C ASN A 407 -8.81 -25.98 -5.97
N LEU A 408 -7.76 -26.79 -6.01
CA LEU A 408 -6.96 -26.97 -7.23
C LEU A 408 -7.81 -27.28 -8.44
N LEU A 409 -8.74 -28.21 -8.30
CA LEU A 409 -9.59 -28.54 -9.42
C LEU A 409 -10.72 -27.55 -9.59
N VAL A 410 -11.39 -27.20 -8.49
CA VAL A 410 -12.51 -26.25 -8.59
C VAL A 410 -12.09 -24.96 -9.32
N ASN A 411 -11.01 -24.31 -8.87
CA ASN A 411 -10.62 -23.04 -9.47
C ASN A 411 -9.60 -23.12 -10.59
N GLY A 412 -8.78 -24.18 -10.53
CA GLY A 412 -7.79 -24.41 -11.57
C GLY A 412 -6.56 -23.57 -11.37
N SER A 413 -5.74 -23.47 -12.42
CA SER A 413 -4.49 -22.75 -12.33
C SER A 413 -3.83 -22.61 -13.68
N THR A 414 -3.20 -21.47 -13.93
CA THR A 414 -2.24 -21.25 -15.03
C THR A 414 -1.20 -20.25 -14.51
N GLY A 415 0.11 -20.30 -14.82
CA GLY A 415 0.86 -21.43 -15.32
C GLY A 415 2.06 -21.21 -16.25
N ILE A 416 3.10 -20.43 -15.89
CA ILE A 416 4.37 -20.46 -16.69
C ILE A 416 5.70 -20.32 -15.93
N SER A 417 6.38 -21.41 -15.66
CA SER A 417 7.62 -21.34 -14.90
C SER A 417 8.91 -21.48 -15.78
N ALA A 418 9.89 -22.26 -15.32
CA ALA A 418 11.08 -22.55 -16.15
C ALA A 418 11.18 -24.04 -16.35
N GLY A 419 11.28 -24.49 -17.60
CA GLY A 419 11.23 -25.91 -17.90
C GLY A 419 9.85 -26.52 -17.69
N TYR A 420 8.96 -25.78 -17.03
CA TYR A 420 7.60 -26.22 -16.78
C TYR A 420 6.56 -25.09 -16.91
N ALA A 421 5.31 -25.47 -17.16
CA ALA A 421 4.18 -24.53 -17.23
C ALA A 421 2.96 -25.32 -16.80
N THR A 422 1.82 -24.66 -16.61
CA THR A 422 0.65 -25.38 -16.15
C THR A 422 -0.63 -24.76 -16.66
N ASP A 423 -1.55 -25.64 -17.05
CA ASP A 423 -2.93 -25.26 -17.27
C ASP A 423 -3.80 -26.31 -16.68
N ILE A 424 -4.68 -25.90 -15.77
CA ILE A 424 -5.64 -26.79 -15.14
C ILE A 424 -6.92 -26.01 -15.09
N PRO A 425 -7.95 -26.51 -15.75
CA PRO A 425 -9.21 -25.75 -15.86
C PRO A 425 -10.05 -25.93 -14.60
N PRO A 426 -11.00 -25.03 -14.37
CA PRO A 426 -11.87 -25.09 -13.19
C PRO A 426 -12.86 -26.23 -13.33
N HIS A 427 -13.30 -26.73 -12.18
CA HIS A 427 -14.35 -27.70 -12.17
C HIS A 427 -15.46 -27.29 -11.25
N ASN A 428 -16.62 -27.92 -11.45
CA ASN A 428 -17.77 -27.79 -10.57
C ASN A 428 -17.57 -28.40 -9.14
N LEU A 429 -17.79 -27.60 -8.08
CA LEU A 429 -17.51 -28.02 -6.70
C LEU A 429 -18.29 -29.27 -6.28
N ALA A 430 -19.59 -29.32 -6.58
CA ALA A 430 -20.34 -30.54 -6.22
C ALA A 430 -19.69 -31.76 -6.87
N GLU A 431 -19.29 -31.63 -8.13
CA GLU A 431 -18.77 -32.77 -8.87
C GLU A 431 -17.45 -33.23 -8.31
N VAL A 432 -16.55 -32.28 -8.04
CA VAL A 432 -15.25 -32.65 -7.50
C VAL A 432 -15.45 -33.38 -6.18
N ILE A 433 -16.25 -32.80 -5.29
CA ILE A 433 -16.53 -33.44 -4.01
C ILE A 433 -17.13 -34.86 -4.14
N ASP A 434 -18.07 -35.04 -5.06
CA ASP A 434 -18.59 -36.38 -5.32
C ASP A 434 -17.47 -37.36 -5.68
N ALA A 435 -16.58 -36.95 -6.58
CA ALA A 435 -15.41 -37.78 -6.90
C ALA A 435 -14.59 -38.12 -5.67
N ALA A 436 -14.26 -37.10 -4.87
CA ALA A 436 -13.41 -37.31 -3.70
C ALA A 436 -14.07 -38.25 -2.69
N VAL A 437 -15.36 -38.09 -2.51
CA VAL A 437 -16.04 -38.95 -1.57
C VAL A 437 -16.00 -40.42 -2.05
N TYR A 438 -16.19 -40.64 -3.35
CA TYR A 438 -16.16 -42.02 -3.87
C TYR A 438 -14.78 -42.60 -3.63
N MET A 439 -13.77 -41.80 -3.94
CA MET A 439 -12.38 -42.21 -3.76
C MET A 439 -12.00 -42.48 -2.30
N ILE A 440 -12.54 -41.70 -1.37
CA ILE A 440 -12.21 -41.97 0.01
C ILE A 440 -12.61 -43.40 0.32
N ASP A 441 -13.78 -43.80 -0.18
CA ASP A 441 -14.39 -45.09 0.10
C ASP A 441 -13.89 -46.20 -0.84
N HIS A 442 -13.17 -45.81 -1.89
CA HIS A 442 -12.68 -46.76 -2.89
C HIS A 442 -11.37 -46.27 -3.43
N PRO A 443 -10.30 -46.36 -2.62
CA PRO A 443 -8.99 -45.77 -2.91
C PRO A 443 -8.43 -46.13 -4.29
N THR A 444 -8.70 -47.34 -4.77
CA THR A 444 -8.11 -47.77 -6.03
C THR A 444 -9.03 -47.58 -7.25
N ALA A 445 -9.84 -46.53 -7.25
CA ALA A 445 -10.80 -46.30 -8.31
C ALA A 445 -10.17 -45.91 -9.67
N LYS A 446 -10.80 -46.36 -10.75
CA LYS A 446 -10.35 -46.06 -12.11
C LYS A 446 -10.95 -44.75 -12.67
N ILE A 447 -10.20 -44.06 -13.53
CA ILE A 447 -10.73 -42.85 -14.18
C ILE A 447 -12.18 -43.01 -14.67
N ASP A 448 -12.49 -44.16 -15.24
CA ASP A 448 -13.79 -44.32 -15.88
C ASP A 448 -14.93 -44.16 -14.90
N LYS A 449 -14.80 -44.77 -13.74
CA LYS A 449 -15.78 -44.66 -12.67
C LYS A 449 -15.77 -43.21 -12.14
N LEU A 450 -14.58 -42.68 -11.85
CA LEU A 450 -14.46 -41.31 -11.34
C LEU A 450 -15.16 -40.32 -12.28
N MET A 451 -15.09 -40.56 -13.58
CA MET A 451 -15.79 -39.68 -14.53
C MET A 451 -17.31 -39.83 -14.50
N GLU A 452 -17.83 -40.75 -13.71
CA GLU A 452 -19.29 -40.76 -13.50
C GLU A 452 -19.69 -39.60 -12.57
N PHE A 453 -18.75 -39.13 -11.76
CA PHE A 453 -19.02 -38.04 -10.85
C PHE A 453 -18.41 -36.73 -11.32
N LEU A 454 -17.30 -36.83 -12.04
CA LEU A 454 -16.53 -35.69 -12.53
C LEU A 454 -16.37 -35.84 -14.04
N PRO A 455 -17.39 -35.43 -14.80
CA PRO A 455 -17.51 -35.67 -16.24
C PRO A 455 -16.55 -34.78 -17.06
N GLY A 456 -16.09 -33.69 -16.47
CA GLY A 456 -15.13 -32.81 -17.11
C GLY A 456 -15.22 -31.41 -16.52
N PRO A 457 -14.37 -30.50 -17.00
CA PRO A 457 -14.25 -29.12 -16.50
C PRO A 457 -15.59 -28.37 -16.53
N ASP A 458 -15.75 -27.39 -15.65
CA ASP A 458 -16.93 -26.52 -15.65
C ASP A 458 -16.47 -25.03 -15.68
N PHE A 459 -16.31 -24.46 -16.86
CA PHE A 459 -15.83 -23.08 -16.95
C PHE A 459 -16.83 -22.04 -16.40
N PRO A 460 -16.34 -21.09 -15.60
CA PRO A 460 -17.20 -20.03 -15.05
C PRO A 460 -17.91 -19.25 -16.17
N THR A 461 -17.32 -19.22 -17.36
CA THR A 461 -17.92 -18.56 -18.51
C THR A 461 -18.89 -19.45 -19.29
N GLY A 462 -19.07 -20.68 -18.82
CA GLY A 462 -19.96 -21.64 -19.47
C GLY A 462 -19.49 -22.19 -20.80
N ALA A 463 -20.38 -22.14 -21.79
CA ALA A 463 -20.08 -22.62 -23.14
C ALA A 463 -20.13 -24.14 -23.27
N ILE A 464 -19.66 -24.61 -24.42
CA ILE A 464 -19.75 -26.00 -24.80
C ILE A 464 -18.36 -26.65 -24.87
N ILE A 465 -18.17 -27.71 -24.10
CA ILE A 465 -16.91 -28.44 -24.13
C ILE A 465 -17.06 -29.73 -24.91
N GLN A 466 -16.33 -29.86 -26.00
CA GLN A 466 -16.38 -31.01 -26.87
C GLN A 466 -15.09 -31.88 -26.77
N GLY A 467 -15.27 -33.16 -26.39
CA GLY A 467 -14.21 -34.17 -26.50
C GLY A 467 -13.99 -35.12 -25.34
N ARG A 468 -14.91 -36.07 -25.13
CA ARG A 468 -14.77 -36.99 -23.98
C ARG A 468 -13.47 -37.80 -23.99
N ASP A 469 -12.95 -38.19 -25.14
CA ASP A 469 -11.77 -39.06 -25.10
C ASP A 469 -10.55 -38.24 -24.70
N GLU A 470 -10.47 -37.00 -25.18
CA GLU A 470 -9.38 -36.13 -24.75
C GLU A 470 -9.51 -35.73 -23.26
N ILE A 471 -10.74 -35.61 -22.77
CA ILE A 471 -10.94 -35.40 -21.35
C ILE A 471 -10.40 -36.59 -20.56
N LYS A 472 -10.82 -37.81 -20.94
CA LYS A 472 -10.30 -39.04 -20.34
C LYS A 472 -8.76 -38.97 -20.40
N LYS A 473 -8.22 -38.68 -21.59
CA LYS A 473 -6.77 -38.68 -21.74
C LYS A 473 -6.12 -37.76 -20.72
N ALA A 474 -6.63 -36.53 -20.61
CA ALA A 474 -6.12 -35.56 -19.65
C ALA A 474 -6.23 -36.04 -18.19
N TYR A 475 -7.39 -36.57 -17.84
CA TYR A 475 -7.56 -37.08 -16.49
C TYR A 475 -6.59 -38.22 -16.16
N GLU A 476 -6.06 -38.86 -17.21
CA GLU A 476 -5.18 -40.00 -17.03
C GLU A 476 -3.71 -39.59 -16.97
N THR A 477 -3.34 -38.60 -17.76
CA THR A 477 -1.93 -38.26 -17.94
C THR A 477 -1.64 -36.78 -17.68
N GLY A 478 -2.69 -36.03 -17.37
CA GLY A 478 -2.59 -34.60 -17.20
C GLY A 478 -2.36 -33.78 -18.47
N LYS A 479 -2.20 -34.42 -19.61
CA LYS A 479 -2.22 -33.68 -20.87
C LYS A 479 -3.39 -34.15 -21.70
N GLY A 480 -3.95 -33.22 -22.44
CA GLY A 480 -5.18 -33.44 -23.19
C GLY A 480 -5.62 -32.19 -23.94
N ARG A 481 -6.25 -32.37 -25.09
CA ARG A 481 -6.71 -31.20 -25.83
C ARG A 481 -8.17 -31.29 -26.18
N VAL A 482 -8.95 -30.40 -25.60
CA VAL A 482 -10.39 -30.46 -25.77
C VAL A 482 -10.81 -29.25 -26.62
N VAL A 483 -12.07 -29.20 -27.07
CA VAL A 483 -12.52 -28.05 -27.84
C VAL A 483 -13.56 -27.24 -27.07
N VAL A 484 -13.42 -25.92 -27.03
CA VAL A 484 -14.43 -25.13 -26.31
C VAL A 484 -15.12 -24.16 -27.23
N ARG A 485 -16.45 -24.21 -27.24
CA ARG A 485 -17.20 -23.51 -28.26
C ARG A 485 -18.38 -22.75 -27.72
N SER A 486 -18.71 -21.66 -28.38
CA SER A 486 -19.68 -20.71 -27.87
C SER A 486 -21.14 -21.17 -27.98
N LYS A 487 -21.93 -20.76 -26.98
CA LYS A 487 -23.37 -21.01 -26.96
C LYS A 487 -24.05 -20.10 -27.96
N THR A 488 -24.54 -20.70 -29.04
CA THR A 488 -25.15 -19.94 -30.12
C THR A 488 -26.66 -20.15 -30.20
N GLU A 489 -27.32 -19.35 -31.02
CA GLU A 489 -28.75 -19.45 -31.26
C GLU A 489 -29.08 -18.60 -32.48
N ILE A 490 -30.11 -18.97 -33.21
CA ILE A 490 -30.43 -18.26 -34.43
C ILE A 490 -31.79 -17.57 -34.34
N GLU A 491 -31.79 -16.25 -34.25
CA GLU A 491 -33.04 -15.48 -34.23
C GLU A 491 -33.43 -15.10 -35.65
N LYS A 492 -34.68 -15.35 -36.03
CA LYS A 492 -35.13 -14.93 -37.35
C LYS A 492 -35.56 -13.48 -37.23
N LEU A 493 -35.27 -12.68 -38.26
CA LEU A 493 -35.59 -11.26 -38.23
C LEU A 493 -36.48 -10.88 -39.42
N LYS A 494 -37.04 -9.67 -39.37
CA LYS A 494 -37.91 -9.19 -40.44
C LYS A 494 -37.16 -9.05 -41.77
N GLY A 495 -37.74 -9.61 -42.83
CA GLY A 495 -37.19 -9.44 -44.17
C GLY A 495 -36.42 -10.62 -44.69
N GLY A 496 -36.66 -11.79 -44.09
CA GLY A 496 -35.99 -13.01 -44.49
C GLY A 496 -34.51 -13.02 -44.14
N LYS A 497 -34.17 -12.33 -43.06
CA LYS A 497 -32.79 -12.28 -42.57
C LYS A 497 -32.71 -13.07 -41.29
N GLU A 498 -31.57 -13.72 -41.04
CA GLU A 498 -31.37 -14.39 -39.78
C GLU A 498 -30.30 -13.66 -38.96
N GLN A 499 -30.25 -13.98 -37.67
CA GLN A 499 -29.33 -13.33 -36.75
C GLN A 499 -28.72 -14.41 -35.85
N ILE A 500 -27.39 -14.45 -35.79
CA ILE A 500 -26.69 -15.39 -34.92
C ILE A 500 -26.39 -14.72 -33.60
N VAL A 501 -26.83 -15.31 -32.49
CA VAL A 501 -26.72 -14.63 -31.20
C VAL A 501 -25.96 -15.40 -30.14
N ILE A 502 -24.84 -14.83 -29.73
CA ILE A 502 -23.94 -15.45 -28.78
C ILE A 502 -24.31 -15.11 -27.33
N THR A 503 -24.25 -16.11 -26.45
CA THR A 503 -24.68 -15.90 -25.08
C THR A 503 -23.63 -16.37 -24.08
N GLU A 504 -22.73 -17.25 -24.52
CA GLU A 504 -21.56 -17.61 -23.71
C GLU A 504 -20.34 -17.76 -24.62
N ILE A 505 -19.17 -17.37 -24.13
CA ILE A 505 -17.95 -17.54 -24.91
C ILE A 505 -16.88 -18.33 -24.14
N PRO A 506 -15.84 -18.74 -24.85
CA PRO A 506 -14.81 -19.61 -24.27
C PRO A 506 -14.00 -18.97 -23.13
N TYR A 507 -13.72 -19.75 -22.10
CA TYR A 507 -12.83 -19.37 -21.03
C TYR A 507 -11.57 -18.71 -21.53
N GLU A 508 -11.18 -17.65 -20.83
CA GLU A 508 -9.94 -16.91 -21.08
C GLU A 508 -9.95 -16.09 -22.37
N ILE A 509 -11.14 -15.88 -22.92
CA ILE A 509 -11.23 -15.11 -24.16
C ILE A 509 -11.76 -13.72 -23.88
N ASN A 510 -11.10 -12.70 -24.45
CA ASN A 510 -11.52 -11.30 -24.24
C ASN A 510 -12.72 -10.90 -25.13
N LYS A 511 -13.85 -10.55 -24.51
CA LYS A 511 -15.08 -10.31 -25.28
C LYS A 511 -14.84 -9.26 -26.34
N ALA A 512 -14.29 -8.13 -25.92
CA ALA A 512 -14.04 -6.99 -26.82
C ALA A 512 -13.17 -7.29 -28.04
N ASN A 513 -12.03 -7.97 -27.86
CA ASN A 513 -11.21 -8.35 -29.03
C ASN A 513 -11.95 -9.31 -29.95
N LEU A 514 -12.72 -10.22 -29.35
CA LEU A 514 -13.52 -11.16 -30.12
C LEU A 514 -14.45 -10.37 -31.03
N VAL A 515 -15.24 -9.47 -30.41
CA VAL A 515 -16.22 -8.69 -31.15
C VAL A 515 -15.58 -7.89 -32.28
N LYS A 516 -14.39 -7.33 -32.01
CA LYS A 516 -13.58 -6.66 -33.02
C LYS A 516 -13.15 -7.65 -34.11
N LYS A 517 -12.56 -8.78 -33.73
CA LYS A 517 -12.11 -9.77 -34.72
C LYS A 517 -13.25 -10.29 -35.64
N ILE A 518 -14.45 -10.45 -35.10
CA ILE A 518 -15.59 -10.83 -35.93
C ILE A 518 -15.90 -9.74 -36.93
N ASP A 519 -15.93 -8.50 -36.46
CA ASP A 519 -16.23 -7.36 -37.32
C ASP A 519 -15.22 -7.25 -38.46
N ASP A 520 -13.93 -7.55 -38.19
CA ASP A 520 -12.91 -7.55 -39.24
C ASP A 520 -13.35 -8.47 -40.37
N VAL A 521 -13.84 -9.66 -39.98
CA VAL A 521 -14.36 -10.60 -40.94
C VAL A 521 -15.36 -9.92 -41.86
N ARG A 522 -16.31 -9.22 -41.25
CA ARG A 522 -17.33 -8.47 -41.98
C ARG A 522 -16.72 -7.41 -42.88
N VAL A 523 -15.81 -6.62 -42.32
CA VAL A 523 -15.22 -5.48 -43.00
C VAL A 523 -14.31 -5.90 -44.16
N ASN A 524 -13.67 -7.05 -44.02
CA ASN A 524 -12.78 -7.55 -45.08
C ASN A 524 -13.45 -8.53 -46.02
N ASN A 525 -14.73 -8.80 -45.78
CA ASN A 525 -15.45 -9.81 -46.56
C ASN A 525 -14.65 -11.09 -46.85
N LYS A 526 -14.16 -11.74 -45.80
CA LYS A 526 -13.35 -12.95 -45.91
C LYS A 526 -14.26 -14.09 -46.25
N VAL A 527 -15.39 -14.10 -45.56
CA VAL A 527 -16.47 -15.02 -45.83
C VAL A 527 -17.62 -14.07 -46.09
N ALA A 528 -18.71 -14.49 -46.73
CA ALA A 528 -19.71 -13.52 -47.17
C ALA A 528 -21.07 -13.60 -46.48
N GLY A 529 -21.74 -12.46 -46.32
CA GLY A 529 -23.04 -12.46 -45.65
C GLY A 529 -23.20 -11.73 -44.32
N ILE A 530 -22.14 -11.14 -43.77
CA ILE A 530 -22.30 -10.44 -42.49
C ILE A 530 -22.80 -9.00 -42.66
N ALA A 531 -23.93 -8.71 -42.02
CA ALA A 531 -24.61 -7.42 -42.16
C ALA A 531 -24.08 -6.43 -41.13
N GLU A 532 -24.15 -6.79 -39.86
CA GLU A 532 -23.60 -5.96 -38.79
C GLU A 532 -23.18 -6.82 -37.59
N VAL A 533 -22.22 -6.35 -36.81
CA VAL A 533 -21.90 -6.97 -35.52
C VAL A 533 -22.14 -5.99 -34.35
N ARG A 534 -22.85 -6.45 -33.33
CA ARG A 534 -23.26 -5.59 -32.22
C ARG A 534 -22.99 -6.27 -30.91
N ASP A 535 -22.15 -5.68 -30.06
CA ASP A 535 -22.07 -6.17 -28.70
C ASP A 535 -23.24 -5.54 -27.92
N GLU A 536 -24.17 -6.38 -27.48
CA GLU A 536 -25.38 -5.89 -26.83
C GLU A 536 -25.39 -6.32 -25.37
N SER A 537 -24.21 -6.66 -24.87
CA SER A 537 -24.05 -7.05 -23.49
C SER A 537 -24.39 -5.91 -22.55
N ASP A 538 -25.13 -6.21 -21.50
CA ASP A 538 -25.44 -5.21 -20.49
C ASP A 538 -24.95 -5.72 -19.14
N ARG A 539 -25.17 -4.91 -18.10
CA ARG A 539 -24.67 -5.21 -16.76
C ARG A 539 -25.11 -6.57 -16.20
N ASP A 540 -26.08 -7.21 -16.85
CA ASP A 540 -26.62 -8.49 -16.36
C ASP A 540 -26.87 -9.49 -17.46
N GLY A 541 -26.01 -9.50 -18.47
CA GLY A 541 -26.09 -10.53 -19.49
C GLY A 541 -25.06 -10.32 -20.57
N LEU A 542 -24.61 -11.43 -21.15
CA LEU A 542 -23.70 -11.36 -22.30
C LEU A 542 -24.50 -11.66 -23.57
N ARG A 543 -24.34 -10.81 -24.58
CA ARG A 543 -25.10 -11.00 -25.82
C ARG A 543 -24.45 -10.28 -26.99
N ILE A 544 -24.05 -11.07 -27.99
CA ILE A 544 -23.46 -10.55 -29.21
C ILE A 544 -24.35 -10.93 -30.39
N ALA A 545 -24.81 -9.94 -31.15
CA ALA A 545 -25.71 -10.16 -32.28
C ALA A 545 -24.89 -10.04 -33.54
N ILE A 546 -24.89 -11.09 -34.35
CA ILE A 546 -24.37 -11.01 -35.70
C ILE A 546 -25.53 -11.04 -36.69
N GLU A 547 -25.91 -9.87 -37.17
CA GLU A 547 -26.98 -9.78 -38.16
C GLU A 547 -26.39 -10.19 -39.49
N LEU A 548 -27.09 -11.10 -40.18
CA LEU A 548 -26.68 -11.57 -41.51
C LEU A 548 -27.52 -10.91 -42.62
N LYS A 549 -27.08 -11.07 -43.87
CA LYS A 549 -27.77 -10.44 -45.00
C LYS A 549 -28.88 -11.35 -45.53
N LYS A 550 -29.79 -10.79 -46.35
CA LYS A 550 -30.82 -11.59 -47.01
C LYS A 550 -30.16 -12.76 -47.75
N ASP A 551 -30.60 -13.98 -47.44
CA ASP A 551 -30.12 -15.17 -48.14
C ASP A 551 -28.58 -15.30 -48.07
N ALA A 552 -28.09 -15.67 -46.90
CA ALA A 552 -26.66 -15.85 -46.66
C ALA A 552 -26.54 -17.14 -45.91
N ASN A 553 -25.67 -18.02 -46.39
CA ASN A 553 -25.57 -19.37 -45.83
C ASN A 553 -25.14 -19.35 -44.35
N THR A 554 -26.14 -19.31 -43.46
CA THR A 554 -25.84 -19.01 -42.08
C THR A 554 -24.94 -20.06 -41.43
N GLU A 555 -24.95 -21.27 -41.96
CA GLU A 555 -24.06 -22.29 -41.42
C GLU A 555 -22.63 -22.00 -41.89
N LEU A 556 -22.51 -21.62 -43.15
CA LEU A 556 -21.21 -21.37 -43.75
C LEU A 556 -20.49 -20.36 -42.88
N VAL A 557 -21.16 -19.24 -42.63
CA VAL A 557 -20.62 -18.19 -41.81
C VAL A 557 -20.25 -18.68 -40.40
N LEU A 558 -21.16 -19.38 -39.76
CA LEU A 558 -20.95 -19.80 -38.38
C LEU A 558 -19.77 -20.76 -38.27
N ASN A 559 -19.60 -21.61 -39.28
CA ASN A 559 -18.45 -22.47 -39.33
C ASN A 559 -17.19 -21.64 -39.53
N TYR A 560 -17.23 -20.72 -40.49
CA TYR A 560 -16.08 -19.87 -40.72
C TYR A 560 -15.61 -19.16 -39.46
N LEU A 561 -16.55 -18.60 -38.69
CA LEU A 561 -16.16 -17.87 -37.48
C LEU A 561 -15.59 -18.80 -36.42
N PHE A 562 -16.05 -20.05 -36.37
CA PHE A 562 -15.57 -20.98 -35.33
C PHE A 562 -14.11 -21.28 -35.55
N LYS A 563 -13.77 -21.45 -36.84
CA LYS A 563 -12.43 -21.84 -37.23
C LYS A 563 -11.44 -20.66 -37.20
N TYR A 564 -11.90 -19.49 -37.59
CA TYR A 564 -10.98 -18.38 -37.84
C TYR A 564 -11.03 -17.24 -36.82
N THR A 565 -11.88 -17.36 -35.81
CA THR A 565 -11.83 -16.48 -34.67
C THR A 565 -12.01 -17.31 -33.42
N ASP A 566 -11.85 -16.70 -32.25
CA ASP A 566 -11.86 -17.42 -30.98
C ASP A 566 -13.30 -17.65 -30.54
N LEU A 567 -14.26 -17.45 -31.45
CA LEU A 567 -15.62 -17.87 -31.20
C LEU A 567 -15.60 -19.35 -30.77
N GLN A 568 -14.57 -20.07 -31.22
CA GLN A 568 -14.28 -21.42 -30.79
C GLN A 568 -12.78 -21.64 -30.78
N ILE A 569 -12.30 -22.22 -29.66
CA ILE A 569 -10.88 -22.47 -29.40
C ILE A 569 -10.54 -23.87 -28.90
N ASN A 570 -9.25 -24.20 -28.92
CA ASN A 570 -8.79 -25.45 -28.29
C ASN A 570 -8.19 -25.15 -26.94
N TYR A 571 -8.76 -25.67 -25.88
CA TYR A 571 -8.14 -25.56 -24.57
C TYR A 571 -7.25 -26.79 -24.34
N ASN A 572 -6.05 -26.54 -23.84
CA ASN A 572 -5.08 -27.59 -23.58
C ASN A 572 -4.81 -27.83 -22.11
N PHE A 573 -5.16 -29.02 -21.64
CA PHE A 573 -4.75 -29.46 -20.31
C PHE A 573 -3.23 -29.63 -20.34
N ASN A 574 -2.57 -29.11 -19.31
CA ASN A 574 -1.19 -29.45 -19.02
C ASN A 574 -1.02 -29.37 -17.50
N MET A 575 -1.70 -30.28 -16.79
CA MET A 575 -1.83 -30.21 -15.34
C MET A 575 -0.53 -30.51 -14.61
N VAL A 576 0.21 -29.46 -14.28
CA VAL A 576 1.40 -29.58 -13.44
C VAL A 576 1.22 -28.91 -12.09
N ALA A 577 1.52 -29.61 -11.01
CA ALA A 577 1.42 -29.03 -9.68
C ALA A 577 2.68 -29.34 -8.88
N ILE A 578 2.77 -28.81 -7.66
CA ILE A 578 3.89 -29.14 -6.78
C ILE A 578 3.52 -30.18 -5.72
N ASP A 579 4.19 -31.33 -5.78
CA ASP A 579 4.00 -32.40 -4.82
C ASP A 579 5.37 -32.67 -4.21
N ASN A 580 5.45 -32.68 -2.89
CA ASN A 580 6.72 -32.93 -2.22
C ASN A 580 7.87 -32.00 -2.71
N PHE A 581 7.58 -30.71 -2.85
CA PHE A 581 8.60 -29.71 -3.20
C PHE A 581 9.04 -29.73 -4.65
N THR A 582 8.47 -30.62 -5.45
CA THR A 582 8.94 -30.74 -6.82
C THR A 582 7.80 -30.73 -7.85
N PRO A 583 8.09 -30.31 -9.10
CA PRO A 583 7.06 -30.30 -10.14
C PRO A 583 6.64 -31.74 -10.60
N ARG A 584 5.34 -31.98 -10.77
CA ARG A 584 4.81 -33.29 -11.14
C ARG A 584 3.67 -33.12 -12.16
N GLN A 585 3.81 -33.75 -13.32
CA GLN A 585 2.69 -33.79 -14.22
C GLN A 585 1.77 -34.85 -13.65
N VAL A 586 0.48 -34.52 -13.53
CA VAL A 586 -0.47 -35.35 -12.80
C VAL A 586 -1.87 -35.24 -13.36
N GLY A 587 -2.61 -36.35 -13.26
CA GLY A 587 -4.00 -36.37 -13.63
C GLY A 587 -4.94 -36.44 -12.45
N ILE A 588 -6.21 -36.68 -12.74
CA ILE A 588 -7.27 -36.64 -11.74
C ILE A 588 -6.97 -37.47 -10.49
N VAL A 589 -6.22 -38.57 -10.62
CA VAL A 589 -6.06 -39.50 -9.51
C VAL A 589 -5.04 -39.09 -8.44
N PRO A 590 -3.78 -38.83 -8.83
CA PRO A 590 -2.83 -38.25 -7.86
C PRO A 590 -3.30 -36.92 -7.25
N ILE A 591 -4.04 -36.11 -7.98
CA ILE A 591 -4.62 -34.89 -7.44
C ILE A 591 -5.60 -35.20 -6.30
N LEU A 592 -6.64 -35.97 -6.59
CA LEU A 592 -7.57 -36.40 -5.55
C LEU A 592 -6.92 -37.18 -4.42
N SER A 593 -5.93 -38.00 -4.75
CA SER A 593 -5.29 -38.78 -3.69
C SER A 593 -4.59 -37.82 -2.71
N SER A 594 -3.78 -36.91 -3.26
CA SER A 594 -3.02 -35.93 -2.50
C SER A 594 -3.93 -35.06 -1.62
N TYR A 595 -5.10 -34.69 -2.15
CA TYR A 595 -6.04 -33.90 -1.40
C TYR A 595 -6.57 -34.71 -0.24
N ILE A 596 -7.03 -35.91 -0.52
CA ILE A 596 -7.47 -36.78 0.56
C ILE A 596 -6.37 -36.99 1.62
N ALA A 597 -5.13 -37.21 1.19
CA ALA A 597 -4.01 -37.43 2.11
C ALA A 597 -3.86 -36.24 3.04
N HIS A 598 -3.78 -35.05 2.42
CA HIS A 598 -3.78 -33.76 3.10
C HIS A 598 -4.92 -33.60 4.10
N ARG A 599 -6.16 -33.88 3.68
CA ARG A 599 -7.28 -33.73 4.60
C ARG A 599 -7.08 -34.61 5.81
N ARG A 600 -6.56 -35.82 5.56
CA ARG A 600 -6.29 -36.76 6.66
C ARG A 600 -5.34 -36.10 7.62
N GLU A 601 -4.29 -35.50 7.07
CA GLU A 601 -3.26 -34.87 7.90
C GLU A 601 -3.85 -33.77 8.76
N VAL A 602 -4.59 -32.89 8.11
CA VAL A 602 -5.23 -31.77 8.79
C VAL A 602 -6.20 -32.21 9.87
N ILE A 603 -7.06 -33.16 9.56
CA ILE A 603 -8.08 -33.58 10.51
C ILE A 603 -7.43 -34.20 11.76
N LEU A 604 -6.43 -35.02 11.54
CA LEU A 604 -5.67 -35.59 12.63
C LEU A 604 -5.02 -34.50 13.50
N ALA A 605 -4.31 -33.57 12.85
CA ALA A 605 -3.66 -32.45 13.55
C ALA A 605 -4.67 -31.66 14.37
N ARG A 606 -5.74 -31.25 13.69
CA ARG A 606 -6.82 -30.54 14.32
C ARG A 606 -7.28 -31.30 15.56
N SER A 607 -7.51 -32.60 15.38
CA SER A 607 -8.07 -33.42 16.44
C SER A 607 -7.11 -33.54 17.63
N ARG A 608 -5.80 -33.55 17.36
CA ARG A 608 -4.81 -33.57 18.43
C ARG A 608 -4.84 -32.28 19.24
N PHE A 609 -4.86 -31.17 18.51
CA PHE A 609 -4.95 -29.86 19.12
C PHE A 609 -6.17 -29.71 20.07
N ASP A 610 -7.37 -30.07 19.61
CA ASP A 610 -8.52 -29.85 20.46
C ASP A 610 -8.45 -30.75 21.67
N LYS A 611 -7.95 -31.95 21.45
CA LYS A 611 -7.85 -32.94 22.50
C LYS A 611 -6.85 -32.48 23.55
N GLU A 612 -5.75 -31.88 23.10
CA GLU A 612 -4.81 -31.40 24.09
C GLU A 612 -5.43 -30.25 24.91
N LYS A 613 -6.23 -29.38 24.28
CA LYS A 613 -6.90 -28.32 25.02
C LYS A 613 -7.85 -28.97 26.00
N ALA A 614 -8.60 -29.95 25.53
CA ALA A 614 -9.60 -30.55 26.40
C ALA A 614 -8.92 -31.21 27.59
N GLU A 615 -7.77 -31.83 27.35
CA GLU A 615 -7.06 -32.49 28.43
C GLU A 615 -6.40 -31.50 29.42
N LYS A 616 -5.77 -30.42 28.91
CA LYS A 616 -5.10 -29.43 29.77
C LYS A 616 -6.09 -28.90 30.78
N ARG A 617 -7.33 -28.75 30.30
CA ARG A 617 -8.48 -28.31 31.09
C ARG A 617 -9.05 -29.34 32.07
N LEU A 618 -9.12 -30.60 31.62
CA LEU A 618 -9.64 -31.69 32.43
C LEU A 618 -8.76 -31.81 33.66
N HIS A 619 -7.47 -31.68 33.42
CA HIS A 619 -6.46 -31.82 34.45
C HIS A 619 -6.64 -30.74 35.51
N ILE A 620 -6.81 -29.49 35.05
CA ILE A 620 -7.08 -28.39 35.96
C ILE A 620 -8.33 -28.60 36.80
N VAL A 621 -9.43 -28.99 36.14
CA VAL A 621 -10.71 -29.21 36.82
C VAL A 621 -10.66 -30.33 37.88
N GLU A 622 -9.94 -31.40 37.57
CA GLU A 622 -9.65 -32.36 38.62
C GLU A 622 -8.97 -31.69 39.83
N GLY A 623 -7.94 -30.89 39.56
CA GLY A 623 -7.27 -30.11 40.59
C GLY A 623 -8.20 -29.25 41.47
N LEU A 624 -9.08 -28.47 40.82
CA LEU A 624 -10.01 -27.61 41.55
C LEU A 624 -10.97 -28.44 42.39
N ILE A 625 -11.52 -29.50 41.79
CA ILE A 625 -12.45 -30.36 42.52
C ILE A 625 -11.81 -30.87 43.80
N ARG A 626 -10.55 -31.26 43.72
CA ARG A 626 -9.83 -31.64 44.90
C ARG A 626 -9.71 -30.47 45.87
N VAL A 627 -9.25 -29.34 45.37
CA VAL A 627 -8.98 -28.19 46.21
C VAL A 627 -10.16 -27.88 47.13
N ILE A 628 -11.37 -28.01 46.60
CA ILE A 628 -12.57 -27.61 47.34
C ILE A 628 -12.80 -28.47 48.56
N SER A 629 -12.39 -29.73 48.43
CA SER A 629 -12.54 -30.74 49.48
C SER A 629 -11.61 -30.37 50.60
N ILE A 630 -10.55 -29.62 50.28
CA ILE A 630 -9.52 -29.24 51.24
C ILE A 630 -9.16 -27.78 51.15
N LEU A 631 -10.16 -26.98 50.84
CA LEU A 631 -10.02 -25.54 50.69
C LEU A 631 -9.24 -24.91 51.84
N ASP A 632 -9.70 -25.17 53.07
CA ASP A 632 -9.14 -24.51 54.26
C ASP A 632 -7.62 -24.66 54.42
N GLU A 633 -7.12 -25.88 54.33
CA GLU A 633 -5.69 -26.14 54.39
C GLU A 633 -4.88 -25.58 53.21
N VAL A 634 -5.49 -25.45 52.02
CA VAL A 634 -4.77 -24.83 50.90
C VAL A 634 -4.56 -23.32 51.09
N ILE A 635 -5.58 -22.64 51.56
CA ILE A 635 -5.46 -21.21 51.78
C ILE A 635 -4.40 -21.00 52.84
N ALA A 636 -4.40 -21.90 53.82
CA ALA A 636 -3.42 -21.90 54.89
C ALA A 636 -2.01 -22.03 54.32
N LEU A 637 -1.81 -23.05 53.47
CA LEU A 637 -0.50 -23.32 52.87
C LEU A 637 0.00 -22.15 52.01
N ILE A 638 -0.90 -21.56 51.23
CA ILE A 638 -0.51 -20.42 50.42
C ILE A 638 -0.13 -19.27 51.34
N ARG A 639 -0.92 -19.13 52.39
CA ARG A 639 -0.68 -18.17 53.45
C ARG A 639 0.73 -18.33 54.05
N ALA A 640 1.14 -19.57 54.27
CA ALA A 640 2.43 -19.85 54.88
C ALA A 640 3.58 -19.61 53.91
N SER A 641 3.30 -19.82 52.62
CA SER A 641 4.30 -19.66 51.57
C SER A 641 4.96 -18.24 51.56
N GLU A 642 6.06 -18.14 50.81
CA GLU A 642 6.93 -16.98 50.87
C GLU A 642 6.95 -16.28 49.52
N ASN A 643 5.91 -16.47 48.73
CA ASN A 643 5.89 -16.03 47.33
C ASN A 643 5.31 -17.07 46.36
N LYS A 644 4.98 -16.64 45.15
CA LYS A 644 4.28 -17.49 44.21
C LYS A 644 5.09 -18.77 43.98
N ALA A 645 6.35 -18.63 43.62
CA ALA A 645 7.20 -19.78 43.36
C ALA A 645 7.12 -20.83 44.49
N ASP A 646 7.22 -20.38 45.73
CA ASP A 646 7.23 -21.28 46.89
C ASP A 646 5.85 -21.91 47.15
N ALA A 647 4.81 -21.17 46.79
CA ALA A 647 3.44 -21.64 46.95
C ALA A 647 3.19 -22.85 46.03
N LYS A 648 3.49 -22.67 44.74
CA LYS A 648 3.36 -23.76 43.80
C LYS A 648 4.17 -24.96 44.31
N GLU A 649 5.41 -24.72 44.73
CA GLU A 649 6.23 -25.83 45.21
C GLU A 649 5.62 -26.49 46.44
N ASN A 650 5.02 -25.71 47.33
CA ASN A 650 4.36 -26.28 48.50
C ASN A 650 3.12 -27.11 48.14
N LEU A 651 2.36 -26.64 47.17
CA LEU A 651 1.20 -27.39 46.74
C LEU A 651 1.64 -28.74 46.20
N LYS A 652 2.70 -28.75 45.39
CA LYS A 652 3.14 -29.99 44.75
C LYS A 652 3.56 -31.00 45.80
N VAL A 653 4.33 -30.51 46.78
CA VAL A 653 4.94 -31.36 47.78
C VAL A 653 3.90 -31.89 48.79
N SER A 654 3.12 -30.99 49.37
CA SER A 654 2.17 -31.41 50.41
C SER A 654 0.95 -32.16 49.84
N TYR A 655 0.59 -31.91 48.60
CA TYR A 655 -0.67 -32.45 48.10
C TYR A 655 -0.62 -33.06 46.69
N ASP A 656 0.58 -33.38 46.22
CA ASP A 656 0.74 -34.02 44.93
C ASP A 656 -0.02 -33.32 43.81
N PHE A 657 -0.07 -31.99 43.82
CA PHE A 657 -0.57 -31.28 42.65
C PHE A 657 0.53 -31.23 41.59
N THR A 658 0.14 -31.24 40.32
CA THR A 658 1.10 -30.95 39.28
C THR A 658 1.32 -29.43 39.13
N GLU A 659 2.42 -29.08 38.47
CA GLU A 659 2.73 -27.71 38.14
C GLU A 659 1.50 -27.00 37.56
N GLU A 660 0.98 -27.55 36.46
CA GLU A 660 -0.11 -26.87 35.79
C GLU A 660 -1.27 -26.67 36.74
N GLN A 661 -1.50 -27.63 37.63
CA GLN A 661 -2.61 -27.50 38.58
C GLN A 661 -2.25 -26.43 39.57
N ALA A 662 -1.02 -26.49 40.08
CA ALA A 662 -0.53 -25.53 41.05
C ALA A 662 -0.68 -24.12 40.51
N GLU A 663 -0.14 -23.89 39.31
CA GLU A 663 -0.30 -22.62 38.64
C GLU A 663 -1.74 -22.15 38.69
N ALA A 664 -2.62 -22.93 38.08
CA ALA A 664 -4.05 -22.60 38.13
C ALA A 664 -4.54 -22.24 39.52
N ILE A 665 -4.27 -23.10 40.49
CA ILE A 665 -4.76 -22.88 41.84
C ILE A 665 -4.34 -21.51 42.34
N VAL A 666 -3.08 -21.20 42.10
CA VAL A 666 -2.41 -20.11 42.79
C VAL A 666 -2.69 -18.77 42.14
N THR A 667 -3.25 -18.81 40.93
CA THR A 667 -3.63 -17.60 40.22
C THR A 667 -5.17 -17.41 40.17
N LEU A 668 -5.88 -18.12 41.04
CA LEU A 668 -7.31 -17.89 41.19
C LEU A 668 -7.51 -16.54 41.87
N GLN A 669 -8.59 -15.84 41.51
CA GLN A 669 -8.91 -14.59 42.17
C GLN A 669 -9.63 -14.90 43.49
N LEU A 670 -9.53 -14.03 44.50
CA LEU A 670 -10.07 -14.35 45.82
C LEU A 670 -11.55 -14.75 45.81
N TYR A 671 -12.32 -14.19 44.89
CA TYR A 671 -13.76 -14.39 45.00
C TYR A 671 -14.14 -15.84 44.68
N ARG A 672 -13.28 -16.50 43.92
CA ARG A 672 -13.41 -17.92 43.70
C ARG A 672 -13.65 -18.67 45.00
N LEU A 673 -12.93 -18.33 46.07
CA LEU A 673 -13.18 -18.95 47.38
C LEU A 673 -14.63 -18.91 47.87
N THR A 674 -15.49 -18.19 47.17
CA THR A 674 -16.89 -18.14 47.60
C THR A 674 -17.59 -19.43 47.23
N ASN A 675 -17.28 -19.95 46.04
CA ASN A 675 -17.90 -21.16 45.53
C ASN A 675 -17.49 -22.49 46.16
N THR A 676 -18.44 -23.38 46.32
CA THR A 676 -18.09 -24.73 46.78
C THR A 676 -18.95 -25.78 46.05
N ASP A 677 -19.40 -25.40 44.87
CA ASP A 677 -20.22 -26.26 44.04
C ASP A 677 -19.28 -27.20 43.31
N VAL A 678 -19.25 -28.44 43.74
CA VAL A 678 -18.43 -29.42 43.05
C VAL A 678 -19.20 -30.06 41.90
N VAL A 679 -20.51 -29.85 41.88
CA VAL A 679 -21.38 -30.52 40.93
C VAL A 679 -21.29 -29.92 39.53
N VAL A 680 -21.29 -28.59 39.45
CA VAL A 680 -21.13 -27.95 38.16
C VAL A 680 -19.78 -28.36 37.54
N LEU A 681 -18.74 -28.39 38.36
CA LEU A 681 -17.41 -28.82 37.90
C LEU A 681 -17.45 -30.26 37.39
N GLN A 682 -18.07 -31.13 38.18
CA GLN A 682 -18.22 -32.51 37.76
C GLN A 682 -19.00 -32.65 36.46
N GLU A 683 -19.97 -31.79 36.20
CA GLU A 683 -20.62 -31.81 34.88
C GLU A 683 -19.61 -31.50 33.79
N GLU A 684 -18.76 -30.49 34.01
CA GLU A 684 -17.72 -30.19 33.03
C GLU A 684 -16.71 -31.33 32.80
N GLU A 685 -16.34 -32.02 33.87
CA GLU A 685 -15.46 -33.18 33.81
C GLU A 685 -16.05 -34.22 32.84
N ALA A 686 -17.33 -34.49 33.01
CA ALA A 686 -18.01 -35.44 32.16
C ALA A 686 -17.98 -34.98 30.70
N GLU A 687 -18.35 -33.72 30.45
CA GLU A 687 -18.39 -33.25 29.06
C GLU A 687 -16.99 -33.35 28.41
N LEU A 688 -15.94 -33.01 29.15
CA LEU A 688 -14.57 -33.08 28.63
C LEU A 688 -14.18 -34.50 28.27
N ARG A 689 -14.48 -35.42 29.16
CA ARG A 689 -14.24 -36.83 28.87
C ARG A 689 -14.97 -37.34 27.62
N GLU A 690 -16.26 -37.00 27.43
CA GLU A 690 -16.93 -37.46 26.21
C GLU A 690 -16.16 -36.90 25.04
N LYS A 691 -15.79 -35.62 25.13
CA LYS A 691 -15.11 -34.91 24.06
C LYS A 691 -13.79 -35.62 23.71
N ILE A 692 -13.04 -35.98 24.75
CA ILE A 692 -11.74 -36.57 24.53
C ILE A 692 -11.83 -37.93 23.85
N ALA A 693 -12.82 -38.70 24.26
CA ALA A 693 -13.07 -40.02 23.70
C ALA A 693 -13.30 -39.84 22.21
N MET A 694 -14.20 -38.92 21.84
CA MET A 694 -14.57 -38.78 20.44
C MET A 694 -13.34 -38.40 19.62
N LEU A 695 -12.48 -37.57 20.19
CA LEU A 695 -11.32 -37.12 19.46
C LEU A 695 -10.26 -38.25 19.36
N ALA A 696 -10.01 -38.93 20.46
CA ALA A 696 -9.04 -40.01 20.45
C ALA A 696 -9.35 -40.99 19.31
N ALA A 697 -10.58 -41.51 19.31
CA ALA A 697 -11.06 -42.41 18.29
C ALA A 697 -10.76 -41.95 16.86
N ILE A 698 -10.90 -40.67 16.58
CA ILE A 698 -10.55 -40.17 15.26
C ILE A 698 -9.07 -40.39 14.99
N ILE A 699 -8.25 -40.14 15.98
CA ILE A 699 -6.82 -40.30 15.82
C ILE A 699 -6.49 -41.80 15.70
N GLY A 700 -7.16 -42.62 16.51
CA GLY A 700 -6.88 -44.06 16.59
C GLY A 700 -7.49 -44.99 15.54
N ASP A 701 -8.53 -44.53 14.85
CA ASP A 701 -9.23 -45.37 13.87
C ASP A 701 -9.47 -44.71 12.51
N GLU A 702 -8.74 -45.21 11.52
CA GLU A 702 -8.79 -44.69 10.15
C GLU A 702 -10.22 -44.57 9.60
N ARG A 703 -11.05 -45.56 9.86
CA ARG A 703 -12.40 -45.50 9.31
C ARG A 703 -13.19 -44.34 9.93
N THR A 704 -13.07 -44.19 11.24
CA THR A 704 -13.69 -43.09 11.95
C THR A 704 -13.26 -41.76 11.32
N MET A 705 -11.96 -41.56 11.26
CA MET A 705 -11.37 -40.39 10.60
C MET A 705 -11.98 -40.12 9.22
N TYR A 706 -11.86 -41.06 8.30
CA TYR A 706 -12.41 -40.90 6.94
C TYR A 706 -13.93 -40.66 6.91
N ASN A 707 -14.68 -41.18 7.87
CA ASN A 707 -16.08 -40.81 7.89
C ASN A 707 -16.26 -39.34 8.15
N LEU A 708 -15.50 -38.80 9.11
CA LEU A 708 -15.51 -37.37 9.42
C LEU A 708 -15.23 -36.56 8.18
N MET A 709 -14.16 -36.94 7.49
CA MET A 709 -13.79 -36.27 6.27
C MET A 709 -14.97 -36.26 5.29
N LYS A 710 -15.64 -37.39 5.13
CA LYS A 710 -16.74 -37.43 4.20
C LYS A 710 -17.89 -36.51 4.67
N LYS A 711 -18.18 -36.55 5.97
CA LYS A 711 -19.26 -35.77 6.54
C LYS A 711 -19.02 -34.29 6.22
N GLU A 712 -17.78 -33.85 6.43
CA GLU A 712 -17.46 -32.44 6.25
C GLU A 712 -17.47 -32.04 4.78
N LEU A 713 -16.94 -32.90 3.92
CA LEU A 713 -17.01 -32.67 2.48
C LEU A 713 -18.45 -32.49 2.00
N ARG A 714 -19.35 -33.31 2.52
CA ARG A 714 -20.75 -33.19 2.10
C ARG A 714 -21.38 -31.89 2.61
N GLU A 715 -21.08 -31.47 3.84
CA GLU A 715 -21.58 -30.18 4.31
C GLU A 715 -21.14 -29.05 3.36
N VAL A 716 -19.87 -29.03 2.99
CA VAL A 716 -19.37 -28.01 2.09
C VAL A 716 -20.11 -28.02 0.77
N LYS A 717 -20.30 -29.22 0.22
CA LYS A 717 -21.05 -29.37 -1.02
C LYS A 717 -22.47 -28.86 -0.84
N LYS A 718 -23.13 -29.28 0.25
CA LYS A 718 -24.50 -28.85 0.49
C LYS A 718 -24.60 -27.33 0.52
N LYS A 719 -23.54 -26.69 1.00
CA LYS A 719 -23.60 -25.27 1.27
C LYS A 719 -23.25 -24.44 0.05
N PHE A 720 -22.30 -24.92 -0.74
CA PHE A 720 -21.74 -24.10 -1.83
C PHE A 720 -22.04 -24.63 -3.24
N ALA A 721 -22.83 -25.70 -3.35
CA ALA A 721 -23.06 -26.30 -4.66
C ALA A 721 -23.85 -25.39 -5.55
N THR A 722 -23.43 -25.32 -6.81
CA THR A 722 -24.17 -24.59 -7.82
C THR A 722 -24.07 -25.41 -9.08
N PRO A 723 -25.03 -25.22 -10.00
CA PRO A 723 -25.20 -26.08 -11.19
C PRO A 723 -24.09 -25.89 -12.24
N ARG A 724 -23.97 -26.84 -13.18
CA ARG A 724 -23.05 -26.69 -14.32
C ARG A 724 -23.39 -25.47 -15.17
N LEU A 725 -22.37 -24.90 -15.78
CA LEU A 725 -22.56 -23.79 -16.70
C LEU A 725 -22.21 -24.22 -18.11
N SER A 726 -21.12 -24.99 -18.23
CA SER A 726 -20.63 -25.53 -19.50
C SER A 726 -21.31 -26.88 -19.74
N SER A 727 -21.81 -27.07 -20.95
CA SER A 727 -22.40 -28.35 -21.34
C SER A 727 -21.32 -29.29 -21.94
N LEU A 728 -21.55 -30.60 -21.87
CA LEU A 728 -20.60 -31.57 -22.44
C LEU A 728 -21.11 -32.36 -23.66
N GLU A 729 -20.18 -32.72 -24.54
CA GLU A 729 -20.46 -33.48 -25.79
C GLU A 729 -19.20 -34.23 -26.23
N ASP A 730 -19.30 -35.15 -27.20
CA ASP A 730 -18.09 -35.65 -27.88
C ASP A 730 -18.29 -35.86 -29.41
N LYS B 13 -10.38 7.76 -26.60
CA LYS B 13 -10.68 8.52 -25.38
C LYS B 13 -12.18 8.49 -25.06
N LEU B 14 -13.00 8.50 -26.09
CA LEU B 14 -14.45 8.51 -25.91
C LEU B 14 -15.09 7.15 -26.13
N THR B 15 -16.04 6.77 -25.28
CA THR B 15 -16.85 5.58 -25.52
C THR B 15 -18.20 6.00 -26.09
N PRO B 16 -18.37 5.88 -27.41
CA PRO B 16 -19.55 6.42 -28.10
C PRO B 16 -20.78 5.57 -27.86
N ALA B 17 -21.95 6.16 -27.67
CA ALA B 17 -23.19 5.37 -27.67
C ALA B 17 -23.41 4.64 -29.01
N GLN B 18 -24.23 3.58 -28.96
CA GLN B 18 -24.42 2.70 -30.10
C GLN B 18 -25.17 3.33 -31.28
N SER B 19 -26.16 4.16 -30.99
CA SER B 19 -27.00 4.74 -32.05
C SER B 19 -27.15 6.25 -31.88
N LYS B 20 -26.86 6.99 -32.95
CA LYS B 20 -26.96 8.44 -32.95
C LYS B 20 -28.41 8.87 -32.79
N ASN B 21 -28.69 9.58 -31.70
CA ASN B 21 -30.02 10.13 -31.45
C ASN B 21 -29.91 11.39 -30.63
N PRO B 22 -29.79 12.53 -31.32
CA PRO B 22 -29.65 13.86 -30.72
C PRO B 22 -30.76 14.20 -29.70
N ALA B 23 -31.83 13.41 -29.68
CA ALA B 23 -32.96 13.67 -28.79
C ALA B 23 -32.93 12.92 -27.45
N LYS B 24 -32.29 11.75 -27.43
CA LYS B 24 -32.21 10.97 -26.18
C LYS B 24 -30.78 10.93 -25.62
N ASN B 25 -29.83 10.52 -26.45
CA ASN B 25 -28.44 10.33 -26.03
C ASN B 25 -27.92 11.25 -24.91
N GLU B 26 -27.08 10.69 -24.06
CA GLU B 26 -26.53 11.41 -22.93
C GLU B 26 -25.01 11.36 -22.93
N LEU B 27 -24.38 12.45 -22.49
CA LEU B 27 -22.94 12.48 -22.39
C LEU B 27 -22.54 12.55 -20.91
N TYR B 28 -21.80 11.55 -20.47
CA TYR B 28 -21.34 11.48 -19.09
C TYR B 28 -19.87 11.84 -19.06
N LEU B 29 -19.57 12.98 -18.44
CA LEU B 29 -18.21 13.40 -18.14
C LEU B 29 -17.91 12.89 -16.74
N VAL B 30 -17.05 11.88 -16.65
CA VAL B 30 -16.83 11.18 -15.39
C VAL B 30 -15.45 11.48 -14.79
N GLU B 31 -15.41 11.67 -13.48
CA GLU B 31 -14.15 11.98 -12.81
C GLU B 31 -13.26 10.74 -12.76
N GLY B 32 -12.31 10.65 -13.68
CA GLY B 32 -11.24 9.65 -13.60
C GLY B 32 -11.42 8.45 -14.49
N ASP B 33 -10.31 7.87 -14.93
CA ASP B 33 -10.38 6.67 -15.78
C ASP B 33 -11.04 5.49 -15.03
N SER B 34 -10.71 5.33 -13.75
CA SER B 34 -11.27 4.23 -12.97
C SER B 34 -12.80 4.25 -12.89
N ALA B 35 -13.40 5.39 -12.55
CA ALA B 35 -14.85 5.51 -12.57
C ALA B 35 -15.42 5.51 -13.99
N GLY B 36 -14.64 6.01 -14.94
CA GLY B 36 -15.02 5.92 -16.33
C GLY B 36 -15.23 4.46 -16.69
N GLY B 37 -14.32 3.62 -16.20
CA GLY B 37 -14.39 2.17 -16.38
C GLY B 37 -15.71 1.61 -15.89
N SER B 38 -15.97 1.73 -14.60
CA SER B 38 -17.24 1.33 -14.03
C SER B 38 -18.44 1.83 -14.81
N ALA B 39 -18.39 3.07 -15.27
CA ALA B 39 -19.53 3.63 -16.00
C ALA B 39 -19.65 3.05 -17.40
N LYS B 40 -18.51 2.79 -18.06
CA LYS B 40 -18.55 2.07 -19.33
C LYS B 40 -19.32 0.73 -19.15
N GLN B 41 -19.11 0.08 -18.01
CA GLN B 41 -19.70 -1.21 -17.68
C GLN B 41 -21.18 -1.12 -17.24
N GLY B 42 -21.51 -0.06 -16.50
CA GLY B 42 -22.85 0.11 -15.98
C GLY B 42 -23.86 0.81 -16.87
N ARG B 43 -23.39 1.50 -17.91
CA ARG B 43 -24.23 2.33 -18.80
C ARG B 43 -25.33 1.52 -19.49
N ASP B 44 -26.21 2.22 -20.21
CA ASP B 44 -27.07 1.62 -21.22
C ASP B 44 -26.52 2.02 -22.60
N ARG B 45 -25.77 1.14 -23.24
CA ARG B 45 -25.01 1.54 -24.43
C ARG B 45 -25.84 2.02 -25.61
N LYS B 46 -27.16 1.92 -25.53
CA LYS B 46 -27.97 2.34 -26.66
C LYS B 46 -27.94 3.87 -26.79
N PHE B 47 -27.86 4.57 -25.65
CA PHE B 47 -27.96 6.03 -25.64
C PHE B 47 -27.03 6.81 -24.70
N GLN B 48 -26.16 6.10 -23.98
CA GLN B 48 -25.26 6.77 -23.03
C GLN B 48 -23.81 6.61 -23.41
N ALA B 49 -23.12 7.73 -23.58
CA ALA B 49 -21.68 7.72 -23.85
C ALA B 49 -20.90 8.10 -22.59
N ILE B 50 -19.63 7.72 -22.56
CA ILE B 50 -18.82 8.05 -21.41
C ILE B 50 -17.60 8.78 -21.94
N LEU B 51 -17.13 9.77 -21.18
CA LEU B 51 -15.96 10.54 -21.57
C LEU B 51 -15.21 10.92 -20.32
N PRO B 52 -14.26 10.07 -19.91
CA PRO B 52 -13.56 10.33 -18.64
C PRO B 52 -12.67 11.59 -18.68
N LEU B 53 -12.60 12.24 -17.53
CA LEU B 53 -11.75 13.40 -17.36
C LEU B 53 -10.55 13.00 -16.51
N ARG B 54 -9.39 12.82 -17.16
CA ARG B 54 -8.24 12.26 -16.50
C ARG B 54 -7.49 13.31 -15.67
N GLY B 55 -7.96 13.58 -14.46
CA GLY B 55 -7.30 14.54 -13.58
C GLY B 55 -8.08 15.84 -13.52
N LYS B 56 -7.67 16.76 -12.65
CA LYS B 56 -8.31 18.08 -12.57
C LYS B 56 -8.34 18.75 -13.94
N VAL B 57 -9.44 19.44 -14.24
CA VAL B 57 -9.68 20.01 -15.56
C VAL B 57 -9.26 21.48 -15.67
N ILE B 58 -8.70 21.85 -16.82
CA ILE B 58 -8.13 23.20 -17.05
C ILE B 58 -9.09 24.37 -16.80
N ASN B 59 -8.62 25.37 -16.07
CA ASN B 59 -9.45 26.53 -15.78
C ASN B 59 -9.53 27.52 -16.95
N THR B 60 -10.49 27.28 -17.84
CA THR B 60 -10.62 28.08 -19.06
C THR B 60 -10.97 29.55 -18.82
N ALA B 61 -10.86 29.99 -17.57
CA ALA B 61 -11.13 31.38 -17.24
C ALA B 61 -9.92 31.97 -16.52
N LYS B 62 -8.73 31.53 -16.90
CA LYS B 62 -7.50 31.82 -16.15
C LYS B 62 -6.31 31.60 -17.08
N ALA B 63 -6.49 30.69 -18.03
CA ALA B 63 -5.40 30.27 -18.91
C ALA B 63 -5.53 30.90 -20.29
N LYS B 64 -4.41 30.97 -21.01
CA LYS B 64 -4.35 31.56 -22.35
C LYS B 64 -5.15 30.73 -23.36
N MET B 65 -5.88 31.37 -24.28
CA MET B 65 -6.71 30.62 -25.23
C MET B 65 -5.87 29.62 -26.04
N ALA B 66 -4.56 29.87 -26.07
CA ALA B 66 -3.60 29.00 -26.74
C ALA B 66 -3.55 27.65 -26.06
N ASP B 67 -3.04 27.65 -24.83
CA ASP B 67 -2.98 26.46 -24.00
C ASP B 67 -4.36 25.76 -23.88
N ILE B 68 -5.44 26.53 -24.01
CA ILE B 68 -6.81 26.00 -23.97
C ILE B 68 -7.12 25.17 -25.21
N LEU B 69 -6.61 25.60 -26.37
CA LEU B 69 -6.83 24.88 -27.64
C LEU B 69 -6.07 23.55 -27.64
N LYS B 70 -4.85 23.58 -27.09
CA LYS B 70 -3.94 22.45 -27.03
C LYS B 70 -4.35 21.40 -26.00
N ASN B 71 -5.49 21.61 -25.33
CA ASN B 71 -5.91 20.75 -24.22
C ASN B 71 -6.64 19.49 -24.64
N GLU B 72 -6.08 18.33 -24.29
CA GLU B 72 -6.63 17.03 -24.68
C GLU B 72 -8.11 16.88 -24.33
N GLU B 73 -8.47 17.26 -23.10
CA GLU B 73 -9.87 17.14 -22.64
C GLU B 73 -10.82 18.10 -23.39
N ILE B 74 -10.60 19.42 -23.25
CA ILE B 74 -11.42 20.41 -23.95
C ILE B 74 -11.59 20.05 -25.42
N ASN B 75 -10.48 19.87 -26.14
CA ASN B 75 -10.58 19.45 -27.53
C ASN B 75 -11.53 18.27 -27.75
N THR B 76 -11.44 17.19 -26.96
CA THR B 76 -12.32 16.04 -27.23
C THR B 76 -13.79 16.24 -26.82
N MET B 77 -14.05 17.22 -25.95
CA MET B 77 -15.43 17.63 -25.65
C MET B 77 -16.06 18.52 -26.74
N ILE B 78 -15.27 19.43 -27.32
CA ILE B 78 -15.75 20.28 -28.40
C ILE B 78 -16.11 19.38 -29.58
N TYR B 79 -15.36 18.30 -29.75
CA TYR B 79 -15.46 17.46 -30.94
C TYR B 79 -16.27 16.17 -30.82
N THR B 80 -16.89 15.93 -29.66
CA THR B 80 -17.80 14.78 -29.54
C THR B 80 -19.22 15.27 -29.32
N ILE B 81 -19.33 16.55 -28.95
CA ILE B 81 -20.62 17.20 -28.90
C ILE B 81 -20.89 17.76 -30.29
N GLY B 82 -19.79 18.02 -31.00
CA GLY B 82 -19.81 18.35 -32.41
C GLY B 82 -20.70 19.53 -32.75
N ALA B 83 -20.54 20.61 -31.99
CA ALA B 83 -21.29 21.83 -32.25
C ALA B 83 -20.37 23.03 -32.22
N GLY B 84 -19.06 22.79 -32.25
CA GLY B 84 -18.07 23.86 -32.23
C GLY B 84 -18.04 24.54 -30.87
N VAL B 85 -17.20 25.56 -30.75
CA VAL B 85 -17.10 26.34 -29.51
C VAL B 85 -17.17 27.83 -29.79
N GLY B 86 -17.44 28.59 -28.73
CA GLY B 86 -17.33 30.03 -28.78
C GLY B 86 -18.53 30.68 -29.39
N ALA B 87 -18.30 31.75 -30.11
CA ALA B 87 -19.39 32.46 -30.75
C ALA B 87 -19.90 31.64 -31.93
N ASP B 88 -19.06 30.73 -32.43
CA ASP B 88 -19.46 29.87 -33.56
C ASP B 88 -20.12 28.57 -33.07
N PHE B 89 -20.94 28.70 -32.01
CA PHE B 89 -21.64 27.57 -31.39
C PHE B 89 -23.14 27.44 -31.75
N SER B 90 -23.47 26.33 -32.39
CA SER B 90 -24.81 26.06 -32.88
C SER B 90 -25.49 24.92 -32.09
N ILE B 91 -26.42 25.28 -31.19
CA ILE B 91 -27.11 24.32 -30.33
C ILE B 91 -27.82 23.24 -31.13
N GLU B 92 -28.23 23.61 -32.35
CA GLU B 92 -29.04 22.76 -33.22
C GLU B 92 -28.25 21.55 -33.73
N ASP B 93 -26.92 21.65 -33.75
CA ASP B 93 -26.10 20.58 -34.29
C ASP B 93 -25.51 19.65 -33.21
N ALA B 94 -25.88 19.88 -31.94
CA ALA B 94 -25.40 19.05 -30.82
C ALA B 94 -25.77 17.57 -31.00
N ASN B 95 -25.06 16.69 -30.31
CA ASN B 95 -25.30 15.25 -30.46
C ASN B 95 -25.92 14.62 -29.22
N TYR B 96 -26.14 15.43 -28.19
CA TYR B 96 -26.68 14.94 -26.93
C TYR B 96 -27.73 15.90 -26.40
N ASP B 97 -28.78 15.34 -25.82
CA ASP B 97 -29.81 16.12 -25.18
C ASP B 97 -29.41 16.49 -23.75
N LYS B 98 -28.59 15.64 -23.14
CA LYS B 98 -28.14 15.85 -21.76
C LYS B 98 -26.63 15.67 -21.60
N ILE B 99 -25.98 16.67 -21.03
CA ILE B 99 -24.60 16.50 -20.56
C ILE B 99 -24.67 16.30 -19.05
N ILE B 100 -24.00 15.25 -18.56
CA ILE B 100 -24.10 14.91 -17.12
C ILE B 100 -22.74 14.85 -16.44
N ILE B 101 -22.54 15.69 -15.43
CA ILE B 101 -21.26 15.72 -14.74
C ILE B 101 -21.35 14.82 -13.53
N MET B 102 -20.51 13.79 -13.53
CA MET B 102 -20.57 12.76 -12.51
C MET B 102 -19.22 12.66 -11.83
N THR B 103 -19.09 13.28 -10.67
CA THR B 103 -17.85 13.26 -9.91
C THR B 103 -18.08 12.55 -8.57
N ASP B 104 -17.00 12.23 -7.85
CA ASP B 104 -17.15 11.78 -6.47
C ASP B 104 -17.93 12.87 -5.75
N ALA B 105 -18.67 12.50 -4.71
CA ALA B 105 -19.25 13.51 -3.84
C ALA B 105 -18.24 13.89 -2.75
N ASP B 106 -17.04 14.29 -3.19
CA ASP B 106 -15.99 14.76 -2.28
C ASP B 106 -15.62 16.20 -2.67
N THR B 107 -14.72 16.86 -1.93
CA THR B 107 -14.48 18.28 -2.22
C THR B 107 -13.79 18.51 -3.54
N ASP B 108 -12.87 17.62 -3.91
CA ASP B 108 -12.23 17.70 -5.22
C ASP B 108 -13.19 17.43 -6.39
N GLY B 109 -14.33 16.82 -6.09
CA GLY B 109 -15.31 16.58 -7.13
C GLY B 109 -16.03 17.88 -7.26
N ALA B 110 -16.32 18.45 -6.09
CA ALA B 110 -16.90 19.76 -6.02
C ALA B 110 -16.09 20.72 -6.91
N HIS B 111 -14.77 20.69 -6.76
CA HIS B 111 -13.88 21.53 -7.56
C HIS B 111 -14.02 21.27 -9.08
N ILE B 112 -13.94 20.00 -9.49
CA ILE B 112 -14.12 19.65 -10.90
C ILE B 112 -15.44 20.15 -11.51
N GLN B 113 -16.53 20.04 -10.75
CA GLN B 113 -17.84 20.50 -11.23
C GLN B 113 -17.74 21.99 -11.55
N THR B 114 -17.02 22.69 -10.70
CA THR B 114 -16.76 24.11 -10.86
C THR B 114 -16.04 24.39 -12.18
N LEU B 115 -14.92 23.73 -12.39
CA LEU B 115 -14.09 23.98 -13.56
C LEU B 115 -14.83 23.72 -14.88
N LEU B 116 -15.52 22.58 -14.94
CA LEU B 116 -16.31 22.19 -16.11
C LEU B 116 -17.41 23.18 -16.41
N LEU B 117 -18.15 23.60 -15.38
CA LEU B 117 -19.23 24.59 -15.52
C LEU B 117 -18.73 25.95 -16.00
N THR B 118 -17.55 26.36 -15.53
CA THR B 118 -17.01 27.63 -16.02
C THR B 118 -16.51 27.52 -17.47
N PHE B 119 -16.34 26.31 -17.97
CA PHE B 119 -16.06 26.12 -19.39
C PHE B 119 -17.34 26.18 -20.23
N PHE B 120 -18.36 25.43 -19.82
CA PHE B 120 -19.66 25.40 -20.52
C PHE B 120 -20.31 26.78 -20.51
N TYR B 121 -19.94 27.56 -19.51
CA TYR B 121 -20.42 28.94 -19.43
C TYR B 121 -19.67 29.80 -20.43
N ARG B 122 -18.36 29.89 -20.28
CA ARG B 122 -17.55 30.74 -21.15
C ARG B 122 -17.72 30.42 -22.63
N TYR B 123 -17.70 29.13 -22.97
CA TYR B 123 -17.55 28.70 -24.38
C TYR B 123 -18.71 27.90 -25.00
N MET B 124 -19.73 27.58 -24.21
CA MET B 124 -20.92 26.88 -24.74
C MET B 124 -22.19 27.32 -24.01
N ARG B 125 -22.34 28.63 -23.84
CA ARG B 125 -23.41 29.19 -23.02
C ARG B 125 -24.80 28.66 -23.38
N PRO B 126 -25.13 28.61 -24.69
CA PRO B 126 -26.48 28.17 -25.12
C PRO B 126 -26.91 26.83 -24.52
N LEU B 127 -25.97 25.89 -24.33
CA LEU B 127 -26.28 24.59 -23.74
C LEU B 127 -26.71 24.74 -22.28
N VAL B 128 -26.04 25.62 -21.54
CA VAL B 128 -26.42 25.89 -20.15
C VAL B 128 -27.75 26.67 -20.07
N GLU B 129 -27.96 27.63 -20.96
CA GLU B 129 -29.22 28.40 -20.95
C GLU B 129 -30.44 27.53 -21.31
N ALA B 130 -30.22 26.55 -22.18
CA ALA B 130 -31.29 25.63 -22.58
C ALA B 130 -31.47 24.43 -21.62
N GLY B 131 -30.87 24.53 -20.44
CA GLY B 131 -30.97 23.49 -19.42
C GLY B 131 -30.64 22.07 -19.90
N HIS B 132 -29.47 21.92 -20.50
CA HIS B 132 -29.03 20.64 -21.05
C HIS B 132 -27.82 20.11 -20.27
N VAL B 133 -27.42 20.84 -19.24
CA VAL B 133 -26.27 20.43 -18.44
C VAL B 133 -26.66 20.10 -16.99
N TYR B 134 -26.54 18.82 -16.63
CA TYR B 134 -26.96 18.36 -15.30
C TYR B 134 -25.78 17.88 -14.47
N ILE B 135 -26.02 17.72 -13.18
CA ILE B 135 -25.04 17.14 -12.28
C ILE B 135 -25.63 15.97 -11.51
N ALA B 136 -25.03 14.79 -11.70
CA ALA B 136 -25.49 13.59 -11.04
C ALA B 136 -25.02 13.53 -9.59
N LEU B 137 -25.94 13.22 -8.70
CA LEU B 137 -25.61 13.06 -7.30
C LEU B 137 -25.51 11.57 -6.91
N PRO B 138 -24.29 11.06 -6.79
CA PRO B 138 -24.07 9.72 -6.23
C PRO B 138 -24.54 9.71 -4.79
N PRO B 139 -24.88 8.54 -4.24
CA PRO B 139 -25.38 8.49 -2.88
C PRO B 139 -24.23 8.62 -1.92
N LEU B 140 -24.53 9.06 -0.69
CA LEU B 140 -23.50 9.25 0.33
C LEU B 140 -23.34 7.99 1.20
N TYR B 141 -24.42 7.22 1.39
CA TYR B 141 -24.41 6.10 2.34
C TYR B 141 -25.02 4.82 1.76
N LYS B 142 -24.58 3.64 2.25
CA LYS B 142 -25.33 2.38 2.05
C LYS B 142 -25.47 1.64 3.38
N MET B 143 -26.71 1.38 3.82
CA MET B 143 -26.94 0.62 5.06
C MET B 143 -26.95 -0.91 4.80
N SER B 144 -26.60 -1.72 5.83
CA SER B 144 -26.48 -3.21 5.78
C SER B 144 -27.62 -3.88 5.01
N LYS B 145 -28.13 -5.04 5.44
CA LYS B 145 -27.69 -5.86 6.55
C LYS B 145 -27.74 -7.33 6.09
N GLY B 146 -27.33 -8.26 6.96
CA GLY B 146 -27.30 -9.67 6.59
C GLY B 146 -25.95 -10.29 6.88
N LYS B 147 -25.49 -11.16 5.98
CA LYS B 147 -24.19 -11.79 6.11
C LYS B 147 -23.94 -12.64 4.87
N GLY B 148 -23.07 -12.15 3.99
CA GLY B 148 -22.68 -12.89 2.80
C GLY B 148 -23.83 -13.18 1.84
N LYS B 149 -24.23 -14.45 1.77
CA LYS B 149 -25.32 -14.88 0.89
C LYS B 149 -26.63 -14.11 1.17
N LYS B 150 -27.05 -14.09 2.44
CA LYS B 150 -28.33 -13.50 2.82
C LYS B 150 -28.18 -12.05 3.28
N GLU B 151 -27.65 -11.20 2.40
CA GLU B 151 -27.31 -9.82 2.76
C GLU B 151 -28.10 -8.79 1.92
N GLU B 152 -28.77 -7.86 2.58
CA GLU B 152 -29.56 -6.83 1.89
C GLU B 152 -28.88 -5.47 1.91
N VAL B 153 -29.39 -4.53 1.13
CA VAL B 153 -28.76 -3.21 0.97
C VAL B 153 -29.74 -2.12 0.48
N ALA B 154 -29.55 -0.89 0.96
CA ALA B 154 -30.28 0.29 0.47
C ALA B 154 -29.41 1.56 0.56
N TYR B 155 -29.77 2.60 -0.19
CA TYR B 155 -28.93 3.82 -0.28
C TYR B 155 -29.59 5.08 0.28
N ALA B 156 -28.77 6.08 0.63
CA ALA B 156 -29.27 7.34 1.16
C ALA B 156 -28.35 8.56 0.84
N TRP B 157 -28.95 9.74 0.65
CA TRP B 157 -28.21 10.99 0.32
C TRP B 157 -28.21 12.03 1.45
N THR B 158 -29.32 12.13 2.16
CA THR B 158 -29.44 13.11 3.23
C THR B 158 -29.17 12.38 4.55
N ASP B 159 -28.50 13.03 5.49
CA ASP B 159 -28.39 12.46 6.83
C ASP B 159 -29.82 12.13 7.33
N GLY B 160 -30.80 12.82 6.77
CA GLY B 160 -32.20 12.58 7.08
C GLY B 160 -32.70 11.29 6.46
N GLU B 161 -32.42 11.14 5.16
CA GLU B 161 -32.73 9.90 4.43
C GLU B 161 -32.06 8.69 5.11
N LEU B 162 -30.88 8.94 5.70
CA LEU B 162 -30.14 7.91 6.43
C LEU B 162 -30.85 7.55 7.74
N GLU B 163 -31.32 8.56 8.46
CA GLU B 163 -32.08 8.34 9.70
C GLU B 163 -33.31 7.47 9.48
N GLU B 164 -34.02 7.70 8.38
CA GLU B 164 -35.19 6.90 8.03
C GLU B 164 -34.85 5.42 7.71
N LEU B 165 -33.71 5.18 7.08
CA LEU B 165 -33.25 3.81 6.82
C LEU B 165 -32.98 3.05 8.12
N ARG B 166 -32.32 3.71 9.08
CA ARG B 166 -32.06 3.12 10.39
C ARG B 166 -33.36 2.66 11.09
N LYS B 167 -34.45 3.38 10.85
CA LYS B 167 -35.77 2.97 11.38
C LYS B 167 -36.15 1.57 10.87
N GLN B 168 -36.21 1.42 9.53
CA GLN B 168 -36.32 0.08 8.94
C GLN B 168 -35.02 -0.67 9.28
N PHE B 169 -34.73 -1.78 8.60
CA PHE B 169 -33.49 -2.51 8.90
C PHE B 169 -33.39 -2.84 10.40
N GLY B 170 -33.02 -1.83 11.18
CA GLY B 170 -32.98 -1.93 12.62
C GLY B 170 -31.62 -2.34 13.18
N LYS B 171 -31.60 -3.49 13.84
CA LYS B 171 -30.36 -4.08 14.35
C LYS B 171 -30.18 -5.46 13.72
N GLY B 172 -28.95 -5.79 13.31
CA GLY B 172 -27.80 -4.91 13.47
C GLY B 172 -27.21 -4.46 12.15
N ALA B 173 -27.79 -3.40 11.58
CA ALA B 173 -27.31 -2.82 10.34
C ALA B 173 -25.94 -2.18 10.52
N THR B 174 -25.24 -1.93 9.41
CA THR B 174 -23.91 -1.31 9.41
C THR B 174 -23.85 -0.25 8.28
N LEU B 175 -23.41 0.98 8.55
CA LEU B 175 -23.35 2.02 7.49
C LEU B 175 -22.02 1.95 6.73
N GLN B 176 -22.09 2.01 5.40
CA GLN B 176 -20.91 2.28 4.58
C GLN B 176 -21.02 3.72 4.10
N ARG B 177 -20.11 4.56 4.59
CA ARG B 177 -20.00 5.96 4.19
C ARG B 177 -19.15 6.07 2.90
N TYR B 178 -19.81 6.16 1.75
CA TYR B 178 -19.13 6.29 0.46
C TYR B 178 -18.12 7.45 0.38
N LYS B 179 -16.84 7.11 0.17
CA LYS B 179 -15.78 8.12 0.04
C LYS B 179 -15.55 8.57 -1.44
N GLY B 180 -16.32 8.04 -2.38
CA GLY B 180 -16.20 8.44 -3.78
C GLY B 180 -16.59 7.34 -4.74
N LEU B 181 -16.80 7.66 -6.02
CA LEU B 181 -17.26 6.67 -7.02
C LEU B 181 -16.45 5.36 -7.11
N GLY B 182 -15.22 5.39 -6.60
CA GLY B 182 -14.29 4.29 -6.73
C GLY B 182 -14.67 3.02 -6.01
N GLU B 183 -15.53 3.15 -4.99
CA GLU B 183 -15.95 2.00 -4.18
C GLU B 183 -17.35 1.46 -4.57
N MET B 184 -17.82 1.87 -5.75
CA MET B 184 -19.05 1.33 -6.33
C MET B 184 -18.77 0.37 -7.48
N ASN B 185 -19.54 -0.72 -7.51
CA ASN B 185 -19.59 -1.64 -8.64
C ASN B 185 -20.49 -1.04 -9.73
N ALA B 186 -20.26 -1.42 -10.98
CA ALA B 186 -21.12 -0.98 -12.09
C ALA B 186 -22.62 -1.21 -11.84
N ASP B 187 -22.99 -2.35 -11.25
CA ASP B 187 -24.41 -2.61 -10.96
C ASP B 187 -24.93 -1.53 -10.01
N GLN B 188 -24.15 -1.20 -8.98
CA GLN B 188 -24.54 -0.19 -7.99
C GLN B 188 -24.63 1.20 -8.63
N LEU B 189 -23.66 1.54 -9.47
CA LEU B 189 -23.67 2.82 -10.17
C LEU B 189 -24.96 3.04 -10.92
N TRP B 190 -25.24 2.13 -11.86
CA TRP B 190 -26.43 2.23 -12.69
C TRP B 190 -27.66 2.46 -11.83
N GLU B 191 -27.85 1.58 -10.85
CA GLU B 191 -29.09 1.57 -10.08
C GLU B 191 -29.34 2.93 -9.39
N THR B 192 -28.26 3.61 -9.01
CA THR B 192 -28.38 4.80 -8.17
C THR B 192 -28.09 6.14 -8.84
N THR B 193 -27.31 6.17 -9.93
CA THR B 193 -26.97 7.45 -10.54
C THR B 193 -27.04 7.52 -12.09
N MET B 194 -27.08 6.36 -12.74
CA MET B 194 -27.18 6.35 -14.21
C MET B 194 -28.56 5.97 -14.79
N ASN B 195 -29.34 5.16 -14.07
CA ASN B 195 -30.66 4.78 -14.55
C ASN B 195 -31.60 5.99 -14.57
N PRO B 196 -32.07 6.39 -15.74
CA PRO B 196 -32.91 7.59 -15.80
C PRO B 196 -34.11 7.46 -14.88
N GLU B 197 -34.59 6.24 -14.72
CA GLU B 197 -35.77 5.96 -13.92
C GLU B 197 -35.47 5.87 -12.40
N THR B 198 -34.19 5.95 -12.03
CA THR B 198 -33.79 5.76 -10.64
C THR B 198 -32.99 6.95 -10.07
N ARG B 199 -32.38 7.76 -10.93
CA ARG B 199 -31.37 8.73 -10.52
C ARG B 199 -31.96 10.06 -10.07
N THR B 200 -31.27 10.71 -9.13
CA THR B 200 -31.54 12.10 -8.78
C THR B 200 -30.57 13.00 -9.56
N LEU B 201 -31.11 14.01 -10.25
CA LEU B 201 -30.28 14.96 -10.99
C LEU B 201 -30.39 16.40 -10.47
N ILE B 202 -29.47 17.24 -10.90
CA ILE B 202 -29.59 18.69 -10.74
C ILE B 202 -29.49 19.34 -12.11
N ARG B 203 -30.44 20.21 -12.46
CA ARG B 203 -30.37 20.91 -13.74
C ARG B 203 -29.81 22.30 -13.50
N VAL B 204 -28.61 22.56 -14.02
CA VAL B 204 -28.06 23.91 -14.01
C VAL B 204 -28.87 24.77 -14.98
N THR B 205 -29.55 25.78 -14.41
CA THR B 205 -30.30 26.81 -15.15
C THR B 205 -29.74 28.18 -14.75
N ILE B 206 -29.68 29.11 -15.70
CA ILE B 206 -29.25 30.47 -15.39
C ILE B 206 -30.47 31.34 -15.06
N GLU B 207 -30.52 31.90 -13.86
CA GLU B 207 -31.65 32.73 -13.46
C GLU B 207 -31.42 34.24 -13.74
N ASP B 208 -30.19 34.70 -13.50
CA ASP B 208 -29.79 36.10 -13.74
C ASP B 208 -28.40 36.20 -14.39
N LEU B 209 -28.36 36.40 -15.71
CA LEU B 209 -27.10 36.51 -16.45
C LEU B 209 -26.05 37.42 -15.81
N ALA B 210 -26.52 38.54 -15.24
CA ALA B 210 -25.64 39.50 -14.56
C ALA B 210 -25.00 38.89 -13.34
N ARG B 211 -25.82 38.57 -12.34
CA ARG B 211 -25.36 38.00 -11.09
C ARG B 211 -24.46 36.76 -11.29
N ALA B 212 -24.61 36.10 -12.45
CA ALA B 212 -23.84 34.89 -12.76
C ALA B 212 -22.46 35.18 -13.39
N GLU B 213 -22.31 36.31 -14.06
CA GLU B 213 -21.00 36.70 -14.57
C GLU B 213 -20.02 37.04 -13.45
N ARG B 214 -20.41 37.94 -12.54
CA ARG B 214 -19.56 38.32 -11.40
C ARG B 214 -19.20 37.08 -10.56
N ARG B 215 -20.17 36.21 -10.34
CA ARG B 215 -19.93 35.02 -9.53
C ARG B 215 -18.80 34.19 -10.11
N VAL B 216 -18.89 33.86 -11.40
CA VAL B 216 -17.86 33.05 -12.05
C VAL B 216 -16.49 33.74 -12.10
N ASN B 217 -16.46 35.05 -12.35
CA ASN B 217 -15.18 35.76 -12.42
C ASN B 217 -14.47 35.94 -11.09
N VAL B 218 -15.23 36.24 -10.03
CA VAL B 218 -14.60 36.36 -8.73
C VAL B 218 -13.88 35.05 -8.44
N LEU B 219 -14.62 33.94 -8.48
CA LEU B 219 -14.09 32.63 -8.06
C LEU B 219 -13.03 32.01 -8.98
N MET B 220 -13.15 32.21 -10.28
CA MET B 220 -12.36 31.44 -11.22
C MET B 220 -11.34 32.27 -11.99
N GLY B 221 -11.43 33.59 -11.82
CA GLY B 221 -10.62 34.53 -12.59
C GLY B 221 -9.15 34.56 -12.22
N ASP B 222 -8.36 35.30 -12.99
CA ASP B 222 -6.93 35.42 -12.71
C ASP B 222 -6.62 36.26 -11.45
N LYS B 223 -7.47 37.23 -11.12
CA LYS B 223 -7.17 38.11 -9.98
C LYS B 223 -7.45 37.45 -8.61
N VAL B 224 -6.44 37.43 -7.76
CA VAL B 224 -6.52 36.78 -6.44
C VAL B 224 -7.26 37.59 -5.36
N GLU B 225 -7.01 38.91 -5.28
CA GLU B 225 -7.61 39.71 -4.19
C GLU B 225 -9.13 39.51 -4.05
N PRO B 226 -9.89 39.77 -5.13
CA PRO B 226 -11.34 39.61 -5.03
C PRO B 226 -11.71 38.27 -4.38
N ARG B 227 -11.27 37.16 -4.96
CA ARG B 227 -11.48 35.79 -4.43
C ARG B 227 -11.18 35.61 -2.94
N ARG B 228 -10.03 36.10 -2.49
CA ARG B 228 -9.72 36.12 -1.07
C ARG B 228 -10.85 36.79 -0.31
N LYS B 229 -11.28 37.98 -0.75
CA LYS B 229 -12.36 38.72 -0.07
C LYS B 229 -13.71 37.99 -0.14
N TRP B 230 -14.02 37.39 -1.29
CA TRP B 230 -15.23 36.59 -1.41
C TRP B 230 -15.23 35.46 -0.37
N ILE B 231 -14.06 34.87 -0.13
CA ILE B 231 -13.95 33.74 0.78
C ILE B 231 -14.04 34.20 2.23
N GLU B 232 -13.42 35.35 2.53
CA GLU B 232 -13.51 35.95 3.85
C GLU B 232 -14.96 36.29 4.21
N ASP B 233 -15.74 36.70 3.20
CA ASP B 233 -17.14 37.11 3.40
C ASP B 233 -18.17 35.98 3.40
N ASN B 234 -17.88 34.87 2.72
CA ASN B 234 -18.89 33.81 2.59
C ASN B 234 -18.60 32.51 3.33
N VAL B 235 -17.37 32.02 3.24
CA VAL B 235 -17.00 30.75 3.88
C VAL B 235 -17.03 30.83 5.41
N LYS B 236 -17.87 29.99 6.03
CA LYS B 236 -18.01 30.03 7.48
C LYS B 236 -17.14 28.96 8.13
N PHE B 237 -15.90 29.35 8.46
CA PHE B 237 -14.89 28.47 9.06
C PHE B 237 -15.35 27.95 10.44
N THR B 238 -16.63 28.15 10.76
CA THR B 238 -17.20 27.84 12.08
C THR B 238 -16.25 28.27 13.19
N ASN B 249 -36.69 13.51 -6.90
CA ASN B 249 -35.93 13.26 -8.12
C ASN B 249 -35.14 14.50 -8.56
N ILE B 250 -35.41 15.00 -9.77
CA ILE B 250 -34.67 16.13 -10.35
C ILE B 250 -35.04 17.53 -9.80
N GLN B 251 -34.00 18.32 -9.48
CA GLN B 251 -34.17 19.66 -8.91
C GLN B 251 -33.34 20.67 -9.69
N ASN B 252 -33.72 21.95 -9.58
CA ASN B 252 -32.98 23.02 -10.24
C ASN B 252 -32.11 23.83 -9.27
N MET B 253 -30.96 24.27 -9.77
CA MET B 253 -30.05 25.10 -9.01
C MET B 253 -29.64 26.17 -10.03
N SER B 254 -29.43 27.39 -9.58
CA SER B 254 -28.87 28.42 -10.46
C SER B 254 -27.35 28.21 -10.65
N LEU B 255 -26.81 28.66 -11.78
CA LEU B 255 -25.35 28.65 -11.94
C LEU B 255 -24.64 29.45 -10.83
N GLU B 256 -25.16 30.64 -10.50
CA GLU B 256 -24.58 31.45 -9.42
C GLU B 256 -24.60 30.65 -8.13
N ASP B 257 -25.78 30.18 -7.72
CA ASP B 257 -25.88 29.41 -6.49
C ASP B 257 -25.01 28.14 -6.48
N ILE B 258 -25.02 27.34 -7.54
CA ILE B 258 -24.18 26.14 -7.55
C ILE B 258 -22.72 26.49 -7.39
N MET B 259 -22.20 27.31 -8.31
CA MET B 259 -20.78 27.67 -8.25
C MET B 259 -20.39 28.18 -6.87
N GLY B 260 -21.24 29.02 -6.29
CA GLY B 260 -21.05 29.47 -4.93
C GLY B 260 -20.84 28.30 -3.98
N GLU B 261 -21.77 27.36 -3.99
CA GLU B 261 -21.76 26.22 -3.05
C GLU B 261 -20.63 25.22 -3.30
N ARG B 262 -20.35 24.89 -4.55
CA ARG B 262 -19.29 23.94 -4.84
C ARG B 262 -17.91 24.53 -4.55
N PHE B 263 -17.63 25.73 -5.06
CA PHE B 263 -16.34 26.33 -4.80
C PHE B 263 -16.13 26.64 -3.32
N GLY B 264 -17.21 27.02 -2.63
CA GLY B 264 -17.17 27.25 -1.20
C GLY B 264 -16.66 26.03 -0.43
N ARG B 265 -17.13 24.83 -0.84
CA ARG B 265 -16.71 23.59 -0.21
C ARG B 265 -15.22 23.37 -0.45
N TYR B 266 -14.81 23.41 -1.72
CA TYR B 266 -13.40 23.22 -2.08
C TYR B 266 -12.48 24.18 -1.33
N SER B 267 -12.78 25.49 -1.46
CA SER B 267 -12.05 26.56 -0.78
C SER B 267 -11.82 26.25 0.70
N LYS B 268 -12.92 26.16 1.46
CA LYS B 268 -12.84 25.86 2.88
C LYS B 268 -11.91 24.69 3.15
N TYR B 269 -12.21 23.58 2.47
CA TYR B 269 -11.44 22.34 2.61
C TYR B 269 -9.93 22.46 2.35
N ILE B 270 -9.53 22.95 1.18
CA ILE B 270 -8.08 22.99 0.96
C ILE B 270 -7.40 24.03 1.79
N ILE B 271 -8.15 25.00 2.28
CA ILE B 271 -7.59 25.94 3.25
C ILE B 271 -7.35 25.28 4.61
N GLN B 272 -8.39 24.82 5.27
CA GLN B 272 -8.18 24.24 6.61
C GLN B 272 -7.65 22.79 6.69
N ASP B 273 -7.80 22.01 5.62
CA ASP B 273 -7.44 20.58 5.64
C ASP B 273 -6.59 20.03 4.51
N ARG B 274 -5.69 20.83 3.94
CA ARG B 274 -4.78 20.32 2.91
C ARG B 274 -3.49 21.11 2.89
N ALA B 275 -3.58 22.33 2.34
CA ALA B 275 -2.41 23.10 1.95
C ALA B 275 -1.70 23.91 3.05
N LEU B 276 -2.42 24.36 4.07
CA LEU B 276 -1.79 25.16 5.14
C LEU B 276 -1.65 24.44 6.49
N PRO B 277 -0.49 24.63 7.15
CA PRO B 277 -0.14 24.00 8.42
C PRO B 277 -0.93 24.59 9.61
N ASP B 278 -1.14 23.81 10.66
CA ASP B 278 -1.79 24.30 11.87
C ASP B 278 -0.70 25.12 12.55
N ILE B 279 -1.09 26.23 13.19
CA ILE B 279 -0.11 27.15 13.72
C ILE B 279 0.53 26.62 14.99
N ARG B 280 0.02 25.53 15.53
CA ARG B 280 0.59 24.98 16.76
C ARG B 280 1.66 23.89 16.58
N ASP B 281 1.45 22.96 15.67
CA ASP B 281 2.43 21.88 15.50
C ASP B 281 3.13 21.99 14.15
N GLY B 282 2.64 22.93 13.34
CA GLY B 282 3.29 23.23 12.08
C GLY B 282 3.10 22.15 11.02
N LEU B 283 2.14 21.27 11.25
CA LEU B 283 1.87 20.18 10.31
C LEU B 283 0.64 20.42 9.46
N LYS B 284 0.70 19.97 8.21
CA LYS B 284 -0.49 19.83 7.38
C LYS B 284 -1.15 18.51 7.76
N PRO B 285 -2.46 18.36 7.51
CA PRO B 285 -3.13 17.15 7.99
C PRO B 285 -2.49 15.84 7.50
N VAL B 286 -2.04 15.82 6.25
CA VAL B 286 -1.37 14.60 5.81
C VAL B 286 -0.10 14.29 6.59
N GLN B 287 0.64 15.32 7.00
CA GLN B 287 1.82 15.06 7.83
C GLN B 287 1.43 14.51 9.21
N ARG B 288 0.42 15.11 9.82
CA ARG B 288 -0.02 14.70 11.16
C ARG B 288 -0.42 13.25 11.09
N ARG B 289 -1.13 12.86 10.04
CA ARG B 289 -1.53 11.45 9.93
C ARG B 289 -0.37 10.48 9.71
N ILE B 290 0.56 10.84 8.83
CA ILE B 290 1.77 10.06 8.66
C ILE B 290 2.42 9.82 10.02
N LEU B 291 2.53 10.87 10.82
CA LEU B 291 3.18 10.74 12.11
C LEU B 291 2.35 9.88 13.05
N TYR B 292 1.07 10.20 13.13
CA TYR B 292 0.24 9.57 14.12
C TYR B 292 0.17 8.07 13.81
N SER B 293 -0.01 7.74 12.53
CA SER B 293 -0.12 6.36 12.14
C SER B 293 1.16 5.62 12.47
N MET B 294 2.29 6.12 11.98
CA MET B 294 3.52 5.38 12.18
C MET B 294 3.76 5.16 13.66
N ASN B 295 3.30 6.10 14.48
CA ASN B 295 3.61 5.99 15.88
C ASN B 295 2.71 4.96 16.56
N LYS B 296 1.46 4.90 16.12
CA LYS B 296 0.48 3.90 16.62
C LYS B 296 1.04 2.50 16.40
N ASP B 297 1.69 2.34 15.26
CA ASP B 297 2.23 1.06 14.84
C ASP B 297 3.65 0.83 15.38
N SER B 298 4.06 1.65 16.32
CA SER B 298 5.35 1.46 16.97
C SER B 298 6.53 1.48 15.99
N ASN B 299 6.33 2.15 14.86
CA ASN B 299 7.33 2.34 13.83
C ASN B 299 8.25 3.53 14.20
N THR B 300 9.02 3.34 15.26
CA THR B 300 9.71 4.44 15.90
C THR B 300 11.21 4.31 15.75
N PHE B 301 11.94 5.34 16.19
CA PHE B 301 13.37 5.45 15.87
C PHE B 301 14.21 4.33 16.48
N ASP B 302 13.71 3.79 17.59
CA ASP B 302 14.41 2.77 18.36
C ASP B 302 14.14 1.33 17.87
N LYS B 303 13.29 1.20 16.85
CA LYS B 303 12.86 -0.12 16.36
C LYS B 303 13.13 -0.33 14.85
N SER B 304 13.00 -1.57 14.37
CA SER B 304 13.41 -1.86 13.00
C SER B 304 12.67 -1.03 11.95
N TYR B 305 13.34 -0.71 10.85
CA TYR B 305 12.65 0.01 9.78
C TYR B 305 11.47 -0.83 9.34
N ARG B 306 10.78 -0.41 8.29
CA ARG B 306 9.51 -1.02 7.96
C ARG B 306 9.09 -0.57 6.55
N LYS B 307 8.69 -1.53 5.72
CA LYS B 307 8.38 -1.27 4.31
C LYS B 307 7.47 -0.06 4.16
N SER B 308 7.90 0.91 3.35
CA SER B 308 7.13 2.16 3.18
C SER B 308 5.68 1.89 2.77
N ALA B 309 5.51 1.02 1.77
CA ALA B 309 4.16 0.62 1.35
C ALA B 309 3.26 0.19 2.53
N LYS B 310 3.82 -0.54 3.50
CA LYS B 310 3.02 -0.95 4.64
C LYS B 310 2.55 0.26 5.46
N SER B 311 3.42 1.27 5.61
CA SER B 311 3.08 2.49 6.33
C SER B 311 2.00 3.25 5.57
N VAL B 312 2.26 3.43 4.27
CA VAL B 312 1.37 4.20 3.39
C VAL B 312 -0.05 3.64 3.34
N GLY B 313 -0.16 2.33 3.22
CA GLY B 313 -1.46 1.69 3.16
C GLY B 313 -2.22 1.80 4.47
N ASN B 314 -1.51 1.69 5.58
CA ASN B 314 -2.19 1.83 6.85
C ASN B 314 -2.74 3.25 6.97
N ILE B 315 -1.92 4.23 6.59
CA ILE B 315 -2.38 5.62 6.56
C ILE B 315 -3.63 5.78 5.68
N MET B 316 -3.54 5.31 4.44
CA MET B 316 -4.63 5.45 3.48
C MET B 316 -5.89 4.72 3.94
N GLY B 317 -5.74 3.69 4.77
CA GLY B 317 -6.87 2.87 5.17
C GLY B 317 -7.51 3.36 6.43
N ASN B 318 -6.71 3.93 7.32
CA ASN B 318 -7.22 4.34 8.61
C ASN B 318 -7.54 5.83 8.75
N PHE B 319 -6.87 6.70 8.00
CA PHE B 319 -6.94 8.15 8.26
C PHE B 319 -7.11 9.08 7.06
N HIS B 320 -6.38 8.83 5.98
CA HIS B 320 -6.24 9.78 4.88
C HIS B 320 -6.80 9.25 3.58
N PRO B 321 -8.00 9.69 3.20
CA PRO B 321 -8.65 9.11 2.00
C PRO B 321 -8.20 9.76 0.71
N HIS B 322 -6.92 9.69 0.38
CA HIS B 322 -6.42 10.25 -0.87
C HIS B 322 -5.39 9.34 -1.48
N GLY B 323 -4.88 9.69 -2.66
CA GLY B 323 -3.96 8.85 -3.39
C GLY B 323 -2.73 8.51 -2.56
N ASP B 324 -2.21 7.30 -2.80
CA ASP B 324 -0.98 6.88 -2.13
C ASP B 324 0.20 7.78 -2.50
N SER B 325 0.25 8.28 -3.72
CA SER B 325 1.39 9.10 -4.11
C SER B 325 1.44 10.40 -3.29
N SER B 326 0.30 11.06 -3.07
CA SER B 326 0.33 12.16 -2.12
C SER B 326 0.90 11.72 -0.78
N ILE B 327 0.31 10.69 -0.18
CA ILE B 327 0.88 10.23 1.08
C ILE B 327 2.37 9.89 0.98
N TYR B 328 2.75 9.02 0.05
CA TYR B 328 4.17 8.65 0.01
C TYR B 328 5.12 9.84 -0.15
N ASP B 329 4.76 10.73 -1.05
CA ASP B 329 5.62 11.85 -1.41
C ASP B 329 5.84 12.77 -0.21
N ALA B 330 4.78 13.00 0.55
CA ALA B 330 4.85 13.73 1.79
C ALA B 330 5.79 13.07 2.78
N MET B 331 5.63 11.76 2.96
CA MET B 331 6.46 10.96 3.87
C MET B 331 7.92 11.12 3.47
N VAL B 332 8.16 11.12 2.17
CA VAL B 332 9.49 11.23 1.62
C VAL B 332 10.15 12.55 1.97
N ARG B 333 9.49 13.65 1.60
CA ARG B 333 9.94 15.00 1.96
C ARG B 333 10.29 15.14 3.44
N MET B 334 9.48 14.60 4.35
CA MET B 334 9.81 14.75 5.78
C MET B 334 11.11 13.99 6.12
N SER B 335 11.68 13.33 5.12
CA SER B 335 12.83 12.47 5.35
C SER B 335 14.10 13.02 4.73
N GLN B 336 13.94 14.03 3.88
CA GLN B 336 15.09 14.59 3.16
C GLN B 336 15.70 15.75 3.95
N ASN B 337 16.94 15.56 4.36
CA ASN B 337 17.56 16.52 5.25
C ASN B 337 18.03 17.79 4.56
N TRP B 338 17.72 17.93 3.27
CA TRP B 338 18.02 19.19 2.58
C TRP B 338 16.75 20.00 2.30
N LYS B 339 15.63 19.52 2.84
CA LYS B 339 14.36 20.25 2.80
C LYS B 339 13.90 20.50 4.22
N ASN B 340 14.06 19.52 5.11
CA ASN B 340 13.72 19.75 6.51
C ASN B 340 14.93 20.04 7.36
N ARG B 341 14.81 20.99 8.29
CA ARG B 341 15.94 21.38 9.12
C ARG B 341 16.16 20.29 10.15
N GLU B 342 15.06 19.65 10.51
CA GLU B 342 15.09 18.63 11.55
C GLU B 342 14.17 17.47 11.10
N ILE B 343 14.71 16.51 10.31
CA ILE B 343 13.85 15.50 9.66
C ILE B 343 13.01 14.65 10.62
N LEU B 344 11.75 14.42 10.23
CA LEU B 344 10.77 13.77 11.08
C LEU B 344 10.63 12.30 10.74
N VAL B 345 11.10 11.93 9.54
CA VAL B 345 11.10 10.54 9.13
C VAL B 345 12.46 10.10 8.61
N GLU B 346 12.94 8.95 9.08
CA GLU B 346 14.17 8.37 8.54
C GLU B 346 13.83 7.25 7.54
N MET B 347 14.54 7.23 6.42
CA MET B 347 14.18 6.34 5.34
C MET B 347 15.38 5.62 4.73
N HIS B 348 15.29 4.30 4.62
CA HIS B 348 16.38 3.51 4.05
C HIS B 348 16.22 3.43 2.55
N GLY B 349 17.29 3.68 1.83
CA GLY B 349 17.25 3.66 0.38
C GLY B 349 17.19 5.01 -0.30
N ASN B 350 16.81 4.96 -1.57
CA ASN B 350 16.84 6.10 -2.46
C ASN B 350 15.62 7.00 -2.21
N ASN B 351 15.81 7.99 -1.34
CA ASN B 351 14.78 8.96 -1.03
C ASN B 351 15.03 10.29 -1.76
N GLY B 352 15.76 10.23 -2.86
CA GLY B 352 16.00 11.40 -3.68
C GLY B 352 17.36 12.02 -3.42
N SER B 353 17.53 13.24 -3.90
CA SER B 353 18.80 13.95 -3.76
C SER B 353 18.55 15.41 -4.02
N MET B 354 19.59 16.21 -3.81
CA MET B 354 19.54 17.63 -4.13
C MET B 354 19.51 17.85 -5.65
N ASP B 355 19.81 16.82 -6.43
CA ASP B 355 19.76 16.95 -7.89
C ASP B 355 18.33 16.75 -8.38
N GLY B 356 17.42 16.52 -7.45
CA GLY B 356 16.02 16.39 -7.77
C GLY B 356 15.68 15.15 -8.56
N ASP B 357 16.55 14.14 -8.58
CA ASP B 357 16.12 12.89 -9.18
C ASP B 357 15.07 12.19 -8.30
N PRO B 358 14.28 11.31 -8.91
CA PRO B 358 13.12 10.68 -8.29
C PRO B 358 13.54 9.64 -7.27
N PRO B 359 12.89 9.66 -6.10
CA PRO B 359 13.01 8.69 -5.00
C PRO B 359 12.48 7.37 -5.47
N ALA B 360 12.99 6.27 -4.91
CA ALA B 360 12.47 4.95 -5.20
C ALA B 360 10.99 4.89 -4.85
N ALA B 361 10.26 4.00 -5.51
CA ALA B 361 8.83 3.81 -5.20
C ALA B 361 8.59 3.19 -3.82
N MET B 362 7.44 3.47 -3.22
CA MET B 362 7.21 2.96 -1.87
C MET B 362 7.34 1.41 -1.74
N ARG B 363 7.51 0.70 -2.86
CA ARG B 363 7.70 -0.73 -2.76
C ARG B 363 9.15 -1.07 -2.45
N TYR B 364 10.09 -0.14 -2.69
CA TYR B 364 11.51 -0.37 -2.42
C TYR B 364 12.04 0.05 -1.05
N THR B 365 11.44 1.06 -0.43
CA THR B 365 12.09 1.75 0.68
C THR B 365 11.53 1.34 2.04
N GLU B 366 12.32 1.48 3.10
CA GLU B 366 11.81 1.24 4.45
C GLU B 366 11.92 2.54 5.21
N ALA B 367 11.15 2.69 6.29
CA ALA B 367 11.15 3.95 7.01
C ALA B 367 10.78 3.79 8.46
N ARG B 368 11.05 4.84 9.25
CA ARG B 368 10.56 4.98 10.63
C ARG B 368 10.58 6.43 11.04
N LEU B 369 9.90 6.72 12.15
CA LEU B 369 9.95 8.04 12.76
C LEU B 369 11.39 8.36 13.19
N SER B 370 11.80 9.61 13.03
CA SER B 370 13.07 10.03 13.63
C SER B 370 12.89 10.16 15.13
N GLU B 371 13.97 10.14 15.89
CA GLU B 371 13.82 10.34 17.35
C GLU B 371 13.14 11.68 17.71
N ILE B 372 13.45 12.76 17.00
CA ILE B 372 12.84 14.04 17.34
C ILE B 372 11.34 14.03 17.11
N ALA B 373 10.89 13.25 16.14
CA ALA B 373 9.46 13.09 15.85
C ALA B 373 8.73 12.55 17.08
N GLY B 374 9.41 11.69 17.81
CA GLY B 374 8.88 11.18 19.05
C GLY B 374 8.39 12.30 19.91
N TYR B 375 9.13 13.41 19.89
CA TYR B 375 8.84 14.51 20.80
C TYR B 375 7.63 15.32 20.35
N LEU B 376 7.34 15.31 19.05
CA LEU B 376 6.12 15.94 18.56
C LEU B 376 4.91 15.18 19.08
N LEU B 377 5.15 13.92 19.43
CA LEU B 377 4.06 13.01 19.77
C LEU B 377 4.01 12.72 21.26
N GLN B 378 4.98 13.24 21.97
CA GLN B 378 5.16 12.95 23.38
C GLN B 378 3.86 13.21 24.10
N ASP B 379 3.46 12.24 24.93
CA ASP B 379 2.30 12.37 25.82
C ASP B 379 0.93 12.29 25.15
N ILE B 380 0.92 11.93 23.87
CA ILE B 380 -0.36 11.74 23.16
C ILE B 380 -1.29 10.68 23.78
N GLU B 381 -0.72 9.65 24.38
CA GLU B 381 -1.55 8.68 25.11
C GLU B 381 -2.28 9.24 26.34
N LYS B 382 -1.86 10.42 26.81
CA LYS B 382 -2.38 10.97 28.05
C LYS B 382 -3.50 12.03 27.92
N LYS B 383 -4.31 11.93 26.88
CA LYS B 383 -5.52 12.76 26.75
C LYS B 383 -5.21 14.26 26.78
N THR B 384 -4.19 14.64 26.02
CA THR B 384 -3.63 15.98 26.05
C THR B 384 -4.02 16.82 24.85
N VAL B 385 -4.83 16.26 23.98
CA VAL B 385 -5.04 16.87 22.68
C VAL B 385 -6.40 16.40 22.13
N PRO B 386 -7.18 17.31 21.53
CA PRO B 386 -8.50 16.95 21.00
C PRO B 386 -8.47 15.91 19.85
N PHE B 387 -9.34 14.90 19.96
CA PHE B 387 -9.47 13.86 18.95
C PHE B 387 -10.79 13.98 18.19
N ALA B 388 -10.77 13.58 16.93
CA ALA B 388 -11.96 13.55 16.11
C ALA B 388 -12.11 12.14 15.55
N TRP B 389 -13.32 11.77 15.10
CA TRP B 389 -13.51 10.49 14.41
C TRP B 389 -12.89 10.54 13.01
N ASN B 390 -12.53 9.37 12.49
CA ASN B 390 -12.01 9.27 11.13
C ASN B 390 -13.16 9.02 10.16
N PHE B 391 -12.90 8.99 8.86
CA PHE B 391 -13.97 8.74 7.88
C PHE B 391 -14.75 7.41 8.04
N ASP B 392 -14.06 6.34 8.46
CA ASP B 392 -14.74 5.08 8.78
C ASP B 392 -15.62 5.22 10.01
N ASP B 393 -15.30 6.17 10.87
CA ASP B 393 -15.91 6.22 12.18
C ASP B 393 -15.52 4.98 12.95
N THR B 394 -14.26 4.57 12.78
CA THR B 394 -13.80 3.31 13.37
C THR B 394 -12.61 3.53 14.29
N GLU B 395 -11.96 4.67 14.13
CA GLU B 395 -10.75 4.99 14.88
C GLU B 395 -10.78 6.48 15.15
N LYS B 396 -10.33 6.89 16.33
CA LYS B 396 -10.14 8.32 16.54
C LYS B 396 -8.73 8.74 16.06
N GLU B 397 -8.62 9.98 15.60
CA GLU B 397 -7.33 10.58 15.25
C GLU B 397 -7.21 11.96 15.87
N PRO B 398 -5.98 12.40 16.12
CA PRO B 398 -5.70 13.68 16.75
C PRO B 398 -5.85 14.83 15.74
N THR B 399 -6.24 16.02 16.20
CA THR B 399 -6.53 17.15 15.32
C THR B 399 -5.36 18.12 15.32
N VAL B 400 -4.49 17.95 16.32
CA VAL B 400 -3.25 18.71 16.50
C VAL B 400 -2.33 17.79 17.34
N LEU B 401 -1.02 17.82 17.16
CA LEU B 401 -0.16 17.03 18.06
C LEU B 401 0.32 17.81 19.29
N PRO B 402 0.75 17.11 20.34
CA PRO B 402 1.26 17.75 21.57
C PRO B 402 2.47 18.68 21.38
N ALA B 403 3.25 18.49 20.32
CA ALA B 403 4.32 19.43 19.94
C ALA B 403 5.26 19.86 21.08
N ALA B 404 6.23 19.03 21.43
CA ALA B 404 7.16 19.39 22.48
C ALA B 404 8.34 20.29 22.01
N PHE B 405 8.38 20.62 20.72
CA PHE B 405 9.23 21.71 20.22
C PHE B 405 8.42 22.45 19.16
N PRO B 406 8.73 23.74 18.88
CA PRO B 406 7.91 24.59 18.01
C PRO B 406 8.19 24.33 16.54
N ASN B 407 7.50 23.31 16.03
CA ASN B 407 7.87 22.71 14.77
C ASN B 407 7.62 23.66 13.59
N LEU B 408 6.60 24.51 13.69
CA LEU B 408 6.29 25.45 12.60
C LEU B 408 7.53 26.23 12.17
N LEU B 409 8.21 26.85 13.14
CA LEU B 409 9.37 27.67 12.79
C LEU B 409 10.59 26.84 12.47
N VAL B 410 10.83 25.78 13.23
CA VAL B 410 12.02 24.96 13.00
C VAL B 410 12.04 24.32 11.61
N ASN B 411 10.94 23.65 11.25
CA ASN B 411 10.93 22.96 9.97
C ASN B 411 10.32 23.75 8.80
N GLY B 412 9.45 24.70 9.09
CA GLY B 412 8.95 25.56 8.04
C GLY B 412 7.71 24.97 7.40
N SER B 413 7.27 25.57 6.29
CA SER B 413 6.12 25.07 5.58
C SER B 413 5.94 25.80 4.26
N THR B 414 5.18 25.22 3.34
CA THR B 414 4.92 25.82 2.03
C THR B 414 4.07 24.77 1.31
N GLY B 415 2.92 25.11 0.69
CA GLY B 415 2.20 26.36 0.83
C GLY B 415 1.45 26.92 -0.39
N ILE B 416 0.46 26.21 -0.92
CA ILE B 416 -0.50 26.81 -1.90
C ILE B 416 -1.97 26.33 -1.78
N SER B 417 -2.89 27.24 -1.51
CA SER B 417 -4.28 26.87 -1.30
C SER B 417 -5.22 27.56 -2.30
N ALA B 418 -6.38 27.99 -1.82
CA ALA B 418 -7.24 28.90 -2.58
C ALA B 418 -7.35 30.26 -1.85
N GLY B 419 -6.97 31.34 -2.52
CA GLY B 419 -7.02 32.66 -1.93
C GLY B 419 -5.89 32.90 -0.94
N TYR B 420 -5.19 31.84 -0.56
CA TYR B 420 -4.02 31.94 0.31
C TYR B 420 -2.92 30.98 -0.13
N ALA B 421 -1.68 31.39 0.10
CA ALA B 421 -0.56 30.46 -0.02
C ALA B 421 0.38 30.68 1.16
N THR B 422 1.40 29.85 1.32
CA THR B 422 2.26 29.99 2.50
C THR B 422 3.70 29.66 2.19
N ASP B 423 4.59 30.48 2.73
CA ASP B 423 6.02 30.18 2.75
C ASP B 423 6.68 30.63 4.06
N ILE B 424 7.13 29.64 4.82
CA ILE B 424 7.79 29.85 6.08
C ILE B 424 9.09 29.07 6.05
N PRO B 425 10.20 29.78 6.18
CA PRO B 425 11.53 29.16 6.09
C PRO B 425 11.86 28.45 7.41
N PRO B 426 12.75 27.46 7.37
CA PRO B 426 13.17 26.70 8.56
C PRO B 426 14.04 27.54 9.50
N HIS B 427 14.10 27.13 10.76
CA HIS B 427 14.85 27.84 11.77
C HIS B 427 15.73 26.93 12.67
N ASN B 428 16.74 27.52 13.29
CA ASN B 428 17.57 26.76 14.21
C ASN B 428 16.83 26.40 15.51
N LEU B 429 16.60 25.10 15.74
CA LEU B 429 15.94 24.66 16.98
C LEU B 429 16.34 25.41 18.27
N ALA B 430 17.63 25.66 18.51
CA ALA B 430 18.04 26.29 19.78
C ALA B 430 17.61 27.73 19.83
N GLU B 431 17.79 28.44 18.71
CA GLU B 431 17.27 29.80 18.62
C GLU B 431 15.75 29.88 18.84
N VAL B 432 14.94 29.16 18.04
CA VAL B 432 13.49 29.17 18.28
C VAL B 432 13.11 28.92 19.75
N ILE B 433 13.71 27.92 20.37
CA ILE B 433 13.44 27.62 21.78
C ILE B 433 13.90 28.75 22.69
N ASP B 434 15.04 29.37 22.39
CA ASP B 434 15.45 30.51 23.21
C ASP B 434 14.41 31.63 23.16
N ALA B 435 13.94 31.96 21.96
CA ALA B 435 12.89 32.97 21.83
C ALA B 435 11.68 32.60 22.69
N ALA B 436 11.22 31.36 22.56
CA ALA B 436 10.02 30.93 23.28
C ALA B 436 10.21 31.09 24.77
N VAL B 437 11.35 30.63 25.27
CA VAL B 437 11.58 30.71 26.69
C VAL B 437 11.58 32.17 27.15
N TYR B 438 12.07 33.07 26.29
CA TYR B 438 12.02 34.48 26.64
C TYR B 438 10.58 34.94 26.71
N MET B 439 9.83 34.67 25.64
CA MET B 439 8.46 35.15 25.57
C MET B 439 7.61 34.59 26.70
N ILE B 440 8.08 33.51 27.31
CA ILE B 440 7.31 32.89 28.37
C ILE B 440 7.40 33.72 29.64
N ASP B 441 8.60 34.21 29.96
CA ASP B 441 8.83 35.12 31.07
C ASP B 441 8.32 36.55 30.77
N HIS B 442 8.27 36.89 29.49
CA HIS B 442 8.00 38.24 29.05
C HIS B 442 6.98 38.27 27.93
N PRO B 443 5.71 38.00 28.25
CA PRO B 443 4.57 37.94 27.33
C PRO B 443 4.49 39.10 26.34
N THR B 444 4.87 40.29 26.77
CA THR B 444 4.68 41.48 25.95
C THR B 444 5.88 41.86 25.09
N ALA B 445 6.78 40.90 24.87
CA ALA B 445 8.06 41.21 24.24
C ALA B 445 7.84 41.67 22.82
N LYS B 446 8.65 42.65 22.41
CA LYS B 446 8.62 43.21 21.07
C LYS B 446 9.62 42.47 20.18
N ILE B 447 9.51 42.64 18.87
CA ILE B 447 10.36 41.89 17.91
C ILE B 447 11.85 42.15 18.03
N ASP B 448 12.22 43.42 18.15
CA ASP B 448 13.61 43.81 18.32
C ASP B 448 14.32 42.94 19.36
N LYS B 449 13.64 42.68 20.48
CA LYS B 449 14.24 41.86 21.53
C LYS B 449 14.27 40.36 21.22
N LEU B 450 13.16 39.79 20.73
CA LEU B 450 13.18 38.37 20.35
C LEU B 450 14.25 38.13 19.31
N MET B 451 14.59 39.16 18.52
CA MET B 451 15.58 38.93 17.49
C MET B 451 17.00 38.82 18.02
N GLU B 452 17.23 39.14 19.29
CA GLU B 452 18.51 38.80 19.92
C GLU B 452 18.60 37.28 20.16
N PHE B 453 17.46 36.61 20.27
CA PHE B 453 17.45 35.16 20.44
C PHE B 453 17.24 34.44 19.12
N LEU B 454 16.35 35.00 18.30
CA LEU B 454 15.97 34.42 17.00
C LEU B 454 16.28 35.42 15.91
N PRO B 455 17.52 35.39 15.41
CA PRO B 455 18.09 36.41 14.51
C PRO B 455 17.72 36.25 13.05
N GLY B 456 17.19 35.08 12.68
CA GLY B 456 16.87 34.79 11.31
C GLY B 456 16.82 33.31 10.99
N PRO B 457 16.32 33.02 9.79
CA PRO B 457 16.21 31.69 9.20
C PRO B 457 17.55 30.93 9.21
N ASP B 458 17.47 29.61 9.32
CA ASP B 458 18.62 28.71 9.26
C ASP B 458 18.27 27.60 8.27
N PHE B 459 18.65 27.74 7.01
CA PHE B 459 18.30 26.73 6.01
C PHE B 459 19.19 25.50 6.15
N PRO B 460 18.60 24.31 6.01
CA PRO B 460 19.37 23.09 6.18
C PRO B 460 20.47 22.97 5.15
N THR B 461 20.39 23.80 4.12
CA THR B 461 21.31 23.75 3.01
C THR B 461 22.37 24.82 3.16
N GLY B 462 22.23 25.65 4.19
CA GLY B 462 23.28 26.57 4.61
C GLY B 462 23.23 27.90 3.91
N ALA B 463 24.36 28.30 3.33
CA ALA B 463 24.50 29.56 2.57
C ALA B 463 24.51 30.83 3.41
N ILE B 464 24.39 31.94 2.73
CA ILE B 464 24.42 33.24 3.39
C ILE B 464 23.06 33.91 3.20
N ILE B 465 22.54 34.50 4.27
CA ILE B 465 21.27 35.22 4.20
C ILE B 465 21.47 36.71 4.47
N GLN B 466 21.04 37.55 3.52
CA GLN B 466 21.24 38.99 3.60
C GLN B 466 19.91 39.76 3.73
N GLY B 467 19.80 40.60 4.75
CA GLY B 467 18.68 41.52 4.87
C GLY B 467 18.11 41.64 6.27
N ARG B 468 18.93 42.04 7.25
CA ARG B 468 18.42 42.20 8.62
C ARG B 468 17.10 42.98 8.63
N ASP B 469 17.01 44.04 7.82
CA ASP B 469 15.78 44.87 7.79
C ASP B 469 14.56 44.08 7.31
N GLU B 470 14.66 43.50 6.11
CA GLU B 470 13.56 42.69 5.61
C GLU B 470 13.17 41.46 6.48
N ILE B 471 14.14 40.90 7.19
CA ILE B 471 13.81 39.85 8.18
C ILE B 471 12.91 40.43 9.28
N LYS B 472 13.22 41.62 9.80
CA LYS B 472 12.35 42.21 10.81
C LYS B 472 10.98 42.41 10.17
N LYS B 473 10.92 43.03 8.99
CA LYS B 473 9.63 43.27 8.38
C LYS B 473 8.83 41.95 8.41
N ALA B 474 9.42 40.89 7.85
CA ALA B 474 8.74 39.59 7.84
C ALA B 474 8.41 39.09 9.25
N TYR B 475 9.36 39.14 10.15
CA TYR B 475 9.08 38.70 11.53
C TYR B 475 7.96 39.51 12.17
N GLU B 476 7.65 40.67 11.58
CA GLU B 476 6.67 41.57 12.16
C GLU B 476 5.32 41.49 11.45
N THR B 477 5.34 41.25 10.13
CA THR B 477 4.10 41.24 9.33
C THR B 477 3.78 39.92 8.64
N GLY B 478 4.70 38.97 8.67
CA GLY B 478 4.52 37.72 7.94
C GLY B 478 5.01 37.78 6.50
N LYS B 479 5.20 38.99 5.96
CA LYS B 479 5.78 39.14 4.62
C LYS B 479 7.08 39.92 4.66
N GLY B 480 8.01 39.54 3.78
CA GLY B 480 9.32 40.15 3.69
C GLY B 480 10.14 39.46 2.62
N ARG B 481 11.09 40.17 2.04
CA ARG B 481 11.94 39.58 1.01
C ARG B 481 13.40 39.65 1.44
N VAL B 482 14.05 38.50 1.48
CA VAL B 482 15.44 38.46 1.91
C VAL B 482 16.28 37.91 0.75
N VAL B 483 17.60 38.01 0.84
CA VAL B 483 18.45 37.46 -0.22
C VAL B 483 19.25 36.24 0.22
N VAL B 484 19.19 35.15 -0.54
CA VAL B 484 20.07 34.02 -0.24
C VAL B 484 21.14 33.78 -1.29
N ARG B 485 22.38 33.64 -0.83
CA ARG B 485 23.54 33.62 -1.72
C ARG B 485 24.48 32.48 -1.36
N SER B 486 24.99 31.83 -2.39
CA SER B 486 25.86 30.66 -2.24
C SER B 486 27.19 30.92 -1.54
N LYS B 487 27.58 29.98 -0.68
CA LYS B 487 28.87 30.00 0.01
C LYS B 487 29.94 29.58 -0.96
N THR B 488 30.88 30.48 -1.24
CA THR B 488 31.93 30.22 -2.24
C THR B 488 33.36 30.32 -1.66
N GLU B 489 34.36 30.05 -2.49
CA GLU B 489 35.76 30.06 -2.09
C GLU B 489 36.58 30.06 -3.37
N ILE B 490 37.76 30.66 -3.35
CA ILE B 490 38.61 30.62 -4.54
C ILE B 490 39.83 29.75 -4.34
N GLU B 491 40.03 28.81 -5.24
CA GLU B 491 41.22 27.97 -5.22
C GLU B 491 42.11 28.35 -6.37
N LYS B 492 43.41 28.44 -6.11
CA LYS B 492 44.36 28.73 -7.17
C LYS B 492 44.85 27.42 -7.76
N LEU B 493 45.12 27.41 -9.06
CA LEU B 493 45.61 26.22 -9.75
C LEU B 493 46.92 26.52 -10.49
N LYS B 494 47.66 25.46 -10.83
CA LYS B 494 48.89 25.61 -11.60
C LYS B 494 48.54 26.22 -12.94
N GLY B 495 49.50 26.91 -13.55
CA GLY B 495 49.26 27.58 -14.81
C GLY B 495 48.75 28.99 -14.63
N GLY B 496 48.74 29.46 -13.38
CA GLY B 496 48.27 30.81 -13.05
C GLY B 496 46.80 31.05 -13.34
N LYS B 497 45.98 30.03 -13.15
CA LYS B 497 44.55 30.10 -13.43
C LYS B 497 43.75 29.79 -12.16
N GLU B 498 42.74 30.62 -11.86
CA GLU B 498 41.93 30.49 -10.64
C GLU B 498 40.73 29.55 -10.80
N GLN B 499 40.00 29.32 -9.72
CA GLN B 499 38.87 28.39 -9.76
C GLN B 499 37.84 28.69 -8.69
N ILE B 500 36.64 29.06 -9.10
CA ILE B 500 35.58 29.31 -8.13
C ILE B 500 34.99 27.99 -7.62
N VAL B 501 34.83 27.88 -6.31
CA VAL B 501 34.32 26.62 -5.77
C VAL B 501 33.11 26.89 -4.91
N ILE B 502 32.00 26.25 -5.23
CA ILE B 502 30.78 26.50 -4.49
C ILE B 502 30.49 25.36 -3.53
N THR B 503 30.28 25.66 -2.26
CA THR B 503 30.07 24.57 -1.30
C THR B 503 28.73 24.55 -0.59
N GLU B 504 27.96 25.62 -0.72
CA GLU B 504 26.60 25.64 -0.20
C GLU B 504 25.73 26.42 -1.18
N ILE B 505 24.52 25.94 -1.42
CA ILE B 505 23.60 26.65 -2.30
C ILE B 505 22.25 26.97 -1.64
N PRO B 506 21.44 27.75 -2.32
CA PRO B 506 20.28 28.32 -1.62
C PRO B 506 19.11 27.39 -1.50
N TYR B 507 18.48 27.38 -0.33
CA TYR B 507 17.27 26.59 -0.08
C TYR B 507 16.37 26.44 -1.30
N GLU B 508 15.91 25.20 -1.51
CA GLU B 508 14.91 24.89 -2.54
C GLU B 508 15.43 24.99 -3.97
N ILE B 509 16.73 25.06 -4.12
CA ILE B 509 17.30 25.12 -5.46
C ILE B 509 17.84 23.77 -5.87
N ASN B 510 17.54 23.36 -7.10
CA ASN B 510 17.97 22.07 -7.63
C ASN B 510 19.42 22.08 -8.14
N LYS B 511 20.32 21.37 -7.48
CA LYS B 511 21.75 21.46 -7.80
C LYS B 511 22.01 21.19 -9.29
N ALA B 512 21.27 20.23 -9.84
CA ALA B 512 21.55 19.75 -11.18
C ALA B 512 21.28 20.83 -12.19
N ASN B 513 20.13 21.50 -12.05
CA ASN B 513 19.74 22.57 -12.98
C ASN B 513 20.67 23.75 -12.85
N LEU B 514 20.89 24.18 -11.61
CA LEU B 514 21.84 25.23 -11.30
C LEU B 514 23.10 25.03 -12.11
N VAL B 515 23.74 23.87 -11.94
CA VAL B 515 24.91 23.54 -12.75
C VAL B 515 24.64 23.66 -14.26
N LYS B 516 23.52 23.11 -14.76
CA LYS B 516 23.25 23.26 -16.20
C LYS B 516 23.17 24.73 -16.57
N LYS B 517 22.43 25.51 -15.78
CA LYS B 517 22.24 26.92 -16.06
C LYS B 517 23.53 27.73 -16.01
N ILE B 518 24.50 27.32 -15.19
CA ILE B 518 25.80 27.99 -15.14
C ILE B 518 26.60 27.64 -16.37
N ASP B 519 26.60 26.36 -16.72
CA ASP B 519 27.33 25.94 -17.92
C ASP B 519 26.71 26.62 -19.15
N ASP B 520 25.41 26.83 -19.12
CA ASP B 520 24.77 27.61 -20.17
C ASP B 520 25.38 29.01 -20.30
N VAL B 521 25.67 29.65 -19.18
CA VAL B 521 26.31 30.95 -19.22
C VAL B 521 27.66 30.83 -19.92
N ARG B 522 28.40 29.76 -19.64
CA ARG B 522 29.69 29.56 -20.30
C ARG B 522 29.50 29.30 -21.78
N VAL B 523 28.58 28.41 -22.12
CA VAL B 523 28.39 28.03 -23.50
C VAL B 523 27.95 29.22 -24.36
N ASN B 524 27.10 30.07 -23.78
CA ASN B 524 26.59 31.25 -24.46
C ASN B 524 27.54 32.39 -24.28
N ASN B 525 28.59 32.16 -23.51
CA ASN B 525 29.63 33.17 -23.36
C ASN B 525 29.03 34.48 -22.90
N LYS B 526 28.12 34.40 -21.94
CA LYS B 526 27.40 35.57 -21.47
C LYS B 526 28.37 36.52 -20.74
N VAL B 527 29.28 35.94 -19.96
CA VAL B 527 30.37 36.68 -19.31
C VAL B 527 31.72 36.00 -19.59
N ALA B 528 32.75 36.82 -19.83
CA ALA B 528 34.04 36.28 -20.25
C ALA B 528 34.79 35.49 -19.17
N GLY B 529 35.44 34.38 -19.56
CA GLY B 529 36.41 33.75 -18.68
C GLY B 529 36.12 32.34 -18.18
N ILE B 530 35.00 31.76 -18.58
CA ILE B 530 34.66 30.43 -18.08
C ILE B 530 35.22 29.25 -18.90
N ALA B 531 36.18 28.55 -18.30
CA ALA B 531 36.80 27.37 -18.86
C ALA B 531 35.91 26.12 -18.79
N GLU B 532 35.35 25.84 -17.62
CA GLU B 532 34.64 24.59 -17.44
C GLU B 532 33.80 24.58 -16.15
N VAL B 533 32.57 24.10 -16.24
CA VAL B 533 31.79 23.84 -15.03
C VAL B 533 31.77 22.34 -14.71
N ARG B 534 31.98 21.97 -13.46
CA ARG B 534 32.01 20.57 -13.07
C ARG B 534 31.35 20.33 -11.71
N ASP B 535 30.31 19.50 -11.68
CA ASP B 535 29.75 19.07 -10.40
C ASP B 535 30.71 18.02 -9.85
N GLU B 536 31.18 18.23 -8.63
CA GLU B 536 32.17 17.34 -8.05
C GLU B 536 31.69 16.86 -6.72
N SER B 537 30.38 16.94 -6.52
CA SER B 537 29.78 16.56 -5.25
C SER B 537 29.84 15.04 -5.11
N ASP B 538 30.15 14.57 -3.92
CA ASP B 538 30.12 13.15 -3.66
C ASP B 538 29.40 12.85 -2.34
N ARG B 539 29.06 11.58 -2.13
CA ARG B 539 28.21 11.17 -1.01
C ARG B 539 28.44 11.99 0.28
N ASP B 540 29.66 12.47 0.51
CA ASP B 540 29.89 13.29 1.69
C ASP B 540 30.40 14.71 1.43
N GLY B 541 29.58 15.53 0.78
CA GLY B 541 29.94 16.92 0.52
C GLY B 541 29.52 17.47 -0.84
N LEU B 542 29.08 18.73 -0.84
CA LEU B 542 28.72 19.40 -2.08
C LEU B 542 29.91 20.19 -2.60
N ARG B 543 30.05 20.24 -3.93
CA ARG B 543 31.16 20.94 -4.56
C ARG B 543 30.97 21.13 -6.07
N ILE B 544 30.69 22.36 -6.47
CA ILE B 544 30.64 22.76 -7.86
C ILE B 544 31.88 23.62 -8.12
N ALA B 545 32.79 23.10 -8.95
CA ALA B 545 34.01 23.80 -9.34
C ALA B 545 33.74 24.56 -10.61
N ILE B 546 33.98 25.87 -10.60
CA ILE B 546 33.89 26.67 -11.83
C ILE B 546 35.29 27.14 -12.19
N GLU B 547 35.86 26.52 -13.21
CA GLU B 547 37.26 26.75 -13.58
C GLU B 547 37.37 27.90 -14.56
N LEU B 548 38.09 28.94 -14.16
CA LEU B 548 38.21 30.13 -14.97
C LEU B 548 39.36 30.04 -15.98
N LYS B 549 39.45 31.01 -16.88
CA LYS B 549 40.48 30.95 -17.91
C LYS B 549 41.77 31.65 -17.47
N LYS B 550 42.72 31.79 -18.40
CA LYS B 550 44.04 32.35 -18.13
C LYS B 550 44.02 33.64 -17.33
N ASP B 551 43.44 34.68 -17.90
CA ASP B 551 43.44 35.98 -17.25
C ASP B 551 42.01 36.51 -17.10
N ALA B 552 41.13 35.69 -16.56
CA ALA B 552 39.73 36.07 -16.39
C ALA B 552 39.52 36.96 -15.16
N ASN B 553 38.68 37.99 -15.31
CA ASN B 553 38.34 38.86 -14.17
C ASN B 553 37.46 38.07 -13.21
N THR B 554 38.08 37.46 -12.21
CA THR B 554 37.38 36.46 -11.42
C THR B 554 36.23 37.05 -10.59
N GLU B 555 36.32 38.31 -10.21
CA GLU B 555 35.20 38.92 -9.50
C GLU B 555 34.10 39.28 -10.48
N LEU B 556 34.47 39.57 -11.72
CA LEU B 556 33.48 39.91 -12.74
C LEU B 556 32.54 38.72 -13.01
N VAL B 557 33.11 37.52 -13.06
CA VAL B 557 32.34 36.28 -13.27
C VAL B 557 31.41 35.99 -12.10
N LEU B 558 32.01 35.82 -10.93
CA LEU B 558 31.24 35.52 -9.73
C LEU B 558 30.03 36.43 -9.62
N ASN B 559 30.25 37.71 -9.92
CA ASN B 559 29.18 38.70 -9.89
C ASN B 559 28.05 38.45 -10.87
N TYR B 560 28.41 38.26 -12.14
CA TYR B 560 27.44 37.90 -13.17
C TYR B 560 26.64 36.63 -12.78
N LEU B 561 27.32 35.65 -12.16
CA LEU B 561 26.65 34.40 -11.81
C LEU B 561 25.64 34.59 -10.71
N PHE B 562 25.97 35.42 -9.71
CA PHE B 562 24.99 35.80 -8.69
C PHE B 562 23.75 36.48 -9.30
N LYS B 563 23.99 37.42 -10.20
CA LYS B 563 22.89 38.24 -10.71
C LYS B 563 22.01 37.46 -11.68
N TYR B 564 22.62 36.62 -12.51
CA TYR B 564 21.88 36.00 -13.60
C TYR B 564 21.59 34.49 -13.50
N THR B 565 22.13 33.83 -12.48
CA THR B 565 21.67 32.49 -12.12
C THR B 565 21.24 32.38 -10.66
N ASP B 566 20.79 31.19 -10.30
CA ASP B 566 20.26 30.93 -8.97
C ASP B 566 21.36 30.68 -7.96
N LEU B 567 22.62 30.90 -8.35
CA LEU B 567 23.69 30.96 -7.35
C LEU B 567 23.33 31.93 -6.23
N GLN B 568 22.39 32.82 -6.53
CA GLN B 568 21.84 33.75 -5.54
C GLN B 568 20.42 34.09 -5.97
N ILE B 569 19.51 34.03 -4.99
CA ILE B 569 18.08 34.21 -5.24
C ILE B 569 17.42 35.10 -4.17
N ASN B 570 16.17 35.50 -4.41
CA ASN B 570 15.35 36.11 -3.36
C ASN B 570 14.41 35.09 -2.70
N TYR B 571 14.49 34.95 -1.36
CA TYR B 571 13.53 34.12 -0.64
C TYR B 571 12.43 35.03 -0.08
N ASN B 572 11.16 34.67 -0.31
CA ASN B 572 10.05 35.49 0.18
C ASN B 572 9.28 34.86 1.32
N PHE B 573 9.29 35.51 2.47
CA PHE B 573 8.43 35.10 3.56
C PHE B 573 6.96 35.37 3.18
N ASN B 574 6.14 34.32 3.25
CA ASN B 574 4.70 34.53 3.30
C ASN B 574 4.08 33.65 4.38
N MET B 575 4.17 34.08 5.63
CA MET B 575 3.86 33.18 6.74
C MET B 575 2.38 33.14 7.10
N VAL B 576 1.68 32.19 6.48
CA VAL B 576 0.28 31.96 6.78
C VAL B 576 0.05 30.57 7.38
N ALA B 577 -0.68 30.53 8.49
CA ALA B 577 -0.98 29.28 9.18
C ALA B 577 -2.44 29.28 9.58
N ILE B 578 -2.91 28.17 10.11
CA ILE B 578 -4.29 28.07 10.48
C ILE B 578 -4.38 28.26 11.97
N ASP B 579 -5.04 29.34 12.35
CA ASP B 579 -5.23 29.69 13.75
C ASP B 579 -6.72 29.70 13.97
N ASN B 580 -7.15 29.07 15.05
CA ASN B 580 -8.57 28.92 15.32
C ASN B 580 -9.41 28.63 14.08
N PHE B 581 -9.06 27.56 13.35
CA PHE B 581 -9.79 27.12 12.15
C PHE B 581 -9.75 28.00 10.89
N THR B 582 -9.16 29.19 10.95
CA THR B 582 -9.16 30.07 9.79
C THR B 582 -7.73 30.47 9.41
N PRO B 583 -7.50 30.78 8.14
CA PRO B 583 -6.20 31.27 7.65
C PRO B 583 -5.83 32.62 8.31
N ARG B 584 -4.55 32.83 8.56
CA ARG B 584 -4.04 34.02 9.27
C ARG B 584 -2.62 34.32 8.87
N GLN B 585 -2.41 35.48 8.24
CA GLN B 585 -1.06 35.96 7.97
C GLN B 585 -0.51 36.38 9.31
N VAL B 586 0.63 35.81 9.70
CA VAL B 586 1.09 35.93 11.07
C VAL B 586 2.60 36.12 11.18
N GLY B 587 3.03 36.67 12.29
CA GLY B 587 4.45 36.90 12.48
C GLY B 587 5.00 36.20 13.70
N ILE B 588 6.31 36.31 13.87
CA ILE B 588 7.00 35.68 14.98
C ILE B 588 6.22 35.66 16.31
N VAL B 589 5.38 36.67 16.55
CA VAL B 589 4.74 36.75 17.86
C VAL B 589 3.44 35.99 17.99
N PRO B 590 2.55 36.12 17.01
CA PRO B 590 1.36 35.26 16.96
C PRO B 590 1.73 33.77 16.95
N ILE B 591 2.79 33.41 16.23
CA ILE B 591 3.31 32.06 16.23
C ILE B 591 3.78 31.63 17.62
N LEU B 592 4.79 32.31 18.17
CA LEU B 592 5.35 31.88 19.44
C LEU B 592 4.34 31.81 20.57
N SER B 593 3.38 32.73 20.58
CA SER B 593 2.45 32.76 21.69
C SER B 593 1.45 31.63 21.49
N SER B 594 1.00 31.48 20.25
CA SER B 594 0.14 30.34 19.90
C SER B 594 0.73 28.99 20.34
N TYR B 595 2.05 28.82 20.14
CA TYR B 595 2.78 27.66 20.60
C TYR B 595 2.70 27.56 22.11
N ILE B 596 3.13 28.62 22.78
CA ILE B 596 3.05 28.69 24.24
C ILE B 596 1.66 28.34 24.80
N ALA B 597 0.62 28.87 24.16
CA ALA B 597 -0.75 28.71 24.64
C ALA B 597 -1.13 27.26 24.56
N HIS B 598 -0.76 26.68 23.42
CA HIS B 598 -0.91 25.27 23.12
C HIS B 598 -0.20 24.38 24.11
N ARG B 599 1.11 24.60 24.27
CA ARG B 599 1.86 23.84 25.28
C ARG B 599 1.22 23.92 26.64
N ARG B 600 0.43 24.96 26.86
CA ARG B 600 -0.15 25.19 28.17
C ARG B 600 -1.36 24.26 28.33
N GLU B 601 -2.22 24.29 27.33
CA GLU B 601 -3.33 23.38 27.29
C GLU B 601 -2.88 21.92 27.50
N VAL B 602 -1.82 21.52 26.80
CA VAL B 602 -1.28 20.17 26.88
C VAL B 602 -0.78 19.82 28.28
N ILE B 603 0.27 20.48 28.74
CA ILE B 603 0.78 20.29 30.10
C ILE B 603 -0.28 20.29 31.22
N LEU B 604 -1.31 21.11 31.09
CA LEU B 604 -2.42 21.04 32.03
C LEU B 604 -3.17 19.72 31.84
N ALA B 605 -3.70 19.48 30.64
CA ALA B 605 -4.29 18.18 30.30
C ALA B 605 -3.48 16.97 30.79
N ARG B 606 -2.18 16.99 30.51
CA ARG B 606 -1.32 15.90 30.91
C ARG B 606 -1.41 15.71 32.41
N SER B 607 -1.15 16.81 33.13
CA SER B 607 -1.16 16.79 34.59
C SER B 607 -2.48 16.31 35.23
N ARG B 608 -3.60 16.76 34.69
CA ARG B 608 -4.90 16.29 35.15
C ARG B 608 -4.94 14.76 35.00
N PHE B 609 -4.51 14.28 33.84
CA PHE B 609 -4.54 12.85 33.55
C PHE B 609 -3.72 12.05 34.56
N ASP B 610 -2.44 12.37 34.71
CA ASP B 610 -1.59 11.66 35.66
C ASP B 610 -2.08 11.77 37.12
N LYS B 611 -2.74 12.88 37.45
CA LYS B 611 -3.16 13.06 38.82
C LYS B 611 -4.31 12.12 39.13
N GLU B 612 -5.21 11.93 38.16
CA GLU B 612 -6.38 11.09 38.37
C GLU B 612 -5.93 9.65 38.50
N LYS B 613 -4.95 9.29 37.68
CA LYS B 613 -4.40 7.95 37.64
C LYS B 613 -3.72 7.69 38.98
N ALA B 614 -3.10 8.72 39.54
CA ALA B 614 -2.43 8.52 40.83
C ALA B 614 -3.39 8.48 42.02
N GLU B 615 -4.47 9.25 41.96
CA GLU B 615 -5.50 9.22 42.99
C GLU B 615 -6.14 7.84 43.05
N LYS B 616 -6.49 7.32 41.87
CA LYS B 616 -7.18 6.03 41.80
C LYS B 616 -6.29 4.97 42.46
N ARG B 617 -5.03 4.97 42.09
CA ARG B 617 -4.08 4.01 42.65
C ARG B 617 -3.92 4.20 44.15
N LEU B 618 -3.71 5.45 44.55
CA LEU B 618 -3.54 5.79 45.95
C LEU B 618 -4.71 5.21 46.73
N HIS B 619 -5.92 5.36 46.19
CA HIS B 619 -7.13 4.87 46.84
C HIS B 619 -7.01 3.37 47.07
N ILE B 620 -6.59 2.64 46.03
CA ILE B 620 -6.45 1.19 46.13
C ILE B 620 -5.41 0.86 47.21
N VAL B 621 -4.29 1.58 47.18
CA VAL B 621 -3.18 1.31 48.06
C VAL B 621 -3.57 1.55 49.52
N GLU B 622 -4.30 2.62 49.77
CA GLU B 622 -4.86 2.85 51.08
C GLU B 622 -5.68 1.62 51.50
N GLY B 623 -6.46 1.09 50.57
CA GLY B 623 -7.31 -0.07 50.83
C GLY B 623 -6.48 -1.29 51.20
N LEU B 624 -5.44 -1.56 50.41
CA LEU B 624 -4.64 -2.75 50.62
C LEU B 624 -3.91 -2.70 51.96
N ILE B 625 -3.51 -1.50 52.36
CA ILE B 625 -2.83 -1.31 53.64
C ILE B 625 -3.72 -1.73 54.82
N ARG B 626 -5.01 -1.36 54.78
CA ARG B 626 -5.96 -1.80 55.78
C ARG B 626 -6.18 -3.31 55.73
N VAL B 627 -6.32 -3.83 54.51
CA VAL B 627 -6.63 -5.24 54.31
C VAL B 627 -5.59 -6.03 55.05
N ILE B 628 -4.33 -5.69 54.83
CA ILE B 628 -3.23 -6.43 55.40
C ILE B 628 -3.38 -6.67 56.91
N SER B 629 -3.93 -5.70 57.63
CA SER B 629 -3.93 -5.81 59.08
C SER B 629 -5.10 -6.66 59.55
N ILE B 630 -6.07 -6.86 58.67
CA ILE B 630 -7.21 -7.70 58.94
C ILE B 630 -7.35 -8.83 57.90
N LEU B 631 -6.21 -9.29 57.38
CA LEU B 631 -6.19 -10.27 56.30
C LEU B 631 -7.07 -11.47 56.61
N ASP B 632 -6.94 -12.00 57.82
CA ASP B 632 -7.59 -13.25 58.16
C ASP B 632 -9.09 -13.10 58.22
N GLU B 633 -9.53 -12.04 58.88
CA GLU B 633 -10.94 -11.71 58.96
C GLU B 633 -11.50 -11.58 57.54
N VAL B 634 -10.72 -10.98 56.65
CA VAL B 634 -11.20 -10.74 55.28
C VAL B 634 -11.35 -12.03 54.49
N ILE B 635 -10.35 -12.90 54.57
CA ILE B 635 -10.46 -14.19 53.92
C ILE B 635 -11.68 -14.93 54.48
N ALA B 636 -11.80 -14.97 55.80
CA ALA B 636 -12.92 -15.67 56.42
C ALA B 636 -14.23 -15.15 55.86
N LEU B 637 -14.28 -13.83 55.68
CA LEU B 637 -15.51 -13.15 55.29
C LEU B 637 -15.81 -13.41 53.82
N ILE B 638 -14.77 -13.40 52.99
CA ILE B 638 -14.97 -13.77 51.61
C ILE B 638 -15.38 -15.24 51.47
N ARG B 639 -14.74 -16.14 52.23
CA ARG B 639 -15.13 -17.55 52.24
C ARG B 639 -16.60 -17.66 52.59
N ALA B 640 -17.09 -16.70 53.37
CA ALA B 640 -18.41 -16.80 53.92
C ALA B 640 -19.48 -16.26 52.98
N SER B 641 -19.06 -15.60 51.91
CA SER B 641 -20.01 -14.97 50.99
C SER B 641 -20.49 -15.96 49.96
N GLU B 642 -21.52 -15.63 49.19
CA GLU B 642 -22.08 -16.57 48.23
C GLU B 642 -21.36 -16.51 46.88
N ASN B 643 -20.91 -15.32 46.53
CA ASN B 643 -20.34 -15.05 45.21
C ASN B 643 -19.60 -13.73 45.20
N LYS B 644 -19.21 -13.27 44.02
CA LYS B 644 -18.46 -12.03 43.92
C LYS B 644 -19.21 -10.86 44.56
N ALA B 645 -20.41 -10.55 44.06
CA ALA B 645 -21.09 -9.34 44.50
C ALA B 645 -21.30 -9.39 46.00
N ASP B 646 -21.78 -10.54 46.46
CA ASP B 646 -22.02 -10.71 47.88
C ASP B 646 -20.76 -10.43 48.72
N ALA B 647 -19.61 -10.82 48.20
CA ALA B 647 -18.35 -10.60 48.90
C ALA B 647 -18.06 -9.10 49.01
N LYS B 648 -18.28 -8.37 47.93
CA LYS B 648 -18.08 -6.94 47.97
C LYS B 648 -19.04 -6.23 48.96
N GLU B 649 -20.33 -6.54 48.90
CA GLU B 649 -21.22 -5.89 49.87
C GLU B 649 -20.73 -6.18 51.29
N ASN B 650 -20.35 -7.42 51.57
CA ASN B 650 -19.91 -7.73 52.93
C ASN B 650 -18.65 -6.95 53.27
N LEU B 651 -17.80 -6.71 52.28
CA LEU B 651 -16.58 -5.95 52.48
C LEU B 651 -16.91 -4.50 52.82
N LYS B 652 -17.80 -3.91 52.03
CA LYS B 652 -18.28 -2.56 52.28
C LYS B 652 -18.94 -2.45 53.66
N VAL B 653 -19.97 -3.27 53.90
CA VAL B 653 -20.74 -3.20 55.14
C VAL B 653 -19.92 -3.54 56.41
N SER B 654 -19.02 -4.49 56.31
CA SER B 654 -18.36 -4.91 57.53
C SER B 654 -17.14 -4.03 57.85
N TYR B 655 -16.51 -3.48 56.83
CA TYR B 655 -15.25 -2.75 57.03
C TYR B 655 -15.18 -1.39 56.31
N ASP B 656 -16.30 -0.92 55.78
CA ASP B 656 -16.34 0.37 55.12
C ASP B 656 -15.32 0.54 54.00
N PHE B 657 -14.99 -0.51 53.27
CA PHE B 657 -14.24 -0.27 52.04
C PHE B 657 -15.20 0.33 51.03
N THR B 658 -14.66 1.03 50.03
CA THR B 658 -15.47 1.53 48.92
C THR B 658 -15.61 0.47 47.82
N GLU B 659 -16.56 0.67 46.92
CA GLU B 659 -16.70 -0.20 45.77
C GLU B 659 -15.34 -0.44 45.09
N GLU B 660 -14.64 0.63 44.74
CA GLU B 660 -13.41 0.48 43.97
C GLU B 660 -12.35 -0.32 44.74
N GLN B 661 -12.33 -0.14 46.06
CA GLN B 661 -11.42 -0.94 46.85
C GLN B 661 -11.89 -2.41 46.90
N ALA B 662 -13.17 -2.59 47.23
CA ALA B 662 -13.75 -3.92 47.29
C ALA B 662 -13.45 -4.72 46.01
N GLU B 663 -13.70 -4.14 44.84
CA GLU B 663 -13.35 -4.81 43.60
C GLU B 663 -11.88 -5.18 43.55
N ALA B 664 -11.02 -4.21 43.82
CA ALA B 664 -9.59 -4.50 43.88
C ALA B 664 -9.23 -5.69 44.78
N ILE B 665 -9.74 -5.69 46.01
CA ILE B 665 -9.40 -6.71 46.99
C ILE B 665 -9.89 -8.08 46.52
N VAL B 666 -11.14 -8.14 46.15
CA VAL B 666 -11.79 -9.37 45.79
C VAL B 666 -11.27 -10.02 44.48
N THR B 667 -10.45 -9.29 43.72
CA THR B 667 -9.93 -9.79 42.45
C THR B 667 -8.41 -9.97 42.46
N LEU B 668 -7.80 -9.86 43.65
CA LEU B 668 -6.38 -10.22 43.81
C LEU B 668 -6.26 -11.74 43.53
N GLN B 669 -5.17 -12.17 42.90
CA GLN B 669 -4.94 -13.62 42.77
C GLN B 669 -4.39 -14.19 44.09
N LEU B 670 -4.66 -15.47 44.36
CA LEU B 670 -4.25 -16.07 45.64
C LEU B 670 -2.79 -15.81 46.01
N TYR B 671 -1.88 -15.87 45.04
CA TYR B 671 -0.48 -15.79 45.38
C TYR B 671 -0.15 -14.48 46.09
N ARG B 672 -0.94 -13.44 45.83
CA ARG B 672 -0.76 -12.16 46.48
C ARG B 672 -0.73 -12.24 48.02
N LEU B 673 -1.50 -13.15 48.63
CA LEU B 673 -1.41 -13.34 50.09
C LEU B 673 -0.04 -13.83 50.60
N THR B 674 1.00 -13.71 49.78
CA THR B 674 2.35 -14.00 50.24
C THR B 674 3.16 -12.72 50.38
N ASN B 675 3.10 -11.84 49.39
CA ASN B 675 3.76 -10.53 49.47
C ASN B 675 3.02 -9.57 50.42
N THR B 676 2.69 -10.09 51.59
CA THR B 676 1.97 -9.34 52.61
C THR B 676 2.91 -8.35 53.31
N ASP B 677 3.34 -7.31 52.60
CA ASP B 677 4.39 -6.40 53.10
C ASP B 677 3.94 -4.94 53.09
N VAL B 678 3.67 -4.38 54.27
CA VAL B 678 3.08 -3.06 54.39
C VAL B 678 4.05 -1.87 54.35
N VAL B 679 5.30 -2.07 54.70
CA VAL B 679 6.24 -0.96 54.64
C VAL B 679 6.52 -0.59 53.19
N VAL B 680 6.45 -1.57 52.30
CA VAL B 680 6.73 -1.27 50.91
C VAL B 680 5.52 -0.58 50.26
N LEU B 681 4.32 -0.97 50.67
CA LEU B 681 3.13 -0.26 50.22
C LEU B 681 3.13 1.18 50.74
N GLN B 682 3.49 1.36 52.00
CA GLN B 682 3.58 2.71 52.57
C GLN B 682 4.55 3.61 51.80
N GLU B 683 5.65 3.04 51.31
CA GLU B 683 6.53 3.81 50.41
C GLU B 683 5.78 4.24 49.15
N GLU B 684 5.02 3.34 48.53
CA GLU B 684 4.25 3.71 47.35
C GLU B 684 3.22 4.81 47.70
N GLU B 685 2.53 4.63 48.81
CA GLU B 685 1.61 5.66 49.29
C GLU B 685 2.32 7.03 49.29
N ALA B 686 3.45 7.12 49.98
CA ALA B 686 4.19 8.39 50.03
C ALA B 686 4.57 8.89 48.66
N GLU B 687 5.09 8.00 47.82
CA GLU B 687 5.50 8.43 46.48
C GLU B 687 4.30 9.10 45.84
N LEU B 688 3.13 8.48 45.98
CA LEU B 688 1.91 8.94 45.31
C LEU B 688 1.40 10.29 45.83
N ARG B 689 1.36 10.44 47.16
CA ARG B 689 0.94 11.72 47.76
C ARG B 689 1.84 12.82 47.24
N GLU B 690 3.15 12.60 47.28
CA GLU B 690 4.11 13.58 46.77
C GLU B 690 3.84 13.88 45.30
N LYS B 691 3.58 12.85 44.51
CA LYS B 691 3.34 13.03 43.08
C LYS B 691 2.08 13.89 42.89
N ILE B 692 1.05 13.57 43.67
CA ILE B 692 -0.20 14.26 43.53
C ILE B 692 -0.06 15.74 43.91
N ALA B 693 0.76 16.01 44.92
CA ALA B 693 1.02 17.37 45.39
C ALA B 693 1.70 18.12 44.25
N MET B 694 2.72 17.49 43.63
CA MET B 694 3.44 18.16 42.56
C MET B 694 2.47 18.48 41.42
N LEU B 695 1.68 17.49 41.00
CA LEU B 695 0.74 17.69 39.91
C LEU B 695 -0.33 18.74 40.23
N ALA B 696 -0.88 18.71 41.45
CA ALA B 696 -1.89 19.69 41.83
C ALA B 696 -1.34 21.12 41.70
N ALA B 697 -0.10 21.30 42.16
CA ALA B 697 0.52 22.62 42.11
C ALA B 697 0.62 23.18 40.68
N ILE B 698 0.79 22.30 39.72
CA ILE B 698 0.85 22.73 38.32
C ILE B 698 -0.52 23.16 37.81
N ILE B 699 -1.55 22.45 38.23
CA ILE B 699 -2.88 22.68 37.75
C ILE B 699 -3.39 23.95 38.41
N GLY B 700 -2.85 24.25 39.59
CA GLY B 700 -3.39 25.34 40.38
C GLY B 700 -2.68 26.68 40.36
N ASP B 701 -1.63 26.80 39.54
CA ASP B 701 -0.82 27.99 39.56
C ASP B 701 -0.07 28.19 38.25
N GLU B 702 -0.47 29.22 37.49
CA GLU B 702 0.13 29.51 36.19
C GLU B 702 1.66 29.53 36.23
N ARG B 703 2.26 30.18 37.23
CA ARG B 703 3.72 30.28 37.24
C ARG B 703 4.41 28.91 37.40
N THR B 704 3.94 28.09 38.33
CA THR B 704 4.53 26.76 38.50
C THR B 704 4.52 25.98 37.18
N MET B 705 3.43 26.15 36.42
CA MET B 705 3.22 25.47 35.15
C MET B 705 4.11 26.03 34.03
N TYR B 706 4.31 27.34 34.01
CA TYR B 706 5.20 27.92 32.99
C TYR B 706 6.66 27.56 33.24
N ASN B 707 7.02 27.39 34.50
CA ASN B 707 8.33 26.82 34.78
C ASN B 707 8.52 25.39 34.26
N LEU B 708 7.51 24.54 34.46
CA LEU B 708 7.53 23.22 33.89
C LEU B 708 7.73 23.30 32.38
N MET B 709 6.98 24.21 31.73
CA MET B 709 7.15 24.47 30.30
C MET B 709 8.57 24.90 29.95
N LYS B 710 9.13 25.85 30.70
CA LYS B 710 10.46 26.31 30.35
C LYS B 710 11.45 25.17 30.56
N LYS B 711 11.33 24.45 31.68
CA LYS B 711 12.24 23.36 31.97
C LYS B 711 12.29 22.34 30.84
N GLU B 712 11.11 21.88 30.41
CA GLU B 712 11.00 20.89 29.34
C GLU B 712 11.58 21.40 28.01
N LEU B 713 11.23 22.64 27.65
CA LEU B 713 11.78 23.24 26.44
C LEU B 713 13.30 23.26 26.49
N ARG B 714 13.88 23.57 27.65
CA ARG B 714 15.32 23.51 27.77
C ARG B 714 15.88 22.10 27.59
N GLU B 715 15.33 21.12 28.31
CA GLU B 715 15.64 19.71 28.07
C GLU B 715 15.67 19.30 26.58
N VAL B 716 14.76 19.83 25.77
CA VAL B 716 14.71 19.47 24.35
C VAL B 716 15.84 20.13 23.59
N LYS B 717 16.11 21.39 23.94
CA LYS B 717 17.23 22.11 23.34
C LYS B 717 18.54 21.42 23.68
N LYS B 718 18.71 21.01 24.94
CA LYS B 718 19.98 20.36 25.29
C LYS B 718 20.14 19.13 24.42
N LYS B 719 19.06 18.38 24.25
CA LYS B 719 19.18 17.10 23.58
C LYS B 719 19.26 17.17 22.07
N PHE B 720 18.85 18.28 21.46
CA PHE B 720 18.73 18.30 19.99
C PHE B 720 19.46 19.44 19.30
N ALA B 721 19.90 20.41 20.09
CA ALA B 721 20.59 21.58 19.56
C ALA B 721 21.64 21.22 18.55
N THR B 722 21.70 22.00 17.48
CA THR B 722 22.86 21.98 16.61
C THR B 722 23.20 23.40 16.15
N PRO B 723 24.44 23.58 15.71
CA PRO B 723 25.00 24.83 15.17
C PRO B 723 24.17 25.40 14.01
N ARG B 724 24.20 26.72 13.83
CA ARG B 724 23.65 27.36 12.65
C ARG B 724 24.38 26.82 11.44
N LEU B 725 23.68 26.81 10.32
CA LEU B 725 24.28 26.45 9.06
C LEU B 725 24.38 27.67 8.17
N SER B 726 23.27 28.42 8.10
CA SER B 726 23.22 29.64 7.32
C SER B 726 23.84 30.74 8.16
N SER B 727 24.67 31.56 7.52
CA SER B 727 25.24 32.73 8.15
C SER B 727 24.38 33.97 7.83
N LEU B 728 24.48 35.03 8.65
CA LEU B 728 23.63 36.22 8.46
C LEU B 728 24.40 37.52 8.19
N GLU B 729 23.83 38.41 7.35
CA GLU B 729 24.43 39.71 7.01
C GLU B 729 23.34 40.77 6.71
N ASP B 730 23.59 42.04 7.00
CA ASP B 730 22.72 43.10 6.48
C ASP B 730 23.50 44.20 5.74
MG MG G . -10.94 -20.69 -33.30
MG MG H . 14.67 -7.73 -6.20
MG MG I . 19.82 34.97 -9.02
MG MG J . -12.33 11.39 -5.03
C1 PDQ K . 5.21 -2.60 -14.77
O2 PDQ K . 4.11 -2.91 -15.09
C3 PDQ K . 6.26 -2.11 -15.87
C4 PDQ K . 5.81 -2.00 -17.40
C6 PDQ K . 6.71 -1.57 -18.37
F7 PDQ K . 6.33 -1.42 -19.66
C8 PDQ K . 8.15 -1.17 -18.01
C10 PDQ K . 8.56 -1.24 -16.64
C12 PDQ K . 7.52 -1.76 -15.51
N13 PDQ K . 7.90 -1.86 -13.94
C15 PDQ K . 6.93 -2.33 -12.95
O16 PDQ K . 7.25 -2.36 -11.80
N17 PDQ K . 5.62 -2.68 -13.38
C18 PDQ K . 9.31 -1.70 -13.66
C20 PDQ K . 10.22 -2.80 -14.25
C23 PDQ K . 9.92 -2.80 -12.76
N26 PDQ K . 4.66 -3.17 -12.45
C29 PDQ K . 9.94 -0.70 -16.27
N33 PDQ K . 9.07 -0.74 -19.08
C34 PDQ K . 10.53 -1.07 -19.19
C37 PDQ K . 10.75 -0.95 -20.59
C39 PDQ K . 9.95 0.09 -21.09
C42 PDQ K . 8.69 0.06 -20.25
C45 PDQ K . 12.13 -0.71 -20.88
C47 PDQ K . 12.41 -1.09 -22.33
N51 PDQ K . 12.96 -1.51 -20.02
H4 PDQ K . 4.88 -2.49 -17.72
H18 PDQ K . 9.75 -0.71 -13.57
H20 PDQ K . 9.71 -3.57 -14.83
H20A PDQ K . 11.22 -2.50 -14.52
H23 PDQ K . 10.72 -2.49 -12.12
H23A PDQ K . 9.22 -3.56 -12.42
HN26 PDQ K . 3.80 -3.43 -12.88
HN2A PDQ K . 4.55 -2.57 -11.66
H29 PDQ K . 10.23 0.07 -16.98
H29A PDQ K . 10.67 -1.51 -16.30
H29B PDQ K . 9.91 -0.27 -15.27
H34 PDQ K . 10.72 -2.07 -18.86
H34A PDQ K . 11.13 -0.36 -18.64
H37 PDQ K . 10.46 -1.87 -21.08
H39 PDQ K . 10.45 1.04 -20.97
H39A PDQ K . 9.70 -0.07 -22.14
H42 PDQ K . 7.89 -0.42 -20.80
H42A PDQ K . 8.41 1.06 -19.96
H45 PDQ K . 12.36 0.34 -20.73
H47 PDQ K . 12.06 -0.29 -22.98
H47A PDQ K . 11.89 -2.01 -22.56
H47B PDQ K . 13.49 -1.22 -22.46
HN51 PDQ K . 13.03 -2.44 -20.40
HN5A PDQ K . 13.87 -1.10 -19.95
C1 PDQ L . -0.06 11.46 -11.48
O2 PDQ L . 1.06 11.69 -11.19
C3 PDQ L . -0.65 11.83 -12.93
C4 PDQ L . 0.27 12.58 -14.02
C6 PDQ L . -0.24 12.90 -15.30
F7 PDQ L . 0.58 13.48 -16.22
C8 PDQ L . -1.69 12.56 -15.71
C10 PDQ L . -2.51 11.87 -14.75
C12 PDQ L . -1.93 11.50 -13.26
N13 PDQ L . -2.78 10.73 -12.11
C15 PDQ L . -2.23 10.40 -10.79
O16 PDQ L . -2.86 9.77 -10.00
N17 PDQ L . -0.88 10.77 -10.51
C18 PDQ L . -4.19 10.60 -12.42
C20 PDQ L . -4.97 11.92 -12.53
C23 PDQ L . -5.10 11.08 -11.26
N26 PDQ L . -0.30 10.48 -9.24
C29 PDQ L . -3.89 11.40 -15.20
N33 PDQ L . -2.20 12.97 -17.05
C34 PDQ L . -3.61 13.37 -17.37
C37 PDQ L . -3.42 14.30 -18.44
C39 PDQ L . -2.43 13.75 -19.26
C42 PDQ L . -1.42 13.20 -18.28
C45 PDQ L . -4.63 14.69 -19.12
C47 PDQ L . -5.03 16.09 -18.66
N51 PDQ L . -5.69 13.82 -18.74
H4 PDQ L . 1.25 12.95 -13.74
H18 PDQ L . -4.55 9.76 -13.01
H20 PDQ L . -4.38 12.82 -12.43
H20A PDQ L . -5.83 11.90 -13.19
H23 PDQ L . -6.03 10.55 -11.16
H23A PDQ L . -4.59 11.46 -10.39
HN26 PDQ L . 0.54 10.99 -9.08
HN2A PDQ L . -0.21 9.51 -9.07
H29 PDQ L . -3.87 11.20 -16.27
H29A PDQ L . -4.63 12.16 -14.99
H29B PDQ L . -4.14 10.48 -14.68
H34 PDQ L . -4.08 13.84 -16.52
H34A PDQ L . -4.19 12.51 -17.71
H37 PDQ L . -3.00 15.21 -18.00
H39 PDQ L . -2.85 12.97 -19.88
H39A PDQ L . -1.98 14.53 -19.89
H42 PDQ L . -0.63 13.91 -18.10
H42A PDQ L . -1.01 12.27 -18.65
H45 PDQ L . -4.48 14.68 -20.19
H47 PDQ L . -5.87 16.44 -19.25
H47A PDQ L . -4.20 16.77 -18.76
H47B PDQ L . -5.33 16.05 -17.60
HN51 PDQ L . -6.13 14.17 -17.91
HN5A PDQ L . -6.37 13.79 -19.49
#